data_4PNF
#
_entry.id   4PNF
#
_cell.length_a   52.566
_cell.length_b   208.494
_cell.length_c   86.448
_cell.angle_alpha   90.000
_cell.angle_beta   92.450
_cell.angle_gamma   90.000
#
_symmetry.space_group_name_H-M   'P 1 21 1'
#
loop_
_entity.id
_entity.type
_entity.pdbx_description
1 polymer RE21095p
2 non-polymer GLUTATHIONE
3 water water
#
_entity_poly.entity_id   1
_entity_poly.type   'polypeptide(L)'
_entity_poly.pdbx_seq_one_letter_code
;HHHHHHVKLTLYGLDPSPPVRAVKLTLAALNLTYEYVNVDIVARAQLSPEYLEKNPQHTVPTLEDDGHYIWDSHAIIAYL
VSKYADSDALYPKDPLKRAVVDQRLHFESGVVFANGIRSISKSVLFQGQTKVPKERYDAIIEIYDFVETFLKGQDYIAGN
QLTIADFSLVSSVASLEAFVALDTTKYPRIGAWIKKLEQLPYYEEANGKGVRQLVAIFKKTNFTFEA
;
_entity_poly.pdbx_strand_id   A,B,C,D,E,F,G,H
#
loop_
_chem_comp.id
_chem_comp.type
_chem_comp.name
_chem_comp.formula
GSH non-polymer GLUTATHIONE 'C10 H17 N3 O6 S'
#
# COMPACT_ATOMS: atom_id res chain seq x y z
N VAL A 7 19.44 33.09 19.02
CA VAL A 7 19.73 32.99 17.56
C VAL A 7 19.17 31.66 16.96
N LYS A 8 19.03 30.59 17.76
CA LYS A 8 18.54 29.28 17.25
C LYS A 8 17.02 29.15 17.29
N LEU A 9 16.44 29.44 18.44
CA LEU A 9 15.03 29.25 18.67
C LEU A 9 14.29 30.56 18.51
N THR A 10 13.20 30.54 17.76
CA THR A 10 12.28 31.67 17.79
C THR A 10 10.85 31.16 18.01
N LEU A 11 10.17 31.84 18.92
CA LEU A 11 8.79 31.53 19.29
C LEU A 11 7.88 32.60 18.71
N TYR A 12 6.83 32.14 18.00
CA TYR A 12 5.79 33.00 17.46
C TYR A 12 4.53 32.88 18.27
N GLY A 13 4.00 34.05 18.61
CA GLY A 13 2.67 34.13 19.19
C GLY A 13 2.43 35.46 19.86
N LEU A 14 1.57 35.45 20.88
CA LEU A 14 1.20 36.68 21.62
C LEU A 14 0.77 36.25 23.04
N ASP A 15 0.93 37.14 24.02
CA ASP A 15 0.83 36.75 25.44
C ASP A 15 -0.56 36.39 25.95
N PRO A 16 -1.61 36.94 25.34
CA PRO A 16 -2.96 36.46 25.74
C PRO A 16 -3.29 35.00 25.42
N SER A 17 -2.59 34.37 24.47
CA SER A 17 -2.89 33.00 24.02
C SER A 17 -2.42 31.95 25.01
N PRO A 18 -3.35 31.07 25.43
CA PRO A 18 -2.93 30.04 26.35
C PRO A 18 -1.90 29.10 25.81
N PRO A 19 -2.09 28.55 24.60
CA PRO A 19 -1.07 27.66 24.11
C PRO A 19 0.30 28.34 23.93
N VAL A 20 0.30 29.64 23.65
CA VAL A 20 1.60 30.34 23.58
C VAL A 20 2.27 30.36 24.98
N ARG A 21 1.47 30.54 26.02
CA ARG A 21 1.99 30.56 27.38
C ARG A 21 2.45 29.20 27.91
N ALA A 22 1.87 28.10 27.42
CA ALA A 22 2.42 26.75 27.63
C ALA A 22 3.90 26.63 27.12
N VAL A 23 4.17 27.16 25.94
CA VAL A 23 5.54 27.14 25.43
C VAL A 23 6.48 28.07 26.23
N LYS A 24 6.08 29.31 26.49
CA LYS A 24 6.88 30.24 27.30
C LYS A 24 7.35 29.63 28.59
N LEU A 25 6.45 28.95 29.30
CA LEU A 25 6.80 28.27 30.54
C LEU A 25 7.87 27.20 30.37
N THR A 26 7.73 26.44 29.30
CA THR A 26 8.59 25.28 29.08
C THR A 26 9.97 25.75 28.68
N LEU A 27 10.01 26.77 27.84
CA LEU A 27 11.25 27.45 27.48
C LEU A 27 11.97 27.96 28.72
N ALA A 28 11.26 28.74 29.55
CA ALA A 28 11.82 29.25 30.79
C ALA A 28 12.33 28.10 31.67
N ALA A 29 11.53 27.05 31.78
CA ALA A 29 11.84 25.92 32.62
C ALA A 29 13.13 25.24 32.19
N LEU A 30 13.44 25.26 30.88
CA LEU A 30 14.65 24.60 30.33
C LEU A 30 15.82 25.53 30.14
N ASN A 31 15.69 26.78 30.59
CA ASN A 31 16.74 27.77 30.50
C ASN A 31 17.22 28.02 29.07
N LEU A 32 16.30 27.92 28.10
CA LEU A 32 16.63 28.07 26.69
C LEU A 32 16.43 29.50 26.26
N THR A 33 17.49 30.11 25.74
CA THR A 33 17.39 31.44 25.18
C THR A 33 16.58 31.35 23.91
N TYR A 34 15.73 32.34 23.65
CA TYR A 34 14.88 32.36 22.43
C TYR A 34 14.46 33.76 22.02
N GLU A 35 14.15 33.96 20.74
CA GLU A 35 13.59 35.23 20.33
C GLU A 35 12.09 35.07 20.28
N TYR A 36 11.37 36.14 20.64
CA TYR A 36 9.91 36.16 20.64
C TYR A 36 9.42 37.13 19.57
N VAL A 37 8.70 36.59 18.58
CA VAL A 37 8.11 37.34 17.46
C VAL A 37 6.61 37.40 17.66
N ASN A 38 6.08 38.60 17.86
CA ASN A 38 4.61 38.78 17.94
C ASN A 38 3.92 38.44 16.62
N VAL A 39 2.73 37.84 16.69
CA VAL A 39 1.84 37.64 15.53
C VAL A 39 0.47 38.15 15.98
N ASP A 40 -0.03 39.21 15.33
CA ASP A 40 -1.31 39.79 15.72
C ASP A 40 -2.45 39.04 15.05
N ILE A 41 -3.06 38.17 15.83
CA ILE A 41 -4.20 37.37 15.43
C ILE A 41 -5.41 38.28 15.10
N VAL A 42 -5.63 39.31 15.92
CA VAL A 42 -6.73 40.27 15.68
C VAL A 42 -6.60 40.90 14.29
N ALA A 43 -5.36 41.27 13.93
CA ALA A 43 -5.03 41.79 12.63
C ALA A 43 -5.05 40.72 11.54
N ARG A 44 -5.18 39.45 11.92
CA ARG A 44 -5.13 38.32 10.99
C ARG A 44 -3.75 38.15 10.31
N ALA A 45 -2.69 38.59 10.99
CA ALA A 45 -1.31 38.36 10.54
C ALA A 45 -0.94 36.86 10.30
N GLN A 46 -1.69 35.94 10.91
CA GLN A 46 -1.34 34.53 10.77
C GLN A 46 -1.78 33.99 9.44
N LEU A 47 -2.70 34.72 8.80
CA LEU A 47 -3.26 34.31 7.53
C LEU A 47 -2.36 34.66 6.33
N SER A 48 -1.25 35.37 6.57
CA SER A 48 -0.32 35.77 5.49
C SER A 48 0.43 34.58 4.90
N PRO A 49 0.78 34.64 3.61
CA PRO A 49 1.37 33.43 3.05
C PRO A 49 2.81 33.18 3.54
N GLU A 50 3.44 34.19 4.13
CA GLU A 50 4.76 33.99 4.77
C GLU A 50 4.59 33.22 6.07
N TYR A 51 3.56 33.53 6.85
CA TYR A 51 3.28 32.75 8.04
C TYR A 51 2.81 31.36 7.66
N LEU A 52 1.89 31.31 6.71
CA LEU A 52 1.39 30.05 6.17
C LEU A 52 2.49 29.10 5.84
N GLU A 53 3.54 29.62 5.20
CA GLU A 53 4.74 28.85 4.92
C GLU A 53 5.31 28.18 6.15
N LYS A 54 5.37 28.93 7.25
CA LYS A 54 5.83 28.40 8.51
C LYS A 54 4.82 27.44 9.09
N ASN A 55 3.53 27.81 8.97
CA ASN A 55 2.47 26.99 9.57
C ASN A 55 1.18 26.92 8.74
N PRO A 56 1.04 25.86 7.89
CA PRO A 56 -0.12 25.70 7.06
C PRO A 56 -1.39 25.83 7.84
N GLN A 57 -1.36 25.44 9.11
CA GLN A 57 -2.55 25.52 9.98
C GLN A 57 -2.87 26.93 10.47
N HIS A 58 -1.95 27.87 10.23
CA HIS A 58 -2.06 29.28 10.69
C HIS A 58 -2.50 29.43 12.14
N THR A 59 -1.89 28.62 13.03
CA THR A 59 -2.02 28.80 14.47
C THR A 59 -0.81 29.39 15.12
N VAL A 60 -1.02 29.95 16.31
CA VAL A 60 0.07 30.26 17.23
C VAL A 60 -0.16 29.36 18.47
N PRO A 61 0.90 28.81 19.11
CA PRO A 61 2.30 29.10 18.86
C PRO A 61 2.89 28.32 17.67
N THR A 62 3.93 28.87 17.07
CA THR A 62 4.84 28.12 16.22
C THR A 62 6.24 28.30 16.80
N LEU A 63 7.02 27.22 16.73
CA LEU A 63 8.42 27.28 17.05
C LEU A 63 9.28 27.01 15.82
N GLU A 64 10.27 27.86 15.60
CA GLU A 64 11.33 27.65 14.64
C GLU A 64 12.62 27.31 15.41
N ASP A 65 13.21 26.15 15.09
CA ASP A 65 14.50 25.73 15.60
C ASP A 65 15.47 25.53 14.42
N ASP A 66 16.40 26.45 14.17
CA ASP A 66 17.49 26.08 13.24
C ASP A 66 16.88 25.77 11.89
N GLY A 67 15.92 26.58 11.47
CA GLY A 67 15.16 26.32 10.25
C GLY A 67 14.03 25.30 10.23
N HIS A 68 13.80 24.55 11.30
CA HIS A 68 12.63 23.68 11.31
C HIS A 68 11.49 24.34 12.02
N TYR A 69 10.31 24.27 11.43
CA TYR A 69 9.11 24.80 12.08
C TYR A 69 8.26 23.71 12.73
N ILE A 70 7.95 23.87 14.02
CA ILE A 70 7.13 22.93 14.77
C ILE A 70 5.95 23.68 15.29
N TRP A 71 4.75 23.11 15.19
CA TRP A 71 3.60 23.77 15.77
C TRP A 71 2.73 22.86 16.62
N ASP A 72 1.80 23.49 17.32
CA ASP A 72 0.97 22.88 18.34
C ASP A 72 1.77 22.86 19.60
N SER A 73 1.27 23.59 20.60
CA SER A 73 1.96 23.83 21.90
C SER A 73 2.41 22.50 22.55
N HIS A 74 1.58 21.46 22.40
CA HIS A 74 1.83 20.16 23.03
C HIS A 74 2.97 19.46 22.36
N ALA A 75 2.96 19.49 21.04
CA ALA A 75 4.05 18.97 20.25
C ALA A 75 5.36 19.75 20.45
N ILE A 76 5.24 21.08 20.41
CA ILE A 76 6.42 21.95 20.72
C ILE A 76 7.07 21.63 22.06
N ILE A 77 6.27 21.57 23.15
CA ILE A 77 6.89 21.42 24.47
C ILE A 77 7.43 20.00 24.74
N ALA A 78 6.80 19.00 24.12
CA ALA A 78 7.32 17.65 24.12
C ALA A 78 8.68 17.62 23.38
N TYR A 79 8.72 18.25 22.20
CA TYR A 79 9.95 18.37 21.44
C TYR A 79 11.06 19.02 22.27
N LEU A 80 10.71 20.08 22.99
CA LEU A 80 11.74 20.87 23.65
C LEU A 80 12.40 20.06 24.75
N VAL A 81 11.58 19.42 25.57
CA VAL A 81 12.06 18.54 26.64
C VAL A 81 12.92 17.41 26.08
N SER A 82 12.39 16.69 25.12
CA SER A 82 13.04 15.49 24.61
C SER A 82 14.40 15.90 23.95
N LYS A 83 14.46 17.06 23.31
CA LYS A 83 15.71 17.50 22.72
C LYS A 83 16.65 18.21 23.69
N TYR A 84 16.12 19.09 24.54
CA TYR A 84 16.99 19.93 25.34
C TYR A 84 17.03 19.73 26.85
N ALA A 85 16.15 18.94 27.46
CA ALA A 85 16.29 18.71 28.89
C ALA A 85 17.52 17.84 29.22
N ASP A 86 18.07 18.09 30.39
CA ASP A 86 19.12 17.29 31.03
C ASP A 86 18.62 15.93 31.47
N SER A 87 17.34 15.87 31.83
CA SER A 87 16.68 14.63 32.17
C SER A 87 15.26 14.65 31.60
N ASP A 88 14.51 13.60 31.88
CA ASP A 88 13.14 13.50 31.42
C ASP A 88 12.13 13.93 32.45
N ALA A 89 12.54 14.73 33.43
CA ALA A 89 11.68 15.06 34.59
C ALA A 89 10.39 15.73 34.19
N LEU A 90 10.48 16.56 33.17
CA LEU A 90 9.33 17.29 32.69
C LEU A 90 8.45 16.49 31.72
N TYR A 91 8.95 15.37 31.24
CA TYR A 91 8.25 14.54 30.24
C TYR A 91 8.82 13.13 30.34
N PRO A 92 8.44 12.37 31.40
CA PRO A 92 9.19 11.13 31.71
C PRO A 92 9.01 10.10 30.62
N LYS A 93 10.05 9.37 30.31
CA LYS A 93 9.97 8.35 29.26
C LYS A 93 9.41 6.99 29.72
N ASP A 94 9.22 6.80 31.03
CA ASP A 94 8.55 5.61 31.55
C ASP A 94 7.15 5.51 31.00
N PRO A 95 6.86 4.43 30.26
CA PRO A 95 5.58 4.32 29.58
C PRO A 95 4.33 4.69 30.38
N LEU A 96 4.20 4.22 31.62
CA LEU A 96 2.99 4.53 32.42
C LEU A 96 2.89 5.99 32.82
N LYS A 97 4.00 6.52 33.27
CA LYS A 97 4.09 7.89 33.63
C LYS A 97 3.82 8.73 32.38
N ARG A 98 4.43 8.35 31.26
CA ARG A 98 4.24 9.05 29.98
C ARG A 98 2.78 9.02 29.54
N ALA A 99 2.11 7.90 29.79
CA ALA A 99 0.71 7.75 29.37
C ALA A 99 -0.19 8.69 30.15
N VAL A 100 0.10 8.93 31.42
CA VAL A 100 -0.66 9.93 32.14
C VAL A 100 -0.41 11.33 31.58
N VAL A 101 0.84 11.70 31.39
CA VAL A 101 1.16 12.99 30.82
C VAL A 101 0.49 13.17 29.45
N ASP A 102 0.65 12.18 28.55
CA ASP A 102 0.06 12.26 27.23
C ASP A 102 -1.46 12.44 27.29
N GLN A 103 -2.12 11.73 28.20
CA GLN A 103 -3.58 11.85 28.35
C GLN A 103 -4.03 13.26 28.72
N ARG A 104 -3.38 13.83 29.74
CA ARG A 104 -3.61 15.20 30.22
C ARG A 104 -3.32 16.25 29.12
N LEU A 105 -2.24 16.07 28.38
CA LEU A 105 -2.01 16.91 27.17
C LEU A 105 -3.16 16.86 26.13
N HIS A 106 -3.60 15.65 25.83
CA HIS A 106 -4.63 15.48 24.80
C HIS A 106 -5.98 15.97 25.25
N PHE A 107 -6.26 15.77 26.54
CA PHE A 107 -7.41 16.36 27.20
C PHE A 107 -7.40 17.89 27.12
N GLU A 108 -6.24 18.49 27.30
CA GLU A 108 -6.15 19.95 27.18
C GLU A 108 -6.54 20.40 25.77
N SER A 109 -5.99 19.73 24.77
CA SER A 109 -6.20 20.07 23.36
C SER A 109 -7.67 20.04 22.93
N GLY A 110 -8.34 19.00 23.38
CA GLY A 110 -9.70 18.74 23.00
C GLY A 110 -10.71 19.38 23.91
N VAL A 111 -10.82 18.83 25.11
CA VAL A 111 -11.92 19.13 26.05
C VAL A 111 -11.73 20.53 26.66
N VAL A 112 -10.49 20.86 26.97
CA VAL A 112 -10.23 22.19 27.54
C VAL A 112 -10.11 23.24 26.45
N PHE A 113 -9.09 23.16 25.58
CA PHE A 113 -8.87 24.25 24.63
C PHE A 113 -9.91 24.38 23.51
N ALA A 114 -10.06 23.37 22.63
CA ALA A 114 -10.98 23.52 21.49
C ALA A 114 -12.43 23.74 21.98
N ASN A 115 -12.87 22.94 22.95
CA ASN A 115 -14.25 22.93 23.39
C ASN A 115 -14.60 23.99 24.42
N GLY A 116 -13.66 24.31 25.31
CA GLY A 116 -13.93 25.33 26.33
C GLY A 116 -13.55 26.77 25.99
N ILE A 117 -12.41 26.98 25.35
CA ILE A 117 -11.86 28.33 25.17
C ILE A 117 -12.11 28.83 23.75
N ARG A 118 -11.58 28.11 22.77
CA ARG A 118 -11.68 28.56 21.40
C ARG A 118 -13.13 28.60 20.95
N SER A 119 -13.93 27.63 21.41
CA SER A 119 -15.38 27.68 21.20
C SER A 119 -15.89 29.09 21.50
N ILE A 120 -15.69 29.57 22.74
CA ILE A 120 -16.15 30.89 23.16
C ILE A 120 -15.44 32.02 22.42
N SER A 121 -14.13 31.89 22.26
CA SER A 121 -13.30 32.93 21.67
C SER A 121 -13.70 33.28 20.25
N LYS A 122 -14.16 32.30 19.51
CA LYS A 122 -14.57 32.61 18.15
C LYS A 122 -15.88 33.42 18.09
N SER A 123 -16.86 33.08 18.93
CA SER A 123 -18.14 33.79 18.96
C SER A 123 -17.93 35.25 19.31
N VAL A 124 -17.28 35.47 20.46
CA VAL A 124 -17.16 36.80 21.01
C VAL A 124 -16.10 37.58 20.23
N LEU A 125 -14.85 37.14 20.31
CA LEU A 125 -13.73 37.92 19.74
C LEU A 125 -13.70 37.99 18.21
N PHE A 126 -14.31 37.05 17.51
CA PHE A 126 -14.21 37.05 16.05
C PHE A 126 -15.52 37.19 15.27
N GLN A 127 -16.65 37.14 15.97
CA GLN A 127 -17.94 37.28 15.32
C GLN A 127 -18.79 38.21 16.14
N GLY A 128 -18.14 39.08 16.89
CA GLY A 128 -18.83 40.03 17.75
C GLY A 128 -19.88 39.51 18.71
N GLN A 129 -20.30 38.25 18.55
CA GLN A 129 -21.43 37.74 19.32
C GLN A 129 -21.27 38.04 20.79
N THR A 130 -22.40 38.31 21.40
CA THR A 130 -22.44 39.09 22.61
C THR A 130 -23.02 38.31 23.78
N LYS A 131 -23.98 37.42 23.48
CA LYS A 131 -24.49 36.41 24.41
C LYS A 131 -23.99 35.04 23.92
N VAL A 132 -23.76 34.13 24.85
CA VAL A 132 -23.24 32.81 24.47
C VAL A 132 -24.11 31.68 25.05
N PRO A 133 -24.30 30.61 24.27
CA PRO A 133 -25.09 29.45 24.73
C PRO A 133 -24.62 28.82 26.06
N LYS A 134 -25.57 28.35 26.85
CA LYS A 134 -25.25 27.86 28.18
C LYS A 134 -24.36 26.58 28.22
N GLU A 135 -24.34 25.80 27.15
CA GLU A 135 -23.46 24.62 27.07
C GLU A 135 -21.99 25.06 27.03
N ARG A 136 -21.74 26.28 26.60
CA ARG A 136 -20.41 26.89 26.69
C ARG A 136 -19.99 27.10 28.17
N TYR A 137 -20.97 27.57 28.94
CA TYR A 137 -20.86 27.65 30.39
C TYR A 137 -20.66 26.27 31.00
N ASP A 138 -21.53 25.33 30.63
CA ASP A 138 -21.48 24.02 31.26
C ASP A 138 -20.17 23.35 30.86
N ALA A 139 -19.67 23.62 29.65
CA ALA A 139 -18.41 23.00 29.26
C ALA A 139 -17.31 23.31 30.30
N ILE A 140 -17.23 24.57 30.70
CA ILE A 140 -16.22 25.00 31.66
C ILE A 140 -16.35 24.34 33.03
N ILE A 141 -17.58 24.30 33.52
CA ILE A 141 -17.85 23.64 34.78
C ILE A 141 -17.36 22.20 34.75
N GLU A 142 -17.61 21.53 33.63
CA GLU A 142 -17.18 20.14 33.54
C GLU A 142 -15.68 20.08 33.49
N ILE A 143 -15.05 21.03 32.79
CA ILE A 143 -13.59 21.13 32.86
C ILE A 143 -13.10 21.25 34.31
N TYR A 144 -13.68 22.17 35.09
CA TYR A 144 -13.23 22.33 36.47
C TYR A 144 -13.38 21.02 37.24
N ASP A 145 -14.50 20.33 37.04
CA ASP A 145 -14.83 19.10 37.80
C ASP A 145 -13.82 17.99 37.47
N PHE A 146 -13.54 17.81 36.20
CA PHE A 146 -12.53 16.84 35.76
C PHE A 146 -11.14 17.14 36.35
N VAL A 147 -10.75 18.40 36.31
CA VAL A 147 -9.43 18.78 36.73
C VAL A 147 -9.41 18.64 38.23
N GLU A 148 -10.47 19.07 38.93
CA GLU A 148 -10.54 18.79 40.39
C GLU A 148 -10.33 17.30 40.70
N THR A 149 -11.02 16.44 39.98
CA THR A 149 -10.82 15.00 40.13
C THR A 149 -9.40 14.53 39.75
N PHE A 150 -8.86 15.08 38.64
CA PHE A 150 -7.50 14.69 38.23
C PHE A 150 -6.45 15.00 39.30
N LEU A 151 -6.64 16.07 40.05
CA LEU A 151 -5.68 16.45 41.12
C LEU A 151 -5.77 15.63 42.44
N LYS A 152 -6.79 14.81 42.61
CA LYS A 152 -6.88 13.99 43.83
C LYS A 152 -5.60 13.16 44.18
N GLY A 153 -5.11 13.29 45.42
CA GLY A 153 -3.94 12.54 45.87
C GLY A 153 -2.56 13.01 45.38
N GLN A 154 -2.47 14.15 44.70
CA GLN A 154 -1.20 14.53 44.10
C GLN A 154 -1.01 16.02 43.97
N ASP A 155 0.24 16.45 44.00
CA ASP A 155 0.58 17.85 43.93
C ASP A 155 0.56 18.45 42.51
N TYR A 156 0.76 17.62 41.50
CA TYR A 156 0.82 18.08 40.11
C TYR A 156 -0.22 17.29 39.33
N ILE A 157 -0.47 17.74 38.10
CA ILE A 157 -1.66 17.25 37.34
C ILE A 157 -1.56 15.82 36.80
N ALA A 158 -0.33 15.33 36.60
CA ALA A 158 -0.06 14.00 36.01
C ALA A 158 0.72 13.08 36.94
N GLY A 159 0.89 13.46 38.19
CA GLY A 159 1.61 12.63 39.15
C GLY A 159 2.22 13.48 40.23
N ASN A 160 3.37 13.01 40.71
CA ASN A 160 4.05 13.63 41.85
C ASN A 160 5.22 14.58 41.50
N GLN A 161 5.46 14.83 40.20
CA GLN A 161 6.51 15.76 39.75
C GLN A 161 5.92 16.77 38.72
N LEU A 162 6.53 17.94 38.65
CA LEU A 162 6.19 18.94 37.63
C LEU A 162 6.40 18.36 36.24
N THR A 163 5.44 18.57 35.35
CA THR A 163 5.57 18.15 33.94
C THR A 163 5.02 19.19 32.96
N ILE A 164 5.30 18.99 31.68
CA ILE A 164 4.75 19.86 30.64
C ILE A 164 3.22 19.87 30.66
N ALA A 165 2.64 18.79 31.18
CA ALA A 165 1.20 18.74 31.41
C ALA A 165 0.75 19.80 32.42
N ASP A 166 1.55 20.09 33.42
CA ASP A 166 1.21 21.22 34.33
C ASP A 166 1.19 22.53 33.53
N PHE A 167 2.17 22.71 32.66
CA PHE A 167 2.29 23.91 31.86
C PHE A 167 1.15 24.11 30.87
N SER A 168 0.83 23.04 30.15
CA SER A 168 -0.27 23.06 29.24
C SER A 168 -1.60 23.31 29.97
N LEU A 169 -1.92 22.53 30.97
CA LEU A 169 -3.21 22.76 31.67
C LEU A 169 -3.34 24.07 32.52
N VAL A 170 -2.29 24.53 33.19
CA VAL A 170 -2.36 25.80 33.91
C VAL A 170 -2.54 26.95 32.93
N SER A 171 -1.92 26.82 31.76
CA SER A 171 -1.96 27.88 30.75
C SER A 171 -3.41 28.17 30.34
N SER A 172 -4.21 27.12 30.15
CA SER A 172 -5.60 27.29 29.78
C SER A 172 -6.55 27.31 30.97
N VAL A 173 -6.34 26.47 32.00
CA VAL A 173 -7.31 26.39 33.08
C VAL A 173 -7.40 27.72 33.81
N ALA A 174 -6.26 28.38 33.99
CA ALA A 174 -6.19 29.67 34.64
C ALA A 174 -6.87 30.73 33.80
N SER A 175 -6.84 30.58 32.47
CA SER A 175 -7.55 31.49 31.58
C SER A 175 -9.07 31.35 31.65
N LEU A 176 -9.53 30.22 32.18
CA LEU A 176 -10.96 29.93 32.31
C LEU A 176 -11.67 30.92 33.25
N GLU A 177 -10.93 31.45 34.24
CA GLU A 177 -11.31 32.63 35.00
C GLU A 177 -11.95 33.72 34.11
N ALA A 178 -11.51 33.84 32.86
CA ALA A 178 -12.04 34.83 31.92
C ALA A 178 -13.51 34.62 31.59
N PHE A 179 -13.97 33.37 31.69
CA PHE A 179 -15.31 33.02 31.33
C PHE A 179 -16.13 32.65 32.56
N VAL A 180 -15.56 31.88 33.46
CA VAL A 180 -16.21 31.60 34.72
C VAL A 180 -15.19 31.61 35.84
N ALA A 181 -15.34 32.53 36.80
CA ALA A 181 -14.48 32.55 37.99
C ALA A 181 -14.44 31.19 38.70
N LEU A 182 -13.40 30.99 39.50
CA LEU A 182 -13.12 29.71 40.13
C LEU A 182 -13.56 29.74 41.58
N ASP A 183 -14.67 29.06 41.89
CA ASP A 183 -15.06 28.91 43.27
C ASP A 183 -14.00 28.06 43.89
N THR A 184 -13.12 28.70 44.67
CA THR A 184 -11.99 28.03 45.31
C THR A 184 -12.41 27.21 46.54
N THR A 185 -13.66 27.35 46.94
CA THR A 185 -14.16 26.50 48.01
C THR A 185 -14.87 25.26 47.38
N LYS A 186 -15.41 25.40 46.17
CA LYS A 186 -15.83 24.21 45.40
C LYS A 186 -14.63 23.45 44.81
N TYR A 187 -13.52 24.16 44.56
CA TYR A 187 -12.35 23.58 43.88
C TYR A 187 -11.06 23.94 44.57
N PRO A 188 -10.89 23.48 45.81
CA PRO A 188 -9.67 23.79 46.53
C PRO A 188 -8.40 23.16 45.94
N ARG A 189 -8.52 22.08 45.16
CA ARG A 189 -7.33 21.47 44.55
C ARG A 189 -6.85 22.29 43.31
N ILE A 190 -7.76 22.75 42.46
CA ILE A 190 -7.37 23.65 41.40
C ILE A 190 -6.76 24.93 41.96
N GLY A 191 -7.26 25.43 43.10
CA GLY A 191 -6.68 26.66 43.69
C GLY A 191 -5.27 26.47 44.23
N ALA A 192 -5.06 25.35 44.92
CA ALA A 192 -3.72 25.02 45.44
C ALA A 192 -2.71 24.75 44.32
N TRP A 193 -3.17 24.10 43.27
CA TRP A 193 -2.30 23.74 42.14
C TRP A 193 -1.80 25.03 41.45
N ILE A 194 -2.74 25.88 41.03
CA ILE A 194 -2.39 27.17 40.45
C ILE A 194 -1.41 27.88 41.36
N LYS A 195 -1.71 27.99 42.65
CA LYS A 195 -0.83 28.74 43.57
C LYS A 195 0.52 28.09 43.68
N LYS A 196 0.60 26.77 43.70
CA LYS A 196 1.93 26.13 43.77
C LYS A 196 2.80 26.45 42.49
N LEU A 197 2.15 26.52 41.34
CA LEU A 197 2.87 26.86 40.09
C LEU A 197 3.27 28.36 39.98
N GLU A 198 2.46 29.19 40.59
CA GLU A 198 2.70 30.62 40.71
C GLU A 198 3.93 30.90 41.55
N GLN A 199 4.36 29.94 42.32
CA GLN A 199 5.63 30.00 43.05
C GLN A 199 6.86 29.86 42.14
N LEU A 200 6.69 29.30 40.95
CA LEU A 200 7.85 29.16 40.06
C LEU A 200 8.38 30.55 39.69
N PRO A 201 9.71 30.70 39.74
CA PRO A 201 10.27 32.03 39.47
C PRO A 201 9.88 32.66 38.12
N TYR A 202 9.57 31.82 37.13
CA TYR A 202 9.31 32.28 35.78
C TYR A 202 7.83 32.30 35.44
N TYR A 203 6.97 31.99 36.41
CA TYR A 203 5.56 31.84 36.11
C TYR A 203 4.90 33.14 35.69
N GLU A 204 5.25 34.20 36.42
CA GLU A 204 4.63 35.49 36.26
C GLU A 204 4.84 36.01 34.85
N GLU A 205 6.08 35.98 34.37
CA GLU A 205 6.35 36.43 33.02
C GLU A 205 5.79 35.47 31.97
N ALA A 206 5.91 34.16 32.20
CA ALA A 206 5.52 33.19 31.17
C ALA A 206 4.03 33.08 31.12
N ASN A 207 3.38 32.98 32.27
CA ASN A 207 1.92 32.73 32.29
C ASN A 207 1.02 33.74 32.99
N GLY A 208 1.47 34.29 34.11
CA GLY A 208 0.62 35.11 34.96
C GLY A 208 0.02 36.32 34.28
N LYS A 209 0.88 37.08 33.58
CA LYS A 209 0.46 38.34 32.95
C LYS A 209 -0.48 38.12 31.79
N GLY A 210 -0.27 37.06 31.03
CA GLY A 210 -1.12 36.78 29.86
C GLY A 210 -2.50 36.28 30.32
N VAL A 211 -2.55 35.66 31.50
CA VAL A 211 -3.84 35.23 32.07
C VAL A 211 -4.69 36.48 32.35
N ARG A 212 -4.14 37.39 33.12
CA ARG A 212 -4.81 38.66 33.46
C ARG A 212 -5.14 39.45 32.22
N GLN A 213 -4.24 39.51 31.26
CA GLN A 213 -4.57 40.18 29.99
C GLN A 213 -5.77 39.59 29.29
N LEU A 214 -5.85 38.26 29.27
CA LEU A 214 -6.97 37.59 28.61
C LEU A 214 -8.27 37.79 29.38
N VAL A 215 -8.24 37.71 30.69
CA VAL A 215 -9.42 37.97 31.48
C VAL A 215 -9.96 39.38 31.25
N ALA A 216 -9.09 40.36 31.04
CA ALA A 216 -9.50 41.75 30.77
C ALA A 216 -9.95 41.96 29.35
N ILE A 217 -9.38 41.23 28.38
CA ILE A 217 -9.88 41.32 27.02
C ILE A 217 -11.35 40.88 26.98
N PHE A 218 -11.66 39.81 27.70
CA PHE A 218 -13.05 39.32 27.80
C PHE A 218 -14.00 40.15 28.67
N LYS A 219 -13.50 40.65 29.79
CA LYS A 219 -14.28 41.46 30.73
C LYS A 219 -14.82 42.68 30.01
N LYS A 220 -14.07 43.16 29.03
CA LYS A 220 -14.43 44.29 28.19
C LYS A 220 -15.51 44.03 27.16
N THR A 221 -15.61 42.80 26.69
CA THR A 221 -16.67 42.47 25.73
C THR A 221 -18.04 42.54 26.40
N ASN A 222 -18.06 42.59 27.74
CA ASN A 222 -19.30 42.55 28.54
C ASN A 222 -20.14 41.28 28.30
N PHE A 223 -19.56 40.24 27.68
CA PHE A 223 -20.34 39.09 27.20
C PHE A 223 -21.05 38.31 28.32
N THR A 224 -22.16 37.68 27.93
CA THR A 224 -23.12 37.02 28.84
C THR A 224 -23.38 35.57 28.41
N PHE A 225 -23.80 34.71 29.35
CA PHE A 225 -24.21 33.33 29.00
C PHE A 225 -25.72 33.21 28.83
N GLU A 226 -26.16 32.07 28.27
CA GLU A 226 -27.57 31.83 27.91
C GLU A 226 -27.96 32.84 26.85
N VAL B 7 -5.60 -11.91 26.51
CA VAL B 7 -4.41 -12.35 27.30
C VAL B 7 -3.52 -11.14 27.56
N LYS B 8 -3.73 -10.44 28.69
CA LYS B 8 -2.91 -9.26 29.10
C LYS B 8 -3.63 -7.93 28.89
N LEU B 9 -4.07 -7.65 27.68
CA LEU B 9 -4.68 -6.37 27.35
C LEU B 9 -6.19 -6.44 27.29
N THR B 10 -6.88 -5.44 27.81
CA THR B 10 -8.29 -5.29 27.49
C THR B 10 -8.63 -3.88 27.11
N LEU B 11 -9.42 -3.78 26.05
CA LEU B 11 -9.83 -2.54 25.43
C LEU B 11 -11.30 -2.40 25.71
N TYR B 12 -11.69 -1.29 26.31
CA TYR B 12 -13.08 -0.96 26.52
C TYR B 12 -13.49 0.08 25.49
N GLY B 13 -14.65 -0.15 24.88
CA GLY B 13 -15.13 0.70 23.80
C GLY B 13 -16.28 0.06 23.04
N LEU B 14 -16.61 0.63 21.88
CA LEU B 14 -17.65 0.08 20.96
C LEU B 14 -17.25 0.46 19.57
N ASP B 15 -17.73 -0.24 18.56
CA ASP B 15 -17.12 -0.06 17.23
C ASP B 15 -17.41 1.27 16.54
N PRO B 16 -18.57 1.86 16.80
CA PRO B 16 -18.84 3.12 16.05
C PRO B 16 -17.98 4.35 16.44
N SER B 17 -17.27 4.27 17.57
CA SER B 17 -16.52 5.40 18.09
C SER B 17 -15.17 5.57 17.37
N PRO B 18 -14.94 6.75 16.80
CA PRO B 18 -13.68 6.96 16.08
C PRO B 18 -12.40 6.67 16.92
N PRO B 19 -12.28 7.20 18.16
CA PRO B 19 -11.02 6.96 18.92
C PRO B 19 -10.80 5.51 19.38
N VAL B 20 -11.87 4.78 19.64
CA VAL B 20 -11.76 3.32 19.86
C VAL B 20 -11.13 2.61 18.65
N ARG B 21 -11.64 2.92 17.48
CA ARG B 21 -11.08 2.38 16.25
C ARG B 21 -9.61 2.81 16.00
N ALA B 22 -9.18 4.02 16.38
CA ALA B 22 -7.72 4.31 16.33
C ALA B 22 -6.91 3.30 17.16
N VAL B 23 -7.46 2.86 18.29
CA VAL B 23 -6.78 1.86 19.15
C VAL B 23 -6.87 0.49 18.52
N LYS B 24 -8.05 0.14 18.04
CA LYS B 24 -8.21 -1.15 17.32
C LYS B 24 -7.21 -1.27 16.17
N LEU B 25 -7.03 -0.18 15.40
CA LEU B 25 -6.09 -0.21 14.27
C LEU B 25 -4.65 -0.44 14.75
N THR B 26 -4.30 0.17 15.88
CA THR B 26 -3.00 0.06 16.40
C THR B 26 -2.74 -1.35 16.96
N LEU B 27 -3.68 -1.88 17.71
CA LEU B 27 -3.55 -3.17 18.28
C LEU B 27 -3.29 -4.21 17.21
N ALA B 28 -4.02 -4.09 16.10
CA ALA B 28 -3.95 -4.96 14.94
C ALA B 28 -2.65 -4.82 14.18
N ALA B 29 -2.20 -3.57 14.02
CA ALA B 29 -0.94 -3.34 13.37
C ALA B 29 0.23 -3.92 14.19
N LEU B 30 0.10 -4.00 15.53
CA LEU B 30 1.16 -4.59 16.37
C LEU B 30 0.99 -6.09 16.57
N ASN B 31 -0.09 -6.64 16.05
CA ASN B 31 -0.50 -8.02 16.25
C ASN B 31 -0.52 -8.44 17.72
N LEU B 32 -1.23 -7.63 18.47
CA LEU B 32 -1.42 -7.83 19.87
C LEU B 32 -2.80 -8.42 20.11
N THR B 33 -2.84 -9.39 21.00
CA THR B 33 -4.09 -10.02 21.36
C THR B 33 -4.69 -9.20 22.49
N TYR B 34 -6.01 -9.13 22.55
CA TYR B 34 -6.67 -8.40 23.61
C TYR B 34 -8.08 -8.86 23.76
N GLU B 35 -8.64 -8.71 24.97
CA GLU B 35 -10.06 -8.85 25.23
C GLU B 35 -10.67 -7.50 24.87
N TYR B 36 -11.89 -7.51 24.33
CA TYR B 36 -12.61 -6.31 23.91
C TYR B 36 -13.95 -6.24 24.66
N VAL B 37 -14.09 -5.28 25.57
CA VAL B 37 -15.29 -5.24 26.43
C VAL B 37 -16.19 -4.13 25.94
N ASN B 38 -17.44 -4.43 25.74
CA ASN B 38 -18.31 -3.44 25.22
C ASN B 38 -18.68 -2.49 26.33
N VAL B 39 -18.60 -1.21 26.02
CA VAL B 39 -19.16 -0.20 26.91
C VAL B 39 -20.27 0.52 26.17
N ASP B 40 -21.49 0.34 26.66
CA ASP B 40 -22.68 0.90 25.99
C ASP B 40 -22.94 2.35 26.42
N ILE B 41 -22.45 3.33 25.65
CA ILE B 41 -22.60 4.75 26.04
C ILE B 41 -24.02 5.27 25.81
N VAL B 42 -24.78 4.61 24.93
CA VAL B 42 -26.21 4.89 24.81
C VAL B 42 -26.91 4.60 26.15
N ALA B 43 -26.59 3.48 26.76
CA ALA B 43 -27.16 3.16 28.08
C ALA B 43 -26.41 3.81 29.24
N ARG B 44 -25.31 4.52 28.96
CA ARG B 44 -24.60 5.34 29.96
C ARG B 44 -23.80 4.49 30.95
N ALA B 45 -23.33 3.36 30.45
CA ALA B 45 -22.60 2.42 31.24
C ALA B 45 -21.25 2.99 31.67
N GLN B 46 -20.73 3.97 30.92
CA GLN B 46 -19.51 4.68 31.33
C GLN B 46 -19.64 5.44 32.68
N LEU B 47 -20.87 5.63 33.14
CA LEU B 47 -21.14 6.41 34.34
C LEU B 47 -21.36 5.50 35.56
N SER B 48 -21.25 4.19 35.38
CA SER B 48 -21.25 3.27 36.49
C SER B 48 -20.05 3.49 37.41
N PRO B 49 -20.23 3.20 38.70
CA PRO B 49 -19.12 3.12 39.64
C PRO B 49 -17.89 2.38 39.11
N GLU B 50 -18.15 1.22 38.50
CA GLU B 50 -17.11 0.33 37.98
C GLU B 50 -16.18 1.10 37.04
N TYR B 51 -16.78 1.74 36.05
CA TYR B 51 -15.99 2.29 34.96
C TYR B 51 -15.34 3.58 35.42
N LEU B 52 -16.05 4.33 36.28
CA LEU B 52 -15.58 5.61 36.82
C LEU B 52 -14.28 5.45 37.62
N GLU B 53 -14.20 4.30 38.29
CA GLU B 53 -13.04 3.90 39.03
C GLU B 53 -11.92 3.61 38.07
N LYS B 54 -12.23 3.05 36.90
CA LYS B 54 -11.21 2.77 35.86
C LYS B 54 -10.81 4.03 35.10
N ASN B 55 -11.79 4.85 34.76
CA ASN B 55 -11.55 6.09 34.08
C ASN B 55 -12.51 7.21 34.55
N PRO B 56 -12.07 8.11 35.46
CA PRO B 56 -12.88 9.21 36.02
C PRO B 56 -13.44 10.18 35.01
N GLN B 57 -12.73 10.34 33.92
CA GLN B 57 -13.26 11.10 32.78
C GLN B 57 -14.38 10.34 32.00
N HIS B 58 -14.55 9.05 32.31
CA HIS B 58 -15.59 8.20 31.66
C HIS B 58 -15.71 8.37 30.16
N THR B 59 -14.58 8.20 29.50
CA THR B 59 -14.53 8.14 28.06
C THR B 59 -14.19 6.74 27.61
N VAL B 60 -14.67 6.40 26.42
CA VAL B 60 -14.05 5.37 25.67
C VAL B 60 -13.18 5.98 24.56
N PRO B 61 -12.01 5.36 24.30
CA PRO B 61 -11.49 4.11 24.85
C PRO B 61 -10.78 4.21 26.18
N THR B 62 -10.76 3.08 26.89
CA THR B 62 -9.85 2.85 27.97
C THR B 62 -9.12 1.57 27.70
N LEU B 63 -7.85 1.53 28.06
CA LEU B 63 -7.07 0.32 27.94
C LEU B 63 -6.58 -0.12 29.31
N GLU B 64 -6.65 -1.44 29.56
CA GLU B 64 -6.12 -2.08 30.77
C GLU B 64 -4.91 -2.96 30.44
N ASP B 65 -3.79 -2.74 31.11
CA ASP B 65 -2.62 -3.56 30.89
C ASP B 65 -1.97 -3.87 32.24
N ASP B 66 -1.93 -5.16 32.62
CA ASP B 66 -1.26 -5.57 33.87
C ASP B 66 -1.85 -4.78 35.08
N GLY B 67 -3.17 -4.57 35.10
CA GLY B 67 -3.83 -3.86 36.20
C GLY B 67 -3.77 -2.35 36.17
N HIS B 68 -3.19 -1.78 35.12
CA HIS B 68 -3.09 -0.35 34.93
C HIS B 68 -4.14 0.14 33.93
N TYR B 69 -4.71 1.33 34.17
CA TYR B 69 -5.66 1.92 33.26
C TYR B 69 -5.06 3.11 32.55
N ILE B 70 -4.96 3.03 31.23
CA ILE B 70 -4.60 4.16 30.38
C ILE B 70 -5.89 4.64 29.66
N TRP B 71 -6.18 5.94 29.65
CA TRP B 71 -7.21 6.43 28.70
C TRP B 71 -6.72 7.51 27.73
N ASP B 72 -7.61 7.86 26.82
CA ASP B 72 -7.33 8.74 25.64
C ASP B 72 -6.62 7.93 24.60
N SER B 73 -7.34 7.73 23.48
CA SER B 73 -6.85 7.05 22.28
C SER B 73 -5.44 7.42 21.88
N HIS B 74 -5.07 8.68 22.03
CA HIS B 74 -3.74 9.11 21.59
C HIS B 74 -2.69 8.68 22.59
N ALA B 75 -3.01 8.70 23.87
CA ALA B 75 -2.03 8.26 24.89
C ALA B 75 -1.87 6.74 24.77
N ILE B 76 -3.00 6.07 24.55
CA ILE B 76 -3.01 4.61 24.42
C ILE B 76 -2.14 4.12 23.28
N ILE B 77 -2.31 4.71 22.10
CA ILE B 77 -1.62 4.20 20.92
C ILE B 77 -0.13 4.51 20.98
N ALA B 78 0.24 5.65 21.57
CA ALA B 78 1.65 5.94 21.83
C ALA B 78 2.25 4.93 22.83
N TYR B 79 1.54 4.68 23.94
CA TYR B 79 1.93 3.63 24.92
C TYR B 79 2.18 2.26 24.29
N LEU B 80 1.23 1.81 23.48
CA LEU B 80 1.31 0.53 22.79
C LEU B 80 2.51 0.44 21.89
N VAL B 81 2.73 1.44 21.01
CA VAL B 81 3.90 1.36 20.14
C VAL B 81 5.17 1.39 20.99
N SER B 82 5.22 2.30 21.94
CA SER B 82 6.48 2.55 22.64
C SER B 82 6.85 1.29 23.43
N LYS B 83 5.86 0.55 23.90
CA LYS B 83 6.13 -0.59 24.73
C LYS B 83 6.21 -1.95 23.97
N TYR B 84 5.37 -2.14 22.94
CA TYR B 84 5.24 -3.45 22.26
C TYR B 84 5.78 -3.60 20.85
N ALA B 85 6.14 -2.52 20.16
CA ALA B 85 6.55 -2.63 18.75
C ALA B 85 7.99 -3.07 18.66
N ASP B 86 8.32 -3.77 17.60
CA ASP B 86 9.68 -4.21 17.34
C ASP B 86 10.61 -3.03 16.98
N SER B 87 10.05 -1.94 16.47
CA SER B 87 10.77 -0.72 16.21
C SER B 87 9.82 0.45 16.40
N ASP B 88 10.35 1.66 16.22
CA ASP B 88 9.53 2.86 16.36
C ASP B 88 8.87 3.29 15.06
N ALA B 89 8.73 2.39 14.12
CA ALA B 89 8.25 2.83 12.83
C ALA B 89 6.90 3.57 12.99
N LEU B 90 6.03 3.03 13.85
CA LEU B 90 4.68 3.59 14.01
C LEU B 90 4.62 4.91 14.82
N TYR B 91 5.72 5.29 15.47
CA TYR B 91 5.76 6.39 16.40
C TYR B 91 7.21 6.83 16.57
N PRO B 92 7.83 7.27 15.47
CA PRO B 92 9.26 7.43 15.45
C PRO B 92 9.76 8.32 16.59
N LYS B 93 10.90 7.95 17.16
CA LYS B 93 11.57 8.76 18.19
C LYS B 93 12.44 9.97 17.72
N ASP B 94 12.84 10.03 16.46
CA ASP B 94 13.56 11.22 15.98
C ASP B 94 12.71 12.46 16.33
N PRO B 95 13.28 13.45 17.08
CA PRO B 95 12.46 14.56 17.57
C PRO B 95 11.67 15.33 16.53
N LEU B 96 12.28 15.60 15.36
CA LEU B 96 11.58 16.30 14.29
C LEU B 96 10.43 15.51 13.72
N LYS B 97 10.73 14.25 13.37
CA LYS B 97 9.70 13.31 12.96
C LYS B 97 8.62 13.16 14.07
N ARG B 98 9.01 13.00 15.34
CA ARG B 98 8.03 12.97 16.49
C ARG B 98 7.13 14.20 16.57
N ALA B 99 7.70 15.37 16.28
CA ALA B 99 6.96 16.63 16.38
C ALA B 99 5.86 16.71 15.35
N VAL B 100 6.11 16.21 14.13
CA VAL B 100 5.00 16.13 13.20
C VAL B 100 3.90 15.15 13.70
N VAL B 101 4.25 13.94 14.10
CA VAL B 101 3.21 12.95 14.50
C VAL B 101 2.40 13.51 15.68
N ASP B 102 3.11 14.08 16.67
CA ASP B 102 2.44 14.64 17.87
C ASP B 102 1.54 15.80 17.51
N GLN B 103 2.00 16.71 16.65
CA GLN B 103 1.12 17.79 16.10
C GLN B 103 -0.19 17.25 15.47
N ARG B 104 -0.08 16.24 14.60
CA ARG B 104 -1.26 15.65 13.96
C ARG B 104 -2.23 15.05 14.95
N LEU B 105 -1.68 14.42 15.97
CA LEU B 105 -2.45 13.75 17.00
C LEU B 105 -3.23 14.76 17.85
N HIS B 106 -2.54 15.84 18.26
CA HIS B 106 -3.22 16.87 19.02
C HIS B 106 -4.22 17.59 18.16
N PHE B 107 -3.85 17.84 16.91
CA PHE B 107 -4.81 18.30 15.86
C PHE B 107 -6.08 17.41 15.85
N GLU B 108 -5.88 16.10 15.84
CA GLU B 108 -6.99 15.18 15.85
C GLU B 108 -7.82 15.38 17.13
N SER B 109 -7.17 15.41 18.29
CA SER B 109 -7.92 15.54 19.54
C SER B 109 -8.86 16.80 19.58
N GLY B 110 -8.35 17.95 19.17
CA GLY B 110 -9.01 19.22 19.38
C GLY B 110 -9.82 19.60 18.16
N VAL B 111 -9.10 19.83 17.07
CA VAL B 111 -9.68 20.36 15.85
C VAL B 111 -10.67 19.36 15.24
N VAL B 112 -10.30 18.08 15.15
CA VAL B 112 -11.17 17.10 14.52
C VAL B 112 -12.18 16.56 15.50
N PHE B 113 -11.73 15.90 16.57
CA PHE B 113 -12.66 15.17 17.37
C PHE B 113 -13.53 16.06 18.25
N ALA B 114 -12.93 16.90 19.09
CA ALA B 114 -13.76 17.67 20.03
C ALA B 114 -14.62 18.65 19.25
N ASN B 115 -14.00 19.36 18.31
CA ASN B 115 -14.69 20.46 17.67
C ASN B 115 -15.52 20.01 16.48
N GLY B 116 -15.10 18.95 15.79
CA GLY B 116 -15.80 18.48 14.56
C GLY B 116 -16.88 17.45 14.82
N ILE B 117 -16.60 16.50 15.70
CA ILE B 117 -17.43 15.32 15.85
C ILE B 117 -18.26 15.27 17.10
N ARG B 118 -17.62 15.39 18.24
CA ARG B 118 -18.33 15.30 19.52
C ARG B 118 -19.26 16.53 19.71
N SER B 119 -18.93 17.64 19.09
CA SER B 119 -19.85 18.79 19.06
C SER B 119 -21.22 18.33 18.55
N ILE B 120 -21.24 17.77 17.35
CA ILE B 120 -22.48 17.26 16.80
C ILE B 120 -23.01 16.06 17.58
N SER B 121 -22.20 14.99 17.70
CA SER B 121 -22.65 13.71 18.32
C SER B 121 -23.35 13.90 19.66
N LYS B 122 -22.75 14.70 20.54
CA LYS B 122 -23.36 14.97 21.82
C LYS B 122 -24.75 15.55 21.60
N SER B 123 -24.85 16.55 20.70
CA SER B 123 -26.15 17.16 20.40
C SER B 123 -27.11 16.09 19.85
N VAL B 124 -26.76 15.56 18.69
CA VAL B 124 -27.67 14.77 17.89
C VAL B 124 -28.09 13.47 18.57
N LEU B 125 -27.17 12.79 19.23
CA LEU B 125 -27.43 11.43 19.75
C LEU B 125 -27.79 11.37 21.22
N PHE B 126 -27.20 12.23 22.04
CA PHE B 126 -27.45 12.16 23.49
C PHE B 126 -28.56 13.13 23.89
N GLN B 127 -28.53 14.33 23.32
CA GLN B 127 -29.54 15.34 23.63
C GLN B 127 -30.61 15.44 22.52
N GLY B 128 -30.65 14.45 21.64
CA GLY B 128 -31.73 14.26 20.67
C GLY B 128 -32.07 15.48 19.81
N GLN B 129 -31.10 16.34 19.56
CA GLN B 129 -31.34 17.53 18.75
C GLN B 129 -31.37 17.12 17.30
N THR B 130 -32.22 17.79 16.54
CA THR B 130 -32.51 17.29 15.21
C THR B 130 -31.94 18.21 14.11
N LYS B 131 -31.58 19.42 14.50
CA LYS B 131 -30.87 20.31 13.59
C LYS B 131 -29.71 20.97 14.36
N VAL B 132 -28.60 21.17 13.67
CA VAL B 132 -27.41 21.71 14.30
C VAL B 132 -26.84 22.89 13.48
N PRO B 133 -26.16 23.84 14.17
CA PRO B 133 -25.65 25.09 13.57
C PRO B 133 -24.74 24.97 12.38
N LYS B 134 -24.79 26.01 11.55
CA LYS B 134 -23.94 26.15 10.38
C LYS B 134 -22.48 25.99 10.73
N GLU B 135 -22.10 26.46 11.92
CA GLU B 135 -20.69 26.45 12.38
C GLU B 135 -20.10 25.01 12.40
N ARG B 136 -20.93 24.05 12.77
CA ARG B 136 -20.56 22.64 12.80
C ARG B 136 -20.28 22.13 11.39
N TYR B 137 -21.01 22.66 10.41
CA TYR B 137 -20.73 22.31 9.00
C TYR B 137 -19.38 22.85 8.58
N ASP B 138 -19.13 24.11 8.93
CA ASP B 138 -17.92 24.80 8.48
C ASP B 138 -16.67 24.20 9.14
N ALA B 139 -16.77 23.87 10.42
CA ALA B 139 -15.66 23.17 11.15
C ALA B 139 -15.23 21.96 10.39
N ILE B 140 -16.24 21.23 9.88
CA ILE B 140 -15.94 20.05 9.09
C ILE B 140 -15.31 20.38 7.72
N ILE B 141 -15.75 21.45 7.05
CA ILE B 141 -15.06 21.86 5.81
C ILE B 141 -13.62 22.25 6.10
N GLU B 142 -13.44 23.00 7.19
CA GLU B 142 -12.12 23.44 7.63
C GLU B 142 -11.24 22.22 7.94
N ILE B 143 -11.82 21.17 8.57
CA ILE B 143 -11.04 19.94 8.81
C ILE B 143 -10.54 19.34 7.50
N TYR B 144 -11.43 19.22 6.54
CA TYR B 144 -11.06 18.62 5.26
C TYR B 144 -9.94 19.43 4.54
N ASP B 145 -10.11 20.74 4.47
CA ASP B 145 -9.09 21.65 3.90
C ASP B 145 -7.75 21.44 4.56
N PHE B 146 -7.74 21.34 5.89
CA PHE B 146 -6.49 21.24 6.61
C PHE B 146 -5.77 19.97 6.23
N VAL B 147 -6.47 18.86 6.36
CA VAL B 147 -5.91 17.54 6.13
C VAL B 147 -5.46 17.40 4.67
N GLU B 148 -6.28 17.92 3.77
CA GLU B 148 -5.86 18.03 2.36
C GLU B 148 -4.47 18.71 2.23
N THR B 149 -4.27 19.82 2.93
CA THR B 149 -2.97 20.51 2.90
C THR B 149 -1.91 19.69 3.59
N PHE B 150 -2.27 19.08 4.72
CA PHE B 150 -1.31 18.21 5.44
C PHE B 150 -0.83 17.04 4.57
N LEU B 151 -1.69 16.52 3.71
CA LEU B 151 -1.26 15.40 2.85
C LEU B 151 -0.37 15.81 1.66
N LYS B 152 -0.21 17.11 1.46
CA LYS B 152 0.62 17.60 0.35
C LYS B 152 1.94 16.85 0.21
N GLY B 153 2.17 16.29 -0.97
CA GLY B 153 3.49 15.76 -1.30
C GLY B 153 3.97 14.52 -0.54
N GLN B 154 3.07 13.84 0.17
CA GLN B 154 3.42 12.61 0.91
C GLN B 154 2.19 11.72 0.93
N ASP B 155 2.43 10.42 1.11
CA ASP B 155 1.38 9.41 1.10
C ASP B 155 0.64 9.26 2.44
N TYR B 156 1.31 9.62 3.53
CA TYR B 156 0.77 9.47 4.89
C TYR B 156 0.67 10.83 5.54
N ILE B 157 -0.10 10.88 6.61
CA ILE B 157 -0.48 12.15 7.22
C ILE B 157 0.70 12.85 7.86
N ALA B 158 1.70 12.10 8.34
CA ALA B 158 2.78 12.68 9.15
C ALA B 158 4.22 12.49 8.65
N GLY B 159 4.41 12.13 7.40
CA GLY B 159 5.76 12.02 6.83
C GLY B 159 5.55 11.10 5.65
N ASN B 160 6.43 10.15 5.44
CA ASN B 160 6.10 9.14 4.43
C ASN B 160 6.30 7.74 4.95
N GLN B 161 5.84 7.50 6.17
CA GLN B 161 5.72 6.17 6.71
C GLN B 161 4.44 6.12 7.52
N LEU B 162 3.86 4.95 7.53
CA LEU B 162 2.66 4.74 8.29
C LEU B 162 2.97 5.06 9.77
N THR B 163 2.13 5.87 10.42
CA THR B 163 2.28 6.12 11.87
C THR B 163 0.95 6.06 12.60
N ILE B 164 0.98 6.08 13.94
CA ILE B 164 -0.27 6.23 14.70
C ILE B 164 -1.06 7.51 14.35
N ALA B 165 -0.41 8.54 13.79
CA ALA B 165 -1.23 9.69 13.26
C ALA B 165 -2.19 9.29 12.13
N ASP B 166 -1.74 8.39 11.28
CA ASP B 166 -2.67 7.89 10.27
C ASP B 166 -3.85 7.21 10.93
N PHE B 167 -3.59 6.43 11.96
CA PHE B 167 -4.65 5.63 12.53
C PHE B 167 -5.68 6.50 13.23
N SER B 168 -5.17 7.43 14.04
CA SER B 168 -5.99 8.41 14.73
C SER B 168 -6.81 9.24 13.73
N LEU B 169 -6.17 9.81 12.71
CA LEU B 169 -6.90 10.74 11.84
C LEU B 169 -7.79 10.00 10.89
N VAL B 170 -7.40 8.81 10.44
CA VAL B 170 -8.30 8.14 9.54
C VAL B 170 -9.57 7.70 10.26
N SER B 171 -9.47 7.26 11.52
CA SER B 171 -10.68 6.81 12.23
C SER B 171 -11.70 7.96 12.32
N SER B 172 -11.17 9.17 12.43
CA SER B 172 -12.03 10.31 12.62
C SER B 172 -12.43 10.94 11.26
N VAL B 173 -11.47 11.12 10.37
CA VAL B 173 -11.69 11.79 9.10
C VAL B 173 -12.58 10.98 8.19
N ALA B 174 -12.45 9.66 8.24
CA ALA B 174 -13.37 8.80 7.50
C ALA B 174 -14.80 8.82 8.06
N SER B 175 -14.93 8.95 9.36
CA SER B 175 -16.24 9.09 9.98
C SER B 175 -16.94 10.40 9.66
N LEU B 176 -16.24 11.39 9.09
CA LEU B 176 -16.87 12.70 8.84
C LEU B 176 -17.85 12.63 7.67
N GLU B 177 -17.69 11.63 6.80
CA GLU B 177 -18.71 11.27 5.81
C GLU B 177 -20.13 11.22 6.43
N ALA B 178 -20.25 10.79 7.68
CA ALA B 178 -21.50 10.80 8.43
C ALA B 178 -22.20 12.14 8.43
N PHE B 179 -21.41 13.21 8.33
CA PHE B 179 -21.92 14.55 8.41
C PHE B 179 -21.89 15.27 7.09
N VAL B 180 -20.74 15.20 6.40
CA VAL B 180 -20.53 15.86 5.14
C VAL B 180 -19.79 14.82 4.31
N ALA B 181 -20.31 14.53 3.11
CA ALA B 181 -19.69 13.58 2.21
C ALA B 181 -18.47 14.22 1.57
N LEU B 182 -17.49 13.40 1.27
CA LEU B 182 -16.19 13.86 0.83
C LEU B 182 -16.22 14.00 -0.70
N ASP B 183 -15.96 15.22 -1.15
CA ASP B 183 -15.87 15.53 -2.55
C ASP B 183 -14.43 15.39 -2.94
N THR B 184 -14.15 14.28 -3.63
CA THR B 184 -12.83 13.94 -4.10
C THR B 184 -12.34 14.72 -5.27
N THR B 185 -13.14 15.66 -5.79
CA THR B 185 -12.58 16.62 -6.76
C THR B 185 -11.86 17.73 -5.98
N LYS B 186 -12.53 18.25 -4.96
CA LYS B 186 -11.88 19.17 -3.98
C LYS B 186 -10.75 18.46 -3.17
N TYR B 187 -11.01 17.22 -2.75
CA TYR B 187 -10.13 16.52 -1.80
C TYR B 187 -9.58 15.21 -2.34
N PRO B 188 -8.83 15.28 -3.44
CA PRO B 188 -8.31 14.02 -3.92
C PRO B 188 -7.26 13.42 -2.99
N ARG B 189 -6.42 14.23 -2.32
CA ARG B 189 -5.39 13.63 -1.45
C ARG B 189 -6.00 12.84 -0.31
N ILE B 190 -7.04 13.37 0.32
CA ILE B 190 -7.68 12.63 1.39
C ILE B 190 -8.30 11.38 0.80
N GLY B 191 -9.07 11.56 -0.27
CA GLY B 191 -9.65 10.43 -1.00
C GLY B 191 -8.69 9.28 -1.19
N ALA B 192 -7.47 9.60 -1.61
CA ALA B 192 -6.44 8.65 -1.91
C ALA B 192 -5.75 8.10 -0.66
N TRP B 193 -5.71 8.91 0.40
CA TRP B 193 -5.08 8.52 1.65
C TRP B 193 -5.93 7.45 2.35
N ILE B 194 -7.25 7.69 2.37
CA ILE B 194 -8.20 6.68 2.83
C ILE B 194 -8.09 5.39 2.01
N LYS B 195 -8.06 5.49 0.67
CA LYS B 195 -7.92 4.26 -0.16
C LYS B 195 -6.68 3.52 0.19
N LYS B 196 -5.58 4.24 0.39
CA LYS B 196 -4.30 3.56 0.69
C LYS B 196 -4.36 2.85 2.06
N LEU B 197 -5.04 3.46 3.03
CA LEU B 197 -5.25 2.83 4.34
C LEU B 197 -6.20 1.66 4.27
N GLU B 198 -7.23 1.78 3.43
CA GLU B 198 -8.06 0.60 3.16
C GLU B 198 -7.32 -0.62 2.62
N GLN B 199 -6.12 -0.45 2.07
CA GLN B 199 -5.39 -1.62 1.59
C GLN B 199 -4.86 -2.48 2.76
N LEU B 200 -4.86 -1.96 3.98
CA LEU B 200 -4.27 -2.72 5.10
C LEU B 200 -5.18 -3.92 5.34
N PRO B 201 -4.62 -5.15 5.43
CA PRO B 201 -5.47 -6.33 5.64
C PRO B 201 -6.36 -6.23 6.89
N TYR B 202 -5.90 -5.50 7.91
CA TYR B 202 -6.64 -5.32 9.16
C TYR B 202 -7.64 -4.13 9.19
N TYR B 203 -7.76 -3.36 8.11
CA TYR B 203 -8.49 -2.10 8.17
C TYR B 203 -9.97 -2.34 8.27
N GLU B 204 -10.44 -3.32 7.51
CA GLU B 204 -11.86 -3.59 7.40
C GLU B 204 -12.45 -3.88 8.79
N GLU B 205 -11.83 -4.76 9.56
CA GLU B 205 -12.32 -5.10 10.94
C GLU B 205 -12.03 -4.02 11.95
N ALA B 206 -10.87 -3.36 11.83
CA ALA B 206 -10.46 -2.39 12.85
C ALA B 206 -11.18 -1.03 12.71
N ASN B 207 -11.45 -0.61 11.47
CA ASN B 207 -12.02 0.70 11.20
C ASN B 207 -13.16 0.72 10.21
N GLY B 208 -13.03 0.00 9.09
CA GLY B 208 -13.99 0.12 7.98
C GLY B 208 -15.44 -0.16 8.39
N LYS B 209 -15.67 -1.26 9.10
CA LYS B 209 -17.03 -1.61 9.51
C LYS B 209 -17.62 -0.52 10.40
N GLY B 210 -16.91 -0.16 11.45
CA GLY B 210 -17.40 0.84 12.42
C GLY B 210 -17.60 2.23 11.83
N VAL B 211 -16.81 2.59 10.82
CA VAL B 211 -17.06 3.79 10.03
C VAL B 211 -18.46 3.69 9.44
N ARG B 212 -18.77 2.54 8.82
CA ARG B 212 -20.09 2.34 8.18
C ARG B 212 -21.24 2.33 9.19
N GLN B 213 -21.01 1.79 10.40
CA GLN B 213 -22.08 1.79 11.42
C GLN B 213 -22.41 3.18 11.91
N LEU B 214 -21.38 4.02 11.96
CA LEU B 214 -21.58 5.38 12.42
C LEU B 214 -22.32 6.18 11.33
N VAL B 215 -21.87 6.07 10.08
CA VAL B 215 -22.55 6.69 8.96
C VAL B 215 -24.01 6.30 9.01
N ALA B 216 -24.28 5.02 9.28
CA ALA B 216 -25.66 4.52 9.34
C ALA B 216 -26.40 5.10 10.53
N ILE B 217 -25.76 5.19 11.69
CA ILE B 217 -26.46 5.71 12.88
C ILE B 217 -26.91 7.18 12.66
N PHE B 218 -26.13 7.91 11.88
CA PHE B 218 -26.40 9.32 11.61
C PHE B 218 -27.40 9.48 10.49
N LYS B 219 -27.28 8.64 9.47
CA LYS B 219 -28.36 8.51 8.51
C LYS B 219 -29.71 8.46 9.27
N LYS B 220 -29.96 7.39 10.04
CA LYS B 220 -31.20 7.23 10.81
C LYS B 220 -31.73 8.43 11.61
N THR B 221 -30.85 9.32 12.06
CA THR B 221 -31.30 10.52 12.79
C THR B 221 -31.93 11.58 11.84
N ASN B 222 -31.77 11.43 10.52
CA ASN B 222 -32.22 12.40 9.52
C ASN B 222 -31.84 13.87 9.84
N PHE B 223 -30.92 14.09 10.79
CA PHE B 223 -30.62 15.42 11.35
C PHE B 223 -30.17 16.34 10.24
N THR B 224 -30.33 17.65 10.46
CA THR B 224 -30.00 18.63 9.42
C THR B 224 -29.07 19.76 9.92
N PHE B 225 -28.20 20.22 9.04
CA PHE B 225 -27.44 21.44 9.25
C PHE B 225 -28.26 22.69 8.89
N GLU B 226 -28.15 23.71 9.71
CA GLU B 226 -28.62 25.04 9.31
C GLU B 226 -27.64 25.67 8.31
N ALA B 227 -28.17 26.45 7.36
CA ALA B 227 -27.35 27.13 6.34
C ALA B 227 -26.96 28.57 6.78
N LYS C 8 -9.10 27.36 -43.12
CA LYS C 8 -9.43 26.18 -44.01
C LYS C 8 -10.10 25.10 -43.15
N LEU C 9 -9.40 24.73 -42.10
CA LEU C 9 -9.85 23.68 -41.20
C LEU C 9 -10.67 24.20 -40.05
N THR C 10 -11.81 23.57 -39.79
CA THR C 10 -12.43 23.69 -38.47
C THR C 10 -12.77 22.35 -37.80
N LEU C 11 -12.49 22.29 -36.50
CA LEU C 11 -12.74 21.08 -35.73
C LEU C 11 -13.93 21.27 -34.85
N TYR C 12 -14.85 20.30 -34.84
CA TYR C 12 -16.01 20.41 -33.95
C TYR C 12 -15.83 19.39 -32.87
N GLY C 13 -15.96 19.85 -31.63
CA GLY C 13 -15.73 18.98 -30.46
C GLY C 13 -15.73 19.67 -29.10
N LEU C 14 -15.24 18.96 -28.11
CA LEU C 14 -15.10 19.51 -26.77
C LEU C 14 -13.96 18.71 -26.18
N ASP C 15 -13.22 19.31 -25.24
CA ASP C 15 -11.95 18.76 -24.77
C ASP C 15 -12.01 17.49 -23.91
N PRO C 16 -13.11 17.29 -23.12
CA PRO C 16 -13.15 16.03 -22.36
C PRO C 16 -13.18 14.78 -23.26
N SER C 17 -13.69 14.91 -24.50
CA SER C 17 -13.89 13.78 -25.44
C SER C 17 -12.62 13.18 -25.94
N PRO C 18 -12.39 11.89 -25.64
CA PRO C 18 -11.17 11.23 -26.15
C PRO C 18 -10.93 11.35 -27.69
N PRO C 19 -11.91 10.95 -28.52
CA PRO C 19 -11.62 11.03 -29.98
C PRO C 19 -11.32 12.44 -30.48
N VAL C 20 -11.95 13.47 -29.91
CA VAL C 20 -11.62 14.88 -30.27
C VAL C 20 -10.14 15.16 -29.95
N ARG C 21 -9.68 14.68 -28.82
CA ARG C 21 -8.28 14.98 -28.40
C ARG C 21 -7.26 14.27 -29.31
N ALA C 22 -7.59 13.07 -29.80
CA ALA C 22 -6.78 12.45 -30.83
C ALA C 22 -6.61 13.32 -32.08
N VAL C 23 -7.64 14.07 -32.42
CA VAL C 23 -7.55 14.95 -33.56
C VAL C 23 -6.67 16.17 -33.23
N LYS C 24 -6.87 16.76 -32.03
CA LYS C 24 -6.09 17.94 -31.60
C LYS C 24 -4.60 17.60 -31.52
N LEU C 25 -4.29 16.42 -31.04
CA LEU C 25 -2.91 15.97 -31.08
C LEU C 25 -2.37 15.91 -32.53
N THR C 26 -3.15 15.33 -33.43
CA THR C 26 -2.69 15.20 -34.84
C THR C 26 -2.51 16.59 -35.54
N LEU C 27 -3.43 17.49 -35.26
CA LEU C 27 -3.38 18.87 -35.85
C LEU C 27 -2.16 19.69 -35.38
N ALA C 28 -1.84 19.58 -34.10
CA ALA C 28 -0.63 20.17 -33.54
C ALA C 28 0.59 19.53 -34.13
N ALA C 29 0.62 18.19 -34.18
CA ALA C 29 1.78 17.50 -34.71
C ALA C 29 2.07 17.87 -36.17
N LEU C 30 1.04 18.17 -36.94
CA LEU C 30 1.20 18.58 -38.34
C LEU C 30 1.34 20.09 -38.53
N ASN C 31 1.22 20.89 -37.46
CA ASN C 31 1.37 22.35 -37.52
C ASN C 31 0.29 22.99 -38.33
N LEU C 32 -0.92 22.46 -38.20
CA LEU C 32 -1.99 22.94 -39.01
C LEU C 32 -2.80 23.87 -38.16
N THR C 33 -2.86 25.06 -38.67
CA THR C 33 -3.85 26.06 -38.38
C THR C 33 -5.28 25.55 -38.51
N TYR C 34 -6.13 25.91 -37.53
CA TYR C 34 -7.54 25.61 -37.52
C TYR C 34 -8.30 26.37 -36.48
N GLU C 35 -9.61 26.43 -36.72
CA GLU C 35 -10.56 26.95 -35.74
C GLU C 35 -11.27 25.82 -35.03
N TYR C 36 -11.53 26.05 -33.75
CA TYR C 36 -12.15 25.07 -32.86
C TYR C 36 -13.53 25.53 -32.49
N VAL C 37 -14.56 24.80 -32.89
CA VAL C 37 -15.94 25.10 -32.55
C VAL C 37 -16.51 24.09 -31.53
N ASN C 38 -16.96 24.62 -30.38
CA ASN C 38 -17.51 23.82 -29.29
C ASN C 38 -18.82 23.19 -29.68
N VAL C 39 -18.99 21.91 -29.39
CA VAL C 39 -20.31 21.28 -29.54
C VAL C 39 -20.69 20.73 -28.18
N ASP C 40 -21.77 21.29 -27.58
CA ASP C 40 -22.15 20.89 -26.21
C ASP C 40 -23.03 19.65 -26.28
N ILE C 41 -22.40 18.48 -26.19
CA ILE C 41 -23.15 17.25 -26.29
C ILE C 41 -23.96 16.94 -25.03
N VAL C 42 -23.52 17.37 -23.83
CA VAL C 42 -24.44 17.24 -22.66
C VAL C 42 -25.77 17.97 -22.97
N ALA C 43 -25.70 19.11 -23.67
CA ALA C 43 -26.90 19.85 -24.14
C ALA C 43 -27.57 19.36 -25.48
N ARG C 44 -27.23 18.16 -25.93
CA ARG C 44 -27.79 17.55 -27.18
C ARG C 44 -27.60 18.43 -28.45
N ALA C 45 -26.63 19.33 -28.46
CA ALA C 45 -26.38 20.16 -29.65
C ALA C 45 -25.95 19.36 -30.87
N GLN C 46 -25.39 18.17 -30.65
CA GLN C 46 -25.04 17.35 -31.80
C GLN C 46 -26.25 16.81 -32.50
N LEU C 47 -27.43 16.87 -31.87
CA LEU C 47 -28.65 16.29 -32.43
C LEU C 47 -29.49 17.31 -33.23
N SER C 48 -28.98 18.53 -33.33
CA SER C 48 -29.61 19.57 -34.11
C SER C 48 -29.47 19.25 -35.60
N PRO C 49 -30.45 19.70 -36.40
CA PRO C 49 -30.48 19.45 -37.83
C PRO C 49 -29.31 20.05 -38.54
N GLU C 50 -28.83 21.20 -38.07
CA GLU C 50 -27.64 21.86 -38.61
C GLU C 50 -26.38 20.97 -38.40
N TYR C 51 -26.26 20.36 -37.22
CA TYR C 51 -25.15 19.42 -36.98
C TYR C 51 -25.36 18.12 -37.80
N LEU C 52 -26.55 17.56 -37.73
CA LEU C 52 -26.88 16.39 -38.53
C LEU C 52 -26.48 16.51 -40.01
N GLU C 53 -26.60 17.72 -40.58
CA GLU C 53 -26.17 17.96 -41.93
C GLU C 53 -24.67 17.84 -42.14
N LYS C 54 -23.91 18.22 -41.13
CA LYS C 54 -22.48 18.04 -41.14
C LYS C 54 -22.09 16.57 -41.00
N ASN C 55 -22.74 15.90 -40.04
CA ASN C 55 -22.45 14.52 -39.62
C ASN C 55 -23.76 13.82 -39.26
N PRO C 56 -24.32 13.03 -40.21
CA PRO C 56 -25.52 12.25 -39.96
C PRO C 56 -25.36 11.32 -38.78
N GLN C 57 -24.14 10.87 -38.43
CA GLN C 57 -23.98 10.06 -37.25
C GLN C 57 -24.08 10.86 -35.94
N HIS C 58 -24.06 12.18 -36.03
CA HIS C 58 -24.12 13.09 -34.86
C HIS C 58 -23.09 12.76 -33.75
N THR C 59 -21.85 12.57 -34.19
CA THR C 59 -20.74 12.37 -33.29
C THR C 59 -19.76 13.55 -33.40
N VAL C 60 -18.95 13.71 -32.35
CA VAL C 60 -17.77 14.55 -32.33
C VAL C 60 -16.62 13.60 -32.12
N PRO C 61 -15.49 13.90 -32.77
CA PRO C 61 -15.23 15.11 -33.55
C PRO C 61 -15.82 15.09 -34.96
N THR C 62 -16.08 16.27 -35.51
CA THR C 62 -16.20 16.40 -36.98
C THR C 62 -15.12 17.34 -37.51
N LEU C 63 -14.58 17.08 -38.70
CA LEU C 63 -13.65 18.03 -39.30
C LEU C 63 -14.25 18.55 -40.57
N GLU C 64 -14.06 19.86 -40.75
CA GLU C 64 -14.50 20.54 -41.95
C GLU C 64 -13.27 21.14 -42.58
N ASP C 65 -13.11 20.82 -43.86
CA ASP C 65 -11.95 21.23 -44.65
C ASP C 65 -12.52 21.69 -46.01
N ASP C 66 -12.61 23.01 -46.19
CA ASP C 66 -13.05 23.64 -47.43
C ASP C 66 -14.46 23.18 -47.81
N GLY C 67 -15.33 23.09 -46.81
CA GLY C 67 -16.72 22.72 -47.06
C GLY C 67 -17.00 21.24 -47.06
N HIS C 68 -15.94 20.42 -46.99
CA HIS C 68 -16.09 18.97 -46.89
C HIS C 68 -16.15 18.52 -45.43
N TYR C 69 -17.00 17.55 -45.08
CA TYR C 69 -17.12 17.11 -43.70
C TYR C 69 -16.57 15.69 -43.56
N ILE C 70 -15.65 15.51 -42.63
CA ILE C 70 -15.01 14.19 -42.35
C ILE C 70 -15.34 13.91 -40.88
N TRP C 71 -15.81 12.72 -40.55
CA TRP C 71 -15.97 12.37 -39.14
C TRP C 71 -15.39 10.96 -38.83
N ASP C 72 -15.50 10.57 -37.58
CA ASP C 72 -14.68 9.53 -36.95
C ASP C 72 -13.21 9.98 -36.89
N SER C 73 -12.76 10.16 -35.66
CA SER C 73 -11.42 10.63 -35.34
C SER C 73 -10.33 9.87 -36.06
N HIS C 74 -10.53 8.56 -36.29
CA HIS C 74 -9.50 7.77 -36.95
C HIS C 74 -9.40 8.11 -38.43
N ALA C 75 -10.57 8.28 -39.02
CA ALA C 75 -10.65 8.62 -40.42
C ALA C 75 -10.08 10.01 -40.60
N ILE C 76 -10.43 10.88 -39.67
CA ILE C 76 -9.99 12.28 -39.70
C ILE C 76 -8.46 12.37 -39.66
N ILE C 77 -7.86 11.72 -38.67
CA ILE C 77 -6.41 11.84 -38.46
C ILE C 77 -5.60 11.21 -39.61
N ALA C 78 -6.10 10.11 -40.17
CA ALA C 78 -5.49 9.52 -41.34
C ALA C 78 -5.56 10.42 -42.54
N TYR C 79 -6.71 11.07 -42.72
CA TYR C 79 -6.93 12.09 -43.77
C TYR C 79 -5.90 13.24 -43.66
N LEU C 80 -5.71 13.76 -42.45
CA LEU C 80 -4.84 14.94 -42.24
C LEU C 80 -3.41 14.59 -42.62
N VAL C 81 -2.94 13.38 -42.21
CA VAL C 81 -1.56 12.95 -42.51
C VAL C 81 -1.38 12.67 -44.02
N SER C 82 -2.35 11.99 -44.66
CA SER C 82 -2.30 11.71 -46.09
C SER C 82 -2.30 12.98 -46.92
N LYS C 83 -3.22 13.86 -46.59
CA LYS C 83 -3.42 15.06 -47.30
C LYS C 83 -2.31 16.07 -47.02
N TYR C 84 -1.87 16.23 -45.76
CA TYR C 84 -1.14 17.40 -45.36
C TYR C 84 0.30 17.22 -44.85
N ALA C 85 0.70 16.01 -44.43
CA ALA C 85 2.05 15.81 -43.96
C ALA C 85 3.13 15.86 -45.10
N ASP C 86 4.31 16.34 -44.75
CA ASP C 86 5.50 16.29 -45.67
C ASP C 86 6.05 14.89 -45.92
N SER C 87 5.90 13.99 -44.94
CA SER C 87 6.21 12.58 -45.12
C SER C 87 5.13 11.73 -44.46
N ASP C 88 5.25 10.41 -44.65
CA ASP C 88 4.30 9.44 -44.05
C ASP C 88 4.71 8.95 -42.65
N ALA C 89 5.59 9.68 -41.96
CA ALA C 89 6.10 9.27 -40.62
C ALA C 89 4.95 8.90 -39.63
N LEU C 90 3.98 9.80 -39.52
CA LEU C 90 2.83 9.61 -38.62
C LEU C 90 1.81 8.58 -39.11
N TYR C 91 1.93 8.15 -40.37
CA TYR C 91 0.97 7.19 -40.92
C TYR C 91 1.62 6.51 -42.09
N PRO C 92 2.53 5.59 -41.77
CA PRO C 92 3.35 5.07 -42.85
C PRO C 92 2.59 4.28 -43.90
N LYS C 93 3.08 4.40 -45.13
CA LYS C 93 2.44 3.81 -46.30
C LYS C 93 2.92 2.40 -46.59
N ASP C 94 4.06 2.01 -46.04
CA ASP C 94 4.51 0.63 -46.16
C ASP C 94 3.36 -0.31 -45.71
N PRO C 95 3.00 -1.29 -46.54
CA PRO C 95 1.84 -2.10 -46.17
C PRO C 95 1.95 -2.83 -44.84
N LEU C 96 3.12 -3.37 -44.50
CA LEU C 96 3.27 -4.05 -43.21
C LEU C 96 3.15 -3.08 -42.04
N LYS C 97 3.81 -1.94 -42.21
CA LYS C 97 3.82 -0.92 -41.18
C LYS C 97 2.42 -0.32 -41.06
N ARG C 98 1.78 -0.08 -42.21
CA ARG C 98 0.39 0.44 -42.22
C ARG C 98 -0.52 -0.52 -41.51
N ALA C 99 -0.33 -1.81 -41.79
CA ALA C 99 -1.22 -2.83 -41.24
C ALA C 99 -1.24 -2.90 -39.75
N VAL C 100 -0.06 -2.73 -39.11
CA VAL C 100 0.00 -2.58 -37.66
C VAL C 100 -0.75 -1.29 -37.22
N VAL C 101 -0.40 -0.15 -37.80
CA VAL C 101 -1.06 1.11 -37.39
C VAL C 101 -2.63 1.00 -37.55
N ASP C 102 -3.07 0.41 -38.64
CA ASP C 102 -4.53 0.28 -38.87
C ASP C 102 -5.12 -0.63 -37.80
N GLN C 103 -4.42 -1.70 -37.44
CA GLN C 103 -4.95 -2.63 -36.47
C GLN C 103 -5.13 -1.91 -35.15
N ARG C 104 -4.07 -1.22 -34.69
CA ARG C 104 -4.18 -0.41 -33.46
C ARG C 104 -5.34 0.62 -33.48
N LEU C 105 -5.55 1.30 -34.60
CA LEU C 105 -6.65 2.29 -34.67
C LEU C 105 -8.03 1.61 -34.56
N HIS C 106 -8.18 0.47 -35.24
CA HIS C 106 -9.42 -0.32 -35.18
C HIS C 106 -9.68 -0.99 -33.83
N PHE C 107 -8.59 -1.43 -33.18
CA PHE C 107 -8.63 -1.85 -31.78
C PHE C 107 -9.15 -0.72 -30.89
N GLU C 108 -8.63 0.48 -31.12
CA GLU C 108 -9.09 1.63 -30.40
C GLU C 108 -10.54 1.89 -30.62
N SER C 109 -10.99 1.85 -31.87
CA SER C 109 -12.44 2.14 -32.15
C SER C 109 -13.43 1.25 -31.38
N GLY C 110 -13.09 -0.04 -31.36
CA GLY C 110 -14.00 -1.10 -30.96
C GLY C 110 -13.72 -1.52 -29.53
N VAL C 111 -12.63 -2.27 -29.31
CA VAL C 111 -12.28 -2.75 -27.99
C VAL C 111 -12.16 -1.65 -26.95
N VAL C 112 -11.54 -0.54 -27.30
CA VAL C 112 -11.28 0.47 -26.28
C VAL C 112 -12.44 1.46 -26.19
N PHE C 113 -12.65 2.27 -27.21
CA PHE C 113 -13.69 3.29 -27.09
C PHE C 113 -15.15 2.78 -26.97
N ALA C 114 -15.62 1.99 -27.95
CA ALA C 114 -17.02 1.56 -27.93
C ALA C 114 -17.33 0.72 -26.68
N ASN C 115 -16.52 -0.30 -26.43
CA ASN C 115 -16.81 -1.29 -25.40
C ASN C 115 -16.28 -0.93 -23.99
N GLY C 116 -15.20 -0.16 -23.93
CA GLY C 116 -14.59 0.30 -22.68
C GLY C 116 -15.17 1.64 -22.17
N ILE C 117 -15.32 2.63 -23.05
CA ILE C 117 -15.62 3.99 -22.59
C ILE C 117 -17.07 4.35 -22.80
N ARG C 118 -17.54 4.21 -24.03
CA ARG C 118 -18.86 4.70 -24.38
C ARG C 118 -19.95 3.84 -23.71
N SER C 119 -19.71 2.55 -23.54
CA SER C 119 -20.57 1.68 -22.72
C SER C 119 -20.87 2.35 -21.38
N ILE C 120 -19.83 2.86 -20.74
CA ILE C 120 -20.02 3.45 -19.41
C ILE C 120 -20.58 4.85 -19.51
N SER C 121 -19.99 5.67 -20.40
CA SER C 121 -20.40 7.07 -20.54
C SER C 121 -21.83 7.27 -20.82
N LYS C 122 -22.36 6.55 -21.79
CA LYS C 122 -23.78 6.63 -22.09
C LYS C 122 -24.67 6.50 -20.83
N SER C 123 -24.42 5.46 -20.04
CA SER C 123 -25.27 5.18 -18.86
C SER C 123 -25.07 6.22 -17.80
N VAL C 124 -23.82 6.51 -17.54
CA VAL C 124 -23.50 7.32 -16.38
C VAL C 124 -23.73 8.77 -16.68
N LEU C 125 -23.14 9.25 -17.77
CA LEU C 125 -23.22 10.65 -18.09
C LEU C 125 -24.58 11.02 -18.67
N PHE C 126 -25.23 10.12 -19.42
CA PHE C 126 -26.49 10.48 -20.11
C PHE C 126 -27.77 9.88 -19.53
N GLN C 127 -27.65 8.91 -18.65
CA GLN C 127 -28.85 8.27 -18.15
C GLN C 127 -28.91 8.25 -16.64
N GLY C 128 -27.96 8.94 -16.02
CA GLY C 128 -27.88 9.02 -14.56
C GLY C 128 -27.58 7.70 -13.92
N GLN C 129 -26.95 6.77 -14.64
CA GLN C 129 -26.53 5.50 -14.01
C GLN C 129 -25.50 5.77 -12.89
N THR C 130 -25.76 5.17 -11.74
CA THR C 130 -24.92 5.17 -10.55
C THR C 130 -24.12 3.90 -10.34
N LYS C 131 -24.74 2.75 -10.59
CA LYS C 131 -24.06 1.50 -10.36
C LYS C 131 -23.85 0.88 -11.71
N VAL C 132 -22.60 0.59 -12.04
CA VAL C 132 -22.18 0.16 -13.35
C VAL C 132 -21.73 -1.31 -13.25
N PRO C 133 -22.26 -2.20 -14.13
CA PRO C 133 -21.92 -3.62 -14.01
C PRO C 133 -20.43 -3.96 -13.94
N LYS C 134 -20.14 -5.06 -13.25
CA LYS C 134 -18.79 -5.59 -13.09
C LYS C 134 -18.07 -5.85 -14.44
N GLU C 135 -18.82 -6.29 -15.45
CA GLU C 135 -18.28 -6.48 -16.82
C GLU C 135 -17.55 -5.23 -17.38
N ARG C 136 -18.01 -4.03 -17.03
CA ARG C 136 -17.42 -2.80 -17.57
C ARG C 136 -16.05 -2.52 -16.93
N TYR C 137 -15.86 -3.00 -15.70
CA TYR C 137 -14.59 -2.88 -14.96
C TYR C 137 -13.57 -3.87 -15.49
N ASP C 138 -13.99 -5.11 -15.64
CA ASP C 138 -13.08 -6.09 -16.26
C ASP C 138 -12.77 -5.79 -17.75
N ALA C 139 -13.68 -5.18 -18.54
CA ALA C 139 -13.30 -4.77 -19.93
C ALA C 139 -12.04 -3.88 -19.94
N ILE C 140 -12.01 -2.92 -19.02
CA ILE C 140 -10.92 -1.96 -18.95
C ILE C 140 -9.63 -2.66 -18.47
N ILE C 141 -9.74 -3.58 -17.53
CA ILE C 141 -8.55 -4.38 -17.15
C ILE C 141 -8.00 -5.09 -18.40
N GLU C 142 -8.90 -5.75 -19.10
CA GLU C 142 -8.49 -6.42 -20.32
C GLU C 142 -7.83 -5.44 -21.32
N ILE C 143 -8.35 -4.20 -21.39
CA ILE C 143 -7.77 -3.18 -22.29
C ILE C 143 -6.32 -2.87 -21.86
N TYR C 144 -6.13 -2.61 -20.58
CA TYR C 144 -4.77 -2.39 -20.05
C TYR C 144 -3.87 -3.58 -20.33
N ASP C 145 -4.41 -4.77 -20.10
CA ASP C 145 -3.67 -5.96 -20.41
C ASP C 145 -3.20 -6.02 -21.89
N PHE C 146 -4.11 -5.80 -22.85
CA PHE C 146 -3.71 -5.85 -24.28
C PHE C 146 -2.67 -4.75 -24.59
N VAL C 147 -2.82 -3.57 -24.02
CA VAL C 147 -1.92 -2.44 -24.38
C VAL C 147 -0.52 -2.67 -23.84
N GLU C 148 -0.44 -3.21 -22.62
CA GLU C 148 0.86 -3.58 -22.06
C GLU C 148 1.52 -4.54 -23.01
N THR C 149 0.81 -5.59 -23.39
CA THR C 149 1.34 -6.57 -24.35
C THR C 149 1.77 -5.89 -25.64
N PHE C 150 0.93 -5.01 -26.21
CA PHE C 150 1.21 -4.33 -27.50
C PHE C 150 2.48 -3.44 -27.46
N LEU C 151 2.76 -2.91 -26.29
CA LEU C 151 3.99 -2.18 -26.07
C LEU C 151 5.22 -3.06 -25.86
N LYS C 152 5.08 -4.37 -25.78
CA LYS C 152 6.29 -5.18 -25.54
C LYS C 152 7.40 -4.87 -26.57
N GLY C 153 8.53 -4.42 -26.03
CA GLY C 153 9.75 -4.35 -26.81
C GLY C 153 9.82 -3.18 -27.73
N GLN C 154 9.07 -2.12 -27.46
CA GLN C 154 9.13 -0.93 -28.33
C GLN C 154 8.58 0.26 -27.61
N ASP C 155 8.97 1.44 -28.09
CA ASP C 155 8.63 2.68 -27.39
C ASP C 155 7.26 3.24 -27.81
N TYR C 156 6.74 2.83 -28.96
CA TYR C 156 5.45 3.33 -29.41
C TYR C 156 4.47 2.18 -29.64
N ILE C 157 3.20 2.54 -29.75
CA ILE C 157 2.17 1.53 -29.82
C ILE C 157 2.27 0.66 -31.06
N ALA C 158 2.84 1.17 -32.17
CA ALA C 158 2.77 0.49 -33.45
C ALA C 158 4.07 0.30 -34.17
N GLY C 159 5.15 0.69 -33.57
CA GLY C 159 6.41 0.37 -34.18
C GLY C 159 7.34 1.17 -33.36
N ASN C 160 8.39 1.63 -34.01
CA ASN C 160 9.46 2.30 -33.31
C ASN C 160 9.43 3.79 -33.55
N GLN C 161 8.36 4.26 -34.20
CA GLN C 161 8.16 5.68 -34.48
C GLN C 161 6.78 6.09 -34.04
N LEU C 162 6.68 7.35 -33.65
CA LEU C 162 5.40 7.99 -33.32
C LEU C 162 4.44 7.93 -34.50
N THR C 163 3.20 7.47 -34.25
CA THR C 163 2.12 7.48 -35.29
C THR C 163 0.74 7.99 -34.79
N ILE C 164 -0.20 8.13 -35.71
CA ILE C 164 -1.56 8.44 -35.30
C ILE C 164 -2.18 7.35 -34.38
N ALA C 165 -1.71 6.10 -34.45
CA ALA C 165 -2.04 5.05 -33.44
C ALA C 165 -1.71 5.47 -32.01
N ASP C 166 -0.58 6.16 -31.82
CA ASP C 166 -0.24 6.70 -30.49
C ASP C 166 -1.25 7.75 -30.07
N PHE C 167 -1.63 8.65 -30.97
CA PHE C 167 -2.52 9.75 -30.61
C PHE C 167 -3.88 9.24 -30.24
N SER C 168 -4.38 8.30 -31.06
CA SER C 168 -5.70 7.68 -30.87
C SER C 168 -5.73 6.88 -29.54
N LEU C 169 -4.80 5.96 -29.34
CA LEU C 169 -4.81 5.13 -28.15
C LEU C 169 -4.42 5.90 -26.87
N VAL C 170 -3.58 6.93 -26.97
CA VAL C 170 -3.31 7.72 -25.76
C VAL C 170 -4.51 8.60 -25.33
N SER C 171 -5.28 9.10 -26.29
CA SER C 171 -6.43 9.93 -25.94
C SER C 171 -7.42 9.11 -25.12
N SER C 172 -7.62 7.85 -25.47
CA SER C 172 -8.56 7.00 -24.72
C SER C 172 -7.93 6.21 -23.55
N VAL C 173 -6.74 5.67 -23.74
CA VAL C 173 -6.14 4.89 -22.69
C VAL C 173 -5.87 5.74 -21.46
N ALA C 174 -5.39 6.97 -21.64
CA ALA C 174 -5.20 7.90 -20.52
C ALA C 174 -6.53 8.21 -19.87
N SER C 175 -7.59 8.27 -20.67
CA SER C 175 -8.89 8.64 -20.14
C SER C 175 -9.46 7.55 -19.20
N LEU C 176 -8.98 6.33 -19.37
CA LEU C 176 -9.46 5.19 -18.59
C LEU C 176 -9.20 5.32 -17.08
N GLU C 177 -8.32 6.26 -16.69
CA GLU C 177 -8.20 6.67 -15.32
C GLU C 177 -9.51 7.10 -14.77
N ALA C 178 -10.34 7.75 -15.57
CA ALA C 178 -11.64 8.16 -15.11
C ALA C 178 -12.44 7.00 -14.47
N PHE C 179 -12.07 5.75 -14.76
CA PHE C 179 -12.84 4.58 -14.39
C PHE C 179 -12.03 3.66 -13.51
N VAL C 180 -10.83 3.29 -13.96
CA VAL C 180 -9.89 2.46 -13.19
C VAL C 180 -8.51 3.08 -13.27
N ALA C 181 -7.93 3.35 -12.10
CA ALA C 181 -6.67 4.08 -12.01
C ALA C 181 -5.60 3.17 -12.47
N LEU C 182 -4.67 3.69 -13.24
CA LEU C 182 -3.63 2.88 -13.82
C LEU C 182 -2.52 2.54 -12.80
N ASP C 183 -2.39 1.26 -12.51
CA ASP C 183 -1.33 0.76 -11.65
C ASP C 183 -0.09 0.61 -12.47
N THR C 184 0.82 1.59 -12.41
CA THR C 184 2.07 1.49 -13.20
C THR C 184 3.16 0.55 -12.64
N THR C 185 2.94 -0.03 -11.45
CA THR C 185 3.74 -1.21 -11.04
C THR C 185 3.33 -2.40 -11.89
N LYS C 186 2.03 -2.58 -12.04
CA LYS C 186 1.50 -3.65 -12.90
C LYS C 186 1.64 -3.38 -14.43
N TYR C 187 1.51 -2.13 -14.84
CA TYR C 187 1.53 -1.80 -16.25
C TYR C 187 2.63 -0.80 -16.52
N PRO C 188 3.89 -1.22 -16.29
CA PRO C 188 4.97 -0.21 -16.36
C PRO C 188 5.12 0.30 -17.78
N ARG C 189 4.79 -0.54 -18.77
CA ARG C 189 4.94 -0.09 -20.14
C ARG C 189 3.90 0.96 -20.53
N ILE C 190 2.66 0.86 -20.03
CA ILE C 190 1.64 1.88 -20.28
C ILE C 190 2.15 3.16 -19.62
N GLY C 191 2.65 3.05 -18.37
CA GLY C 191 3.26 4.17 -17.62
C GLY C 191 4.29 4.95 -18.41
N ALA C 192 5.24 4.24 -18.99
CA ALA C 192 6.36 4.86 -19.68
C ALA C 192 5.98 5.41 -21.04
N TRP C 193 5.08 4.71 -21.74
CA TRP C 193 4.52 5.22 -23.00
C TRP C 193 3.72 6.55 -22.81
N ILE C 194 2.81 6.62 -21.85
CA ILE C 194 2.15 7.88 -21.54
C ILE C 194 3.19 9.00 -21.23
N LYS C 195 4.10 8.71 -20.31
CA LYS C 195 5.11 9.68 -19.88
C LYS C 195 5.93 10.13 -21.09
N LYS C 196 6.30 9.20 -21.97
CA LYS C 196 7.02 9.58 -23.19
C LYS C 196 6.24 10.58 -24.07
N LEU C 197 4.94 10.29 -24.26
CA LEU C 197 4.07 11.14 -25.07
C LEU C 197 3.80 12.50 -24.38
N GLU C 198 3.92 12.52 -23.05
CA GLU C 198 3.77 13.75 -22.27
C GLU C 198 4.90 14.78 -22.48
N GLN C 199 6.03 14.30 -22.98
CA GLN C 199 7.10 15.14 -23.36
C GLN C 199 6.81 15.89 -24.65
N LEU C 200 5.89 15.41 -25.47
CA LEU C 200 5.51 16.21 -26.63
C LEU C 200 5.06 17.62 -26.24
N PRO C 201 5.61 18.64 -26.92
CA PRO C 201 5.34 20.04 -26.54
C PRO C 201 3.87 20.42 -26.51
N TYR C 202 3.09 19.77 -27.37
CA TYR C 202 1.69 20.08 -27.60
C TYR C 202 0.78 19.12 -26.85
N TYR C 203 1.39 18.21 -26.08
CA TYR C 203 0.62 17.17 -25.44
C TYR C 203 -0.32 17.70 -24.36
N GLU C 204 0.19 18.59 -23.52
CA GLU C 204 -0.56 19.09 -22.38
C GLU C 204 -1.87 19.76 -22.81
N GLU C 205 -1.76 20.59 -23.84
CA GLU C 205 -2.91 21.34 -24.33
C GLU C 205 -3.88 20.47 -25.17
N ALA C 206 -3.33 19.55 -25.99
CA ALA C 206 -4.14 18.64 -26.87
C ALA C 206 -4.84 17.49 -26.17
N ASN C 207 -4.11 16.83 -25.25
CA ASN C 207 -4.61 15.66 -24.48
C ASN C 207 -4.64 15.82 -22.97
N GLY C 208 -3.55 16.29 -22.37
CA GLY C 208 -3.45 16.37 -20.91
C GLY C 208 -4.62 17.00 -20.17
N LYS C 209 -4.94 18.24 -20.50
CA LYS C 209 -6.00 18.90 -19.76
C LYS C 209 -7.31 18.15 -19.86
N GLY C 210 -7.66 17.70 -21.07
CA GLY C 210 -8.97 17.09 -21.29
C GLY C 210 -9.10 15.78 -20.55
N VAL C 211 -8.01 15.01 -20.52
CA VAL C 211 -7.97 13.79 -19.73
C VAL C 211 -8.31 14.11 -18.26
N ARG C 212 -7.70 15.17 -17.70
CA ARG C 212 -7.98 15.57 -16.33
C ARG C 212 -9.40 16.08 -16.17
N GLN C 213 -9.93 16.79 -17.16
CA GLN C 213 -11.35 17.18 -17.14
C GLN C 213 -12.32 16.00 -17.17
N LEU C 214 -12.09 15.04 -18.04
CA LEU C 214 -12.95 13.83 -18.05
C LEU C 214 -12.88 13.10 -16.72
N VAL C 215 -11.68 12.96 -16.18
CA VAL C 215 -11.52 12.36 -14.84
C VAL C 215 -12.40 13.02 -13.80
N ALA C 216 -12.32 14.34 -13.70
CA ALA C 216 -13.21 15.09 -12.83
C ALA C 216 -14.72 14.97 -13.13
N ILE C 217 -15.10 14.91 -14.41
CA ILE C 217 -16.52 14.74 -14.75
C ILE C 217 -17.06 13.45 -14.13
N PHE C 218 -16.31 12.38 -14.30
CA PHE C 218 -16.71 11.14 -13.76
C PHE C 218 -16.65 11.04 -12.24
N LYS C 219 -15.67 11.64 -11.59
CA LYS C 219 -15.68 11.65 -10.10
C LYS C 219 -16.97 12.26 -9.52
N LYS C 220 -17.41 13.36 -10.15
CA LYS C 220 -18.61 14.11 -9.76
C LYS C 220 -19.92 13.27 -9.81
N THR C 221 -19.99 12.35 -10.75
CA THR C 221 -21.14 11.44 -10.82
C THR C 221 -21.23 10.50 -9.64
N ASN C 222 -20.08 10.17 -9.04
CA ASN C 222 -19.97 9.22 -7.92
C ASN C 222 -20.40 7.78 -8.27
N PHE C 223 -20.31 7.40 -9.54
CA PHE C 223 -20.67 6.06 -9.93
C PHE C 223 -19.74 5.14 -9.18
N THR C 224 -20.15 3.88 -9.03
CA THR C 224 -19.31 2.85 -8.52
C THR C 224 -19.51 1.58 -9.35
N PHE C 225 -18.52 0.68 -9.39
CA PHE C 225 -18.74 -0.60 -10.08
C PHE C 225 -19.53 -1.58 -9.22
N GLU C 226 -20.38 -2.37 -9.88
CA GLU C 226 -20.98 -3.63 -9.39
C GLU C 226 -22.39 -3.46 -8.90
N LYS D 8 2.43 -16.58 -50.46
CA LYS D 8 1.29 -17.47 -50.12
C LYS D 8 0.62 -16.94 -48.86
N LEU D 9 -0.68 -17.12 -48.83
CA LEU D 9 -1.51 -16.49 -47.89
C LEU D 9 -2.24 -17.55 -47.14
N THR D 10 -2.33 -17.38 -45.83
CA THR D 10 -3.26 -18.22 -45.05
C THR D 10 -4.08 -17.35 -44.19
N LEU D 11 -5.35 -17.72 -44.11
CA LEU D 11 -6.33 -17.01 -43.29
C LEU D 11 -6.79 -17.90 -42.14
N TYR D 12 -6.80 -17.37 -40.92
CA TYR D 12 -7.26 -18.16 -39.81
C TYR D 12 -8.58 -17.63 -39.31
N GLY D 13 -9.51 -18.53 -39.19
CA GLY D 13 -10.77 -18.21 -38.64
C GLY D 13 -11.73 -19.33 -38.95
N LEU D 14 -13.01 -18.95 -38.97
CA LEU D 14 -14.14 -19.85 -39.17
C LEU D 14 -15.25 -19.05 -39.79
N ASP D 15 -16.13 -19.73 -40.51
CA ASP D 15 -17.16 -19.12 -41.36
C ASP D 15 -18.30 -18.35 -40.68
N PRO D 16 -18.77 -18.81 -39.51
CA PRO D 16 -19.81 -17.99 -38.86
C PRO D 16 -19.34 -16.57 -38.41
N SER D 17 -18.02 -16.34 -38.31
CA SER D 17 -17.53 -15.08 -37.74
C SER D 17 -17.64 -13.94 -38.74
N PRO D 18 -18.39 -12.87 -38.40
CA PRO D 18 -18.51 -11.72 -39.33
C PRO D 18 -17.19 -11.14 -39.88
N PRO D 19 -16.18 -10.84 -39.00
CA PRO D 19 -14.91 -10.26 -39.53
C PRO D 19 -14.09 -11.22 -40.34
N VAL D 20 -14.28 -12.54 -40.12
CA VAL D 20 -13.60 -13.52 -40.98
C VAL D 20 -14.17 -13.44 -42.41
N ARG D 21 -15.47 -13.35 -42.53
CA ARG D 21 -16.15 -13.24 -43.82
C ARG D 21 -15.90 -11.89 -44.56
N ALA D 22 -15.67 -10.79 -43.85
CA ALA D 22 -15.21 -9.58 -44.52
C ALA D 22 -13.91 -9.90 -45.27
N VAL D 23 -13.05 -10.71 -44.66
CA VAL D 23 -11.79 -11.09 -45.34
C VAL D 23 -11.99 -12.04 -46.50
N LYS D 24 -12.89 -13.00 -46.37
CA LYS D 24 -13.15 -13.95 -47.44
C LYS D 24 -13.72 -13.24 -48.66
N LEU D 25 -14.60 -12.26 -48.41
CA LEU D 25 -15.12 -11.43 -49.50
C LEU D 25 -14.02 -10.69 -50.22
N THR D 26 -13.04 -10.18 -49.46
CA THR D 26 -11.98 -9.38 -50.06
C THR D 26 -11.04 -10.25 -50.88
N LEU D 27 -10.68 -11.41 -50.31
CA LEU D 27 -9.85 -12.38 -51.02
C LEU D 27 -10.55 -12.83 -52.30
N ALA D 28 -11.85 -13.08 -52.22
CA ALA D 28 -12.57 -13.62 -53.40
C ALA D 28 -12.65 -12.55 -54.45
N ALA D 29 -12.88 -11.30 -53.99
CA ALA D 29 -12.98 -10.13 -54.90
C ALA D 29 -11.67 -9.93 -55.67
N LEU D 30 -10.53 -10.16 -54.99
CA LEU D 30 -9.23 -9.98 -55.69
C LEU D 30 -8.78 -11.27 -56.37
N ASN D 31 -9.53 -12.35 -56.20
CA ASN D 31 -9.15 -13.66 -56.72
C ASN D 31 -7.74 -14.06 -56.29
N LEU D 32 -7.54 -13.97 -54.98
CA LEU D 32 -6.32 -14.46 -54.37
C LEU D 32 -6.55 -15.86 -53.83
N THR D 33 -5.58 -16.71 -54.12
CA THR D 33 -5.47 -18.04 -53.57
C THR D 33 -5.04 -17.93 -52.15
N TYR D 34 -5.57 -18.83 -51.32
CA TYR D 34 -5.14 -18.89 -49.93
C TYR D 34 -5.45 -20.24 -49.27
N GLU D 35 -4.71 -20.54 -48.21
CA GLU D 35 -5.09 -21.60 -47.30
C GLU D 35 -5.95 -21.00 -46.21
N TYR D 36 -6.99 -21.72 -45.81
CA TYR D 36 -7.92 -21.34 -44.76
C TYR D 36 -7.81 -22.31 -43.62
N VAL D 37 -7.34 -21.88 -42.45
CA VAL D 37 -7.14 -22.76 -41.32
C VAL D 37 -8.17 -22.46 -40.28
N ASN D 38 -8.93 -23.46 -39.89
CA ASN D 38 -9.89 -23.30 -38.84
C ASN D 38 -9.27 -22.96 -37.48
N VAL D 39 -9.92 -22.05 -36.77
CA VAL D 39 -9.61 -21.77 -35.35
C VAL D 39 -10.91 -21.94 -34.57
N ASP D 40 -10.94 -23.00 -33.76
CA ASP D 40 -12.14 -23.38 -33.01
C ASP D 40 -12.24 -22.55 -31.74
N ILE D 41 -12.84 -21.38 -31.88
CA ILE D 41 -12.95 -20.47 -30.76
C ILE D 41 -13.91 -20.95 -29.66
N VAL D 42 -14.80 -21.91 -29.98
CA VAL D 42 -15.61 -22.57 -28.93
C VAL D 42 -14.72 -23.44 -28.05
N ALA D 43 -13.72 -24.06 -28.65
CA ALA D 43 -12.72 -24.82 -27.88
C ALA D 43 -11.62 -23.94 -27.34
N ARG D 44 -11.78 -22.62 -27.46
CA ARG D 44 -10.76 -21.67 -27.02
C ARG D 44 -9.42 -21.97 -27.66
N ALA D 45 -9.41 -22.43 -28.93
CA ALA D 45 -8.13 -22.71 -29.60
C ALA D 45 -7.29 -21.43 -29.90
N GLN D 46 -7.95 -20.28 -29.98
CA GLN D 46 -7.24 -18.99 -30.09
C GLN D 46 -6.44 -18.56 -28.81
N LEU D 47 -6.64 -19.25 -27.68
CA LEU D 47 -5.86 -18.99 -26.45
C LEU D 47 -4.61 -19.89 -26.34
N SER D 48 -4.34 -20.70 -27.37
CA SER D 48 -3.18 -21.57 -27.38
C SER D 48 -1.96 -20.74 -27.57
N PRO D 49 -0.85 -21.13 -26.93
CA PRO D 49 0.39 -20.39 -27.04
C PRO D 49 0.83 -20.22 -28.47
N GLU D 50 0.66 -21.26 -29.27
CA GLU D 50 0.95 -21.16 -30.69
C GLU D 50 0.08 -20.09 -31.43
N TYR D 51 -1.21 -19.95 -31.10
CA TYR D 51 -2.00 -18.92 -31.79
C TYR D 51 -1.59 -17.52 -31.32
N LEU D 52 -1.46 -17.38 -30.00
CA LEU D 52 -1.08 -16.12 -29.36
C LEU D 52 0.19 -15.56 -29.95
N GLU D 53 1.08 -16.45 -30.40
CA GLU D 53 2.29 -16.06 -31.09
C GLU D 53 2.03 -15.33 -32.41
N LYS D 54 0.95 -15.73 -33.09
CA LYS D 54 0.56 -15.09 -34.33
C LYS D 54 -0.20 -13.79 -34.05
N ASN D 55 -1.08 -13.85 -33.07
CA ASN D 55 -1.92 -12.73 -32.77
C ASN D 55 -2.10 -12.65 -31.28
N PRO D 56 -1.32 -11.76 -30.64
CA PRO D 56 -1.44 -11.68 -29.21
C PRO D 56 -2.79 -11.23 -28.71
N GLN D 57 -3.64 -10.64 -29.57
CA GLN D 57 -5.01 -10.24 -29.15
C GLN D 57 -5.96 -11.42 -29.18
N HIS D 58 -5.42 -12.52 -29.70
CA HIS D 58 -6.09 -13.78 -29.91
C HIS D 58 -7.49 -13.64 -30.51
N THR D 59 -7.53 -12.98 -31.66
CA THR D 59 -8.77 -12.81 -32.38
C THR D 59 -8.66 -13.54 -33.69
N VAL D 60 -9.82 -13.88 -34.26
CA VAL D 60 -9.92 -14.27 -35.63
C VAL D 60 -10.65 -13.10 -36.28
N PRO D 61 -10.25 -12.75 -37.50
CA PRO D 61 -9.26 -13.36 -38.39
C PRO D 61 -7.84 -12.97 -38.12
N THR D 62 -6.91 -13.84 -38.50
CA THR D 62 -5.54 -13.45 -38.69
C THR D 62 -5.17 -13.80 -40.09
N LEU D 63 -4.37 -12.95 -40.71
CA LEU D 63 -3.76 -13.20 -42.03
C LEU D 63 -2.24 -13.43 -41.89
N GLU D 64 -1.77 -14.48 -42.54
CA GLU D 64 -0.33 -14.70 -42.67
C GLU D 64 0.03 -14.47 -44.10
N ASP D 65 0.97 -13.57 -44.31
CA ASP D 65 1.50 -13.33 -45.64
C ASP D 65 3.00 -13.58 -45.57
N ASP D 66 3.44 -14.72 -46.12
CA ASP D 66 4.87 -15.08 -46.19
C ASP D 66 5.62 -14.86 -44.88
N GLY D 67 5.15 -15.46 -43.79
CA GLY D 67 5.75 -15.25 -42.47
C GLY D 67 5.28 -14.07 -41.64
N HIS D 68 4.70 -13.06 -42.28
CA HIS D 68 4.16 -11.88 -41.58
C HIS D 68 2.72 -12.12 -41.12
N TYR D 69 2.40 -11.65 -39.92
CA TYR D 69 1.11 -11.87 -39.28
C TYR D 69 0.35 -10.56 -39.16
N ILE D 70 -0.85 -10.48 -39.72
CA ILE D 70 -1.67 -9.27 -39.72
C ILE D 70 -3.04 -9.58 -39.10
N TRP D 71 -3.50 -8.83 -38.12
CA TRP D 71 -4.87 -9.07 -37.62
C TRP D 71 -5.75 -7.82 -37.56
N ASP D 72 -7.01 -8.05 -37.22
CA ASP D 72 -8.12 -7.09 -37.45
C ASP D 72 -8.56 -7.12 -38.93
N SER D 73 -9.79 -7.51 -39.16
CA SER D 73 -10.28 -7.66 -40.52
C SER D 73 -10.16 -6.40 -41.40
N HIS D 74 -10.30 -5.24 -40.77
CA HIS D 74 -10.23 -3.94 -41.47
C HIS D 74 -8.79 -3.63 -41.90
N ALA D 75 -7.82 -4.00 -41.05
CA ALA D 75 -6.42 -3.75 -41.41
C ALA D 75 -6.02 -4.76 -42.49
N ILE D 76 -6.43 -6.01 -42.30
CA ILE D 76 -6.18 -7.05 -43.24
C ILE D 76 -6.72 -6.68 -44.66
N ILE D 77 -7.97 -6.26 -44.77
CA ILE D 77 -8.60 -6.00 -46.09
C ILE D 77 -8.04 -4.73 -46.81
N ALA D 78 -7.71 -3.71 -46.03
CA ALA D 78 -6.85 -2.63 -46.51
C ALA D 78 -5.49 -3.09 -47.07
N TYR D 79 -4.75 -3.86 -46.29
CA TYR D 79 -3.41 -4.40 -46.70
C TYR D 79 -3.62 -5.19 -48.00
N LEU D 80 -4.62 -6.06 -48.00
CA LEU D 80 -4.81 -6.92 -49.18
C LEU D 80 -4.98 -6.08 -50.42
N VAL D 81 -5.90 -5.10 -50.39
CA VAL D 81 -6.15 -4.25 -51.57
C VAL D 81 -4.89 -3.46 -51.93
N SER D 82 -4.29 -2.81 -50.95
CA SER D 82 -3.08 -2.04 -51.15
C SER D 82 -2.01 -2.78 -51.84
N LYS D 83 -1.80 -4.02 -51.46
CA LYS D 83 -0.67 -4.74 -51.98
C LYS D 83 -0.99 -5.49 -53.26
N TYR D 84 -2.18 -6.07 -53.32
CA TYR D 84 -2.42 -7.08 -54.37
C TYR D 84 -3.42 -6.72 -55.44
N ALA D 85 -4.20 -5.68 -55.22
CA ALA D 85 -5.24 -5.30 -56.20
C ALA D 85 -4.68 -4.58 -57.41
N ASP D 86 -5.33 -4.71 -58.56
CA ASP D 86 -4.87 -4.07 -59.81
C ASP D 86 -5.14 -2.55 -59.88
N SER D 87 -6.01 -2.07 -59.01
CA SER D 87 -6.23 -0.64 -58.85
C SER D 87 -6.75 -0.44 -57.44
N ASP D 88 -6.94 0.83 -57.09
CA ASP D 88 -7.42 1.18 -55.77
C ASP D 88 -8.95 1.21 -55.67
N ALA D 89 -9.68 0.63 -56.63
CA ALA D 89 -11.14 0.70 -56.70
C ALA D 89 -11.81 0.32 -55.39
N LEU D 90 -11.43 -0.82 -54.82
CA LEU D 90 -12.05 -1.29 -53.54
C LEU D 90 -11.58 -0.48 -52.30
N TYR D 91 -10.49 0.26 -52.43
CA TYR D 91 -9.96 1.08 -51.31
C TYR D 91 -9.31 2.36 -51.84
N PRO D 92 -10.13 3.26 -52.41
CA PRO D 92 -9.50 4.42 -53.08
C PRO D 92 -8.54 5.29 -52.24
N LYS D 93 -7.44 5.71 -52.86
CA LYS D 93 -6.40 6.50 -52.23
C LYS D 93 -6.69 7.96 -52.14
N ASP D 94 -7.48 8.49 -53.06
CA ASP D 94 -7.91 9.85 -52.98
C ASP D 94 -8.30 10.23 -51.50
N PRO D 95 -7.77 11.35 -50.98
CA PRO D 95 -8.00 11.50 -49.56
C PRO D 95 -9.46 11.68 -49.10
N LEU D 96 -10.29 12.41 -49.85
CA LEU D 96 -11.75 12.46 -49.57
C LEU D 96 -12.53 11.16 -49.64
N LYS D 97 -12.35 10.42 -50.72
CA LYS D 97 -13.00 9.11 -50.88
C LYS D 97 -12.51 8.11 -49.83
N ARG D 98 -11.20 8.09 -49.62
CA ARG D 98 -10.59 7.28 -48.55
C ARG D 98 -11.21 7.60 -47.22
N ALA D 99 -11.55 8.86 -46.98
CA ALA D 99 -12.07 9.23 -45.64
C ALA D 99 -13.47 8.69 -45.35
N VAL D 100 -14.30 8.60 -46.39
CA VAL D 100 -15.61 8.02 -46.18
C VAL D 100 -15.47 6.54 -45.87
N VAL D 101 -14.59 5.86 -46.61
CA VAL D 101 -14.42 4.43 -46.45
C VAL D 101 -13.87 4.14 -45.06
N ASP D 102 -12.83 4.87 -44.63
CA ASP D 102 -12.27 4.67 -43.30
C ASP D 102 -13.35 4.94 -42.25
N GLN D 103 -14.18 5.98 -42.46
CA GLN D 103 -15.15 6.29 -41.45
C GLN D 103 -16.07 5.06 -41.32
N ARG D 104 -16.55 4.53 -42.42
CA ARG D 104 -17.44 3.36 -42.45
C ARG D 104 -16.80 2.10 -41.83
N LEU D 105 -15.55 1.82 -42.17
CA LEU D 105 -14.81 0.71 -41.52
C LEU D 105 -14.73 0.91 -40.02
N HIS D 106 -14.37 2.13 -39.61
CA HIS D 106 -14.27 2.40 -38.14
C HIS D 106 -15.62 2.32 -37.41
N PHE D 107 -16.70 2.74 -38.08
CA PHE D 107 -18.08 2.59 -37.60
C PHE D 107 -18.35 1.10 -37.35
N GLU D 108 -17.95 0.26 -38.30
CA GLU D 108 -18.18 -1.20 -38.19
C GLU D 108 -17.41 -1.80 -36.99
N SER D 109 -16.14 -1.41 -36.81
CA SER D 109 -15.32 -1.97 -35.74
C SER D 109 -16.00 -1.76 -34.39
N GLY D 110 -16.57 -0.55 -34.20
CA GLY D 110 -17.11 -0.13 -32.91
C GLY D 110 -18.63 -0.14 -32.72
N VAL D 111 -19.33 0.78 -33.38
CA VAL D 111 -20.78 0.80 -33.27
C VAL D 111 -21.40 -0.54 -33.68
N VAL D 112 -20.89 -1.15 -34.74
CA VAL D 112 -21.52 -2.38 -35.19
C VAL D 112 -20.95 -3.63 -34.46
N PHE D 113 -19.72 -3.95 -34.72
CA PHE D 113 -19.18 -5.21 -34.23
C PHE D 113 -19.03 -5.20 -32.72
N ALA D 114 -18.22 -4.27 -32.15
CA ALA D 114 -17.98 -4.35 -30.72
C ALA D 114 -19.26 -4.11 -29.93
N ASN D 115 -20.04 -3.09 -30.30
CA ASN D 115 -21.20 -2.76 -29.52
C ASN D 115 -22.51 -3.57 -29.87
N GLY D 116 -22.64 -4.04 -31.10
CA GLY D 116 -23.85 -4.74 -31.52
C GLY D 116 -23.77 -6.25 -31.48
N ILE D 117 -22.61 -6.81 -31.88
CA ILE D 117 -22.45 -8.26 -32.04
C ILE D 117 -21.67 -8.89 -30.90
N ARG D 118 -20.46 -8.39 -30.66
CA ARG D 118 -19.60 -9.06 -29.71
C ARG D 118 -20.18 -8.91 -28.33
N SER D 119 -20.95 -7.85 -28.11
CA SER D 119 -21.56 -7.62 -26.82
C SER D 119 -22.55 -8.72 -26.49
N ILE D 120 -23.18 -9.31 -27.51
CA ILE D 120 -24.14 -10.39 -27.32
C ILE D 120 -23.48 -11.74 -27.44
N SER D 121 -22.70 -11.95 -28.51
CA SER D 121 -22.14 -13.27 -28.71
C SER D 121 -21.14 -13.69 -27.61
N LYS D 122 -20.44 -12.77 -26.97
CA LYS D 122 -19.61 -13.15 -25.84
C LYS D 122 -20.42 -13.82 -24.75
N SER D 123 -21.49 -13.17 -24.31
CA SER D 123 -22.31 -13.70 -23.19
C SER D 123 -23.02 -14.99 -23.59
N VAL D 124 -23.71 -14.92 -24.73
CA VAL D 124 -24.54 -16.01 -25.16
C VAL D 124 -23.76 -17.22 -25.65
N LEU D 125 -22.86 -17.05 -26.60
CA LEU D 125 -22.09 -18.20 -27.10
C LEU D 125 -21.00 -18.70 -26.15
N PHE D 126 -20.43 -17.83 -25.31
CA PHE D 126 -19.30 -18.26 -24.48
C PHE D 126 -19.51 -18.11 -22.98
N GLN D 127 -20.63 -17.57 -22.54
CA GLN D 127 -20.87 -17.53 -21.10
C GLN D 127 -22.20 -18.12 -20.72
N GLY D 128 -22.75 -18.97 -21.59
CA GLY D 128 -24.10 -19.56 -21.37
C GLY D 128 -25.22 -18.62 -20.91
N GLN D 129 -25.14 -17.32 -21.21
CA GLN D 129 -26.24 -16.39 -20.94
C GLN D 129 -27.38 -16.63 -22.00
N THR D 130 -28.63 -16.65 -21.54
CA THR D 130 -29.81 -16.84 -22.43
C THR D 130 -30.77 -15.65 -22.42
N LYS D 131 -30.48 -14.68 -21.55
CA LYS D 131 -31.30 -13.52 -21.33
C LYS D 131 -30.45 -12.34 -21.69
N VAL D 132 -30.73 -11.73 -22.86
CA VAL D 132 -29.91 -10.63 -23.30
C VAL D 132 -30.57 -9.30 -22.96
N PRO D 133 -29.81 -8.38 -22.35
CA PRO D 133 -30.50 -7.17 -21.94
C PRO D 133 -31.11 -6.43 -23.10
N LYS D 134 -32.13 -5.62 -22.83
CA LYS D 134 -32.84 -4.90 -23.89
C LYS D 134 -31.99 -3.83 -24.57
N GLU D 135 -31.02 -3.27 -23.83
CA GLU D 135 -30.05 -2.31 -24.38
C GLU D 135 -29.36 -2.82 -25.70
N ARG D 136 -29.13 -4.13 -25.76
CA ARG D 136 -28.49 -4.80 -26.87
C ARG D 136 -29.40 -4.80 -28.12
N TYR D 137 -30.71 -4.94 -27.89
CA TYR D 137 -31.71 -4.69 -28.94
C TYR D 137 -31.65 -3.24 -29.42
N ASP D 138 -31.62 -2.26 -28.51
CA ASP D 138 -31.64 -0.85 -28.92
C ASP D 138 -30.40 -0.56 -29.75
N ALA D 139 -29.26 -1.13 -29.37
CA ALA D 139 -28.01 -0.92 -30.11
C ALA D 139 -28.17 -1.35 -31.56
N ILE D 140 -28.94 -2.40 -31.77
CA ILE D 140 -29.05 -2.96 -33.07
C ILE D 140 -29.98 -2.14 -33.91
N ILE D 141 -31.12 -1.74 -33.35
CA ILE D 141 -32.03 -0.85 -34.04
C ILE D 141 -31.30 0.43 -34.41
N GLU D 142 -30.47 0.94 -33.52
CA GLU D 142 -29.69 2.12 -33.83
C GLU D 142 -28.70 1.92 -34.99
N ILE D 143 -28.10 0.73 -35.07
CA ILE D 143 -27.20 0.43 -36.15
C ILE D 143 -27.97 0.42 -37.48
N TYR D 144 -29.12 -0.26 -37.48
CA TYR D 144 -29.93 -0.37 -38.72
C TYR D 144 -30.30 1.04 -39.15
N ASP D 145 -30.71 1.89 -38.19
CA ASP D 145 -31.10 3.29 -38.47
C ASP D 145 -29.98 4.08 -39.11
N PHE D 146 -28.78 3.92 -38.56
CA PHE D 146 -27.59 4.58 -39.10
C PHE D 146 -27.28 4.06 -40.53
N VAL D 147 -27.26 2.76 -40.71
CA VAL D 147 -26.90 2.23 -41.99
C VAL D 147 -27.92 2.66 -43.03
N GLU D 148 -29.21 2.70 -42.69
CA GLU D 148 -30.19 3.14 -43.64
C GLU D 148 -29.94 4.60 -44.05
N THR D 149 -29.51 5.39 -43.09
CA THR D 149 -29.20 6.77 -43.37
C THR D 149 -27.95 6.93 -44.27
N PHE D 150 -26.94 6.10 -44.01
CA PHE D 150 -25.66 6.11 -44.74
C PHE D 150 -25.86 5.70 -46.17
N LEU D 151 -27.00 5.10 -46.45
CA LEU D 151 -27.25 4.62 -47.78
C LEU D 151 -28.05 5.60 -48.58
N LYS D 152 -28.44 6.74 -47.99
CA LYS D 152 -29.25 7.68 -48.76
C LYS D 152 -28.54 8.15 -49.97
N GLY D 153 -29.19 8.10 -51.13
CA GLY D 153 -28.68 8.70 -52.36
C GLY D 153 -27.51 7.95 -52.98
N GLN D 154 -27.27 6.72 -52.56
CA GLN D 154 -26.19 5.97 -53.18
C GLN D 154 -26.45 4.48 -53.01
N ASP D 155 -25.88 3.70 -53.91
CA ASP D 155 -26.08 2.25 -53.95
C ASP D 155 -25.13 1.46 -53.09
N TYR D 156 -24.03 2.09 -52.65
CA TYR D 156 -22.98 1.45 -51.86
C TYR D 156 -22.78 2.25 -50.58
N ILE D 157 -22.16 1.63 -49.59
CA ILE D 157 -22.13 2.20 -48.27
C ILE D 157 -21.24 3.46 -48.18
N ALA D 158 -20.23 3.54 -49.06
CA ALA D 158 -19.22 4.59 -48.96
C ALA D 158 -19.11 5.46 -50.17
N GLY D 159 -20.05 5.31 -51.12
CA GLY D 159 -20.12 6.17 -52.30
C GLY D 159 -20.89 5.43 -53.36
N ASN D 160 -20.44 5.56 -54.60
CA ASN D 160 -21.12 4.92 -55.73
C ASN D 160 -20.34 3.77 -56.30
N GLN D 161 -19.32 3.28 -55.60
CA GLN D 161 -18.57 2.10 -56.06
C GLN D 161 -18.38 1.17 -54.88
N LEU D 162 -18.37 -0.11 -55.19
CA LEU D 162 -18.02 -1.16 -54.25
C LEU D 162 -16.65 -0.89 -53.64
N THR D 163 -16.60 -0.98 -52.30
CA THR D 163 -15.38 -0.83 -51.49
C THR D 163 -15.29 -1.90 -50.41
N ILE D 164 -14.12 -2.01 -49.80
CA ILE D 164 -13.96 -2.92 -48.66
C ILE D 164 -14.93 -2.57 -47.48
N ALA D 165 -15.43 -1.33 -47.43
CA ALA D 165 -16.48 -0.93 -46.47
C ALA D 165 -17.79 -1.68 -46.66
N ASP D 166 -18.15 -1.93 -47.92
CA ASP D 166 -19.29 -2.81 -48.24
C ASP D 166 -19.02 -4.24 -47.71
N PHE D 167 -17.84 -4.76 -47.98
CA PHE D 167 -17.50 -6.11 -47.43
C PHE D 167 -17.55 -6.18 -45.92
N SER D 168 -16.96 -5.17 -45.26
CA SER D 168 -16.93 -5.15 -43.80
C SER D 168 -18.32 -5.03 -43.17
N LEU D 169 -19.08 -4.05 -43.63
CA LEU D 169 -20.41 -3.79 -43.14
C LEU D 169 -21.44 -4.83 -43.54
N VAL D 170 -21.37 -5.40 -44.73
CA VAL D 170 -22.37 -6.42 -45.06
C VAL D 170 -22.06 -7.69 -44.23
N SER D 171 -20.77 -7.94 -43.92
CA SER D 171 -20.43 -9.14 -43.15
C SER D 171 -21.19 -9.13 -41.79
N SER D 172 -21.38 -7.94 -41.25
CA SER D 172 -21.89 -7.80 -39.88
C SER D 172 -23.37 -7.39 -39.88
N VAL D 173 -23.72 -6.45 -40.76
CA VAL D 173 -25.11 -6.01 -40.85
C VAL D 173 -26.00 -7.20 -41.23
N ALA D 174 -25.57 -8.06 -42.18
CA ALA D 174 -26.40 -9.24 -42.53
C ALA D 174 -26.54 -10.24 -41.38
N SER D 175 -25.49 -10.33 -40.57
CA SER D 175 -25.50 -11.17 -39.41
C SER D 175 -26.48 -10.72 -38.33
N LEU D 176 -26.88 -9.43 -38.38
CA LEU D 176 -27.73 -8.90 -37.34
C LEU D 176 -29.07 -9.59 -37.32
N GLU D 177 -29.44 -10.21 -38.45
CA GLU D 177 -30.60 -11.02 -38.49
C GLU D 177 -30.64 -12.01 -37.33
N ALA D 178 -29.52 -12.54 -36.86
CA ALA D 178 -29.54 -13.52 -35.77
C ALA D 178 -30.18 -12.96 -34.53
N PHE D 179 -30.11 -11.65 -34.34
CA PHE D 179 -30.67 -11.05 -33.14
C PHE D 179 -31.92 -10.22 -33.42
N VAL D 180 -31.95 -9.54 -34.56
CA VAL D 180 -33.11 -8.72 -34.90
C VAL D 180 -33.36 -8.83 -36.40
N ALA D 181 -34.46 -9.48 -36.76
CA ALA D 181 -34.80 -9.65 -38.17
C ALA D 181 -35.03 -8.27 -38.74
N LEU D 182 -34.57 -8.06 -39.97
CA LEU D 182 -34.58 -6.77 -40.61
C LEU D 182 -35.94 -6.60 -41.23
N ASP D 183 -36.72 -5.63 -40.77
CA ASP D 183 -37.94 -5.16 -41.45
C ASP D 183 -37.47 -4.38 -42.66
N THR D 184 -37.52 -5.00 -43.84
CA THR D 184 -37.25 -4.26 -45.10
C THR D 184 -38.34 -3.22 -45.52
N THR D 185 -39.47 -3.14 -44.81
CA THR D 185 -40.43 -2.09 -45.08
C THR D 185 -39.92 -0.84 -44.37
N LYS D 186 -39.41 -1.01 -43.16
CA LYS D 186 -38.77 0.08 -42.45
C LYS D 186 -37.39 0.39 -43.01
N TYR D 187 -36.66 -0.61 -43.50
CA TYR D 187 -35.27 -0.44 -43.94
C TYR D 187 -35.07 -0.88 -45.39
N PRO D 188 -35.77 -0.22 -46.35
CA PRO D 188 -35.67 -0.69 -47.75
C PRO D 188 -34.28 -0.50 -48.36
N ARG D 189 -33.53 0.47 -47.86
CA ARG D 189 -32.22 0.73 -48.45
C ARG D 189 -31.28 -0.39 -48.03
N ILE D 190 -31.37 -0.88 -46.78
CA ILE D 190 -30.52 -2.02 -46.33
C ILE D 190 -30.93 -3.33 -47.02
N GLY D 191 -32.23 -3.50 -47.20
CA GLY D 191 -32.78 -4.57 -48.05
C GLY D 191 -32.16 -4.65 -49.44
N ALA D 192 -32.22 -3.56 -50.15
CA ALA D 192 -31.69 -3.47 -51.52
C ALA D 192 -30.19 -3.54 -51.60
N TRP D 193 -29.52 -2.99 -50.59
CA TRP D 193 -28.05 -3.00 -50.53
C TRP D 193 -27.51 -4.43 -50.32
N ILE D 194 -28.08 -5.14 -49.39
CA ILE D 194 -27.74 -6.59 -49.22
C ILE D 194 -28.04 -7.37 -50.50
N LYS D 195 -29.22 -7.13 -51.09
CA LYS D 195 -29.56 -7.85 -52.31
C LYS D 195 -28.60 -7.55 -53.45
N LYS D 196 -28.15 -6.30 -53.59
CA LYS D 196 -27.16 -5.98 -54.60
C LYS D 196 -25.80 -6.73 -54.44
N LEU D 197 -25.32 -6.86 -53.21
CA LEU D 197 -24.08 -7.62 -52.94
C LEU D 197 -24.26 -9.13 -53.06
N GLU D 198 -25.47 -9.61 -52.80
CA GLU D 198 -25.83 -10.99 -53.09
C GLU D 198 -25.69 -11.33 -54.58
N GLN D 199 -25.76 -10.34 -55.47
CA GLN D 199 -25.48 -10.56 -56.91
C GLN D 199 -24.02 -10.77 -57.22
N LEU D 200 -23.15 -10.46 -56.30
CA LEU D 200 -21.76 -10.76 -56.55
C LEU D 200 -21.61 -12.30 -56.59
N PRO D 201 -20.96 -12.84 -57.65
CA PRO D 201 -20.87 -14.30 -57.89
C PRO D 201 -20.19 -15.01 -56.76
N TYR D 202 -19.34 -14.29 -56.03
CA TYR D 202 -18.58 -14.86 -54.92
C TYR D 202 -19.27 -14.69 -53.56
N TYR D 203 -20.46 -14.12 -53.53
CA TYR D 203 -21.06 -13.70 -52.25
C TYR D 203 -21.53 -14.89 -51.43
N GLU D 204 -22.18 -15.84 -52.08
CA GLU D 204 -22.73 -17.02 -51.41
C GLU D 204 -21.62 -17.77 -50.64
N GLU D 205 -20.48 -18.00 -51.28
CA GLU D 205 -19.44 -18.79 -50.62
C GLU D 205 -18.69 -17.99 -49.54
N ALA D 206 -18.59 -16.69 -49.71
CA ALA D 206 -17.71 -15.86 -48.86
C ALA D 206 -18.43 -15.30 -47.63
N ASN D 207 -19.66 -14.87 -47.83
CA ASN D 207 -20.51 -14.35 -46.76
C ASN D 207 -21.84 -15.09 -46.54
N GLY D 208 -22.55 -15.40 -47.63
CA GLY D 208 -23.92 -15.89 -47.55
C GLY D 208 -24.03 -17.15 -46.69
N LYS D 209 -23.24 -18.17 -46.96
CA LYS D 209 -23.28 -19.39 -46.11
C LYS D 209 -23.02 -19.13 -44.63
N GLY D 210 -22.02 -18.32 -44.33
CA GLY D 210 -21.67 -18.08 -42.94
C GLY D 210 -22.75 -17.39 -42.16
N VAL D 211 -23.46 -16.45 -42.84
CA VAL D 211 -24.54 -15.65 -42.20
C VAL D 211 -25.67 -16.57 -41.77
N ARG D 212 -26.11 -17.42 -42.70
CA ARG D 212 -27.11 -18.44 -42.38
C ARG D 212 -26.60 -19.35 -41.25
N GLN D 213 -25.33 -19.72 -41.32
CA GLN D 213 -24.78 -20.59 -40.31
C GLN D 213 -24.79 -19.92 -38.92
N LEU D 214 -24.48 -18.61 -38.84
CA LEU D 214 -24.50 -17.88 -37.60
C LEU D 214 -25.91 -17.70 -37.05
N VAL D 215 -26.87 -17.42 -37.96
CA VAL D 215 -28.28 -17.30 -37.57
C VAL D 215 -28.74 -18.62 -36.98
N ALA D 216 -28.36 -19.76 -37.57
CA ALA D 216 -28.80 -21.06 -37.04
C ALA D 216 -28.16 -21.30 -35.66
N ILE D 217 -26.86 -21.01 -35.48
CA ILE D 217 -26.23 -21.13 -34.15
C ILE D 217 -26.99 -20.33 -33.10
N PHE D 218 -27.41 -19.09 -33.43
CA PHE D 218 -28.13 -18.31 -32.45
C PHE D 218 -29.56 -18.79 -32.22
N LYS D 219 -30.23 -19.35 -33.23
CA LYS D 219 -31.58 -19.94 -33.02
C LYS D 219 -31.46 -21.12 -32.06
N LYS D 220 -30.47 -21.97 -32.33
CA LYS D 220 -30.14 -23.10 -31.48
C LYS D 220 -30.09 -22.71 -29.98
N THR D 221 -29.58 -21.51 -29.66
CA THR D 221 -29.48 -21.12 -28.24
C THR D 221 -30.87 -20.89 -27.54
N ASN D 222 -31.92 -20.59 -28.28
CA ASN D 222 -33.14 -20.02 -27.67
C ASN D 222 -32.87 -18.82 -26.78
N PHE D 223 -31.85 -18.00 -27.08
CA PHE D 223 -31.68 -16.80 -26.32
C PHE D 223 -32.95 -15.94 -26.55
N THR D 224 -33.22 -15.12 -25.57
CA THR D 224 -34.36 -14.23 -25.51
C THR D 224 -33.80 -12.92 -24.97
N PHE D 225 -34.46 -11.81 -25.25
CA PHE D 225 -34.18 -10.54 -24.55
C PHE D 225 -34.98 -10.42 -23.21
N GLU D 226 -34.45 -9.67 -22.24
CA GLU D 226 -35.25 -9.02 -21.17
C GLU D 226 -34.30 -8.58 -20.04
N LYS E 8 68.73 17.86 6.53
CA LYS E 8 68.02 19.03 7.12
C LYS E 8 66.81 19.46 6.31
N LEU E 9 66.04 20.31 6.94
CA LEU E 9 64.64 20.44 6.67
C LEU E 9 64.36 21.83 6.24
N THR E 10 63.48 21.96 5.27
CA THR E 10 62.86 23.25 4.98
C THR E 10 61.33 23.17 4.86
N LEU E 11 60.66 24.11 5.51
CA LEU E 11 59.20 24.27 5.49
C LEU E 11 58.92 25.44 4.63
N TYR E 12 57.97 25.25 3.70
CA TYR E 12 57.51 26.34 2.82
C TYR E 12 56.09 26.73 3.19
N GLY E 13 55.87 27.99 3.52
CA GLY E 13 54.59 28.47 4.02
C GLY E 13 54.54 29.94 4.45
N LEU E 14 53.52 30.26 5.22
CA LEU E 14 53.37 31.57 5.80
C LEU E 14 52.61 31.38 7.08
N ASP E 15 52.86 32.24 8.05
CA ASP E 15 52.32 32.05 9.39
C ASP E 15 50.81 32.01 9.55
N PRO E 16 50.09 32.87 8.79
CA PRO E 16 48.64 32.88 8.96
C PRO E 16 47.92 31.58 8.53
N SER E 17 48.56 30.77 7.66
CA SER E 17 48.00 29.50 7.17
C SER E 17 47.79 28.43 8.24
N PRO E 18 46.54 28.05 8.48
CA PRO E 18 46.39 27.01 9.50
C PRO E 18 47.24 25.78 9.31
N PRO E 19 47.19 25.14 8.15
CA PRO E 19 47.94 23.88 8.02
C PRO E 19 49.47 24.00 8.11
N VAL E 20 50.01 25.17 7.74
CA VAL E 20 51.42 25.49 8.00
C VAL E 20 51.74 25.46 9.49
N ARG E 21 50.91 26.13 10.28
CA ARG E 21 51.09 26.11 11.73
C ARG E 21 50.98 24.70 12.34
N ALA E 22 50.12 23.83 11.80
CA ALA E 22 50.15 22.46 12.32
C ALA E 22 51.57 21.90 12.24
N VAL E 23 52.26 22.18 11.13
CA VAL E 23 53.59 21.65 10.92
C VAL E 23 54.62 22.35 11.85
N LYS E 24 54.50 23.66 12.05
CA LYS E 24 55.43 24.42 12.93
C LYS E 24 55.35 23.90 14.35
N LEU E 25 54.13 23.59 14.82
CA LEU E 25 53.92 23.02 16.16
C LEU E 25 54.63 21.68 16.26
N THR E 26 54.56 20.89 15.19
CA THR E 26 55.14 19.60 15.23
C THR E 26 56.65 19.69 15.22
N LEU E 27 57.17 20.54 14.35
CA LEU E 27 58.60 20.77 14.33
C LEU E 27 59.09 21.23 15.73
N ALA E 28 58.34 22.14 16.37
CA ALA E 28 58.72 22.66 17.69
C ALA E 28 58.61 21.54 18.70
N ALA E 29 57.53 20.78 18.64
CA ALA E 29 57.38 19.66 19.57
C ALA E 29 58.56 18.69 19.49
N LEU E 30 59.09 18.42 18.30
CA LEU E 30 60.23 17.49 18.13
C LEU E 30 61.63 18.16 18.24
N ASN E 31 61.62 19.44 18.51
CA ASN E 31 62.83 20.25 18.56
C ASN E 31 63.74 20.10 17.36
N LEU E 32 63.16 20.29 16.19
CA LEU E 32 63.83 20.01 14.95
C LEU E 32 64.17 21.37 14.41
N THR E 33 65.38 21.43 13.88
CA THR E 33 66.00 22.50 13.17
C THR E 33 65.49 22.50 11.71
N TYR E 34 65.12 23.67 11.22
CA TYR E 34 64.62 23.83 9.87
C TYR E 34 64.79 25.21 9.36
N GLU E 35 64.97 25.37 8.04
CA GLU E 35 64.74 26.67 7.40
C GLU E 35 63.24 26.85 7.00
N TYR E 36 62.73 28.08 7.14
CA TYR E 36 61.33 28.40 6.85
C TYR E 36 61.36 29.36 5.74
N VAL E 37 60.84 28.99 4.56
CA VAL E 37 60.77 29.95 3.45
C VAL E 37 59.35 30.28 3.02
N ASN E 38 59.17 31.58 2.91
CA ASN E 38 57.88 32.18 2.73
C ASN E 38 57.39 31.84 1.33
N VAL E 39 56.11 31.49 1.22
CA VAL E 39 55.41 31.46 -0.07
C VAL E 39 54.28 32.44 0.03
N ASP E 40 54.35 33.49 -0.79
CA ASP E 40 53.36 34.54 -0.82
C ASP E 40 52.26 34.11 -1.73
N ILE E 41 51.24 33.48 -1.17
CA ILE E 41 50.14 32.96 -1.98
C ILE E 41 49.22 34.08 -2.55
N VAL E 42 49.14 35.20 -1.85
CA VAL E 42 48.48 36.41 -2.34
C VAL E 42 49.16 36.97 -3.61
N ALA E 43 50.48 36.86 -3.70
CA ALA E 43 51.16 37.12 -4.97
C ALA E 43 51.21 35.85 -5.86
N ARG E 44 50.42 34.84 -5.49
CA ARG E 44 50.31 33.56 -6.20
C ARG E 44 51.65 32.97 -6.52
N ALA E 45 52.60 33.11 -5.60
CA ALA E 45 53.93 32.51 -5.78
C ALA E 45 53.93 30.97 -5.90
N GLN E 46 52.89 30.33 -5.32
CA GLN E 46 52.74 28.86 -5.39
C GLN E 46 52.46 28.35 -6.81
N LEU E 47 52.15 29.24 -7.74
CA LEU E 47 51.87 28.86 -9.12
C LEU E 47 53.12 28.93 -10.00
N SER E 48 54.22 29.42 -9.46
CA SER E 48 55.42 29.52 -10.26
C SER E 48 55.82 28.15 -10.73
N PRO E 49 56.55 28.08 -11.84
CA PRO E 49 57.09 26.79 -12.25
C PRO E 49 57.95 26.12 -11.17
N GLU E 50 58.65 26.93 -10.41
CA GLU E 50 59.61 26.47 -9.39
C GLU E 50 58.89 25.73 -8.28
N TYR E 51 57.80 26.32 -7.79
CA TYR E 51 57.08 25.74 -6.67
C TYR E 51 56.39 24.50 -7.13
N LEU E 52 55.78 24.55 -8.31
CA LEU E 52 55.14 23.39 -8.94
C LEU E 52 56.00 22.12 -9.06
N GLU E 53 57.32 22.29 -9.20
CA GLU E 53 58.30 21.20 -9.12
C GLU E 53 58.39 20.51 -7.78
N LYS E 54 58.18 21.28 -6.73
CA LYS E 54 58.19 20.74 -5.37
C LYS E 54 56.84 20.10 -5.05
N ASN E 55 55.77 20.70 -5.49
CA ASN E 55 54.45 20.24 -5.11
C ASN E 55 53.47 20.60 -6.20
N PRO E 56 53.06 19.61 -7.03
CA PRO E 56 52.16 19.90 -8.17
C PRO E 56 50.73 20.29 -7.77
N GLN E 57 50.29 19.98 -6.54
CA GLN E 57 49.00 20.52 -6.09
C GLN E 57 49.09 22.00 -5.69
N HIS E 58 50.30 22.56 -5.69
CA HIS E 58 50.57 23.98 -5.35
C HIS E 58 49.81 24.42 -4.08
N THR E 59 50.06 23.66 -3.00
CA THR E 59 49.59 24.04 -1.69
C THR E 59 50.77 24.30 -0.74
N VAL E 60 50.51 25.10 0.29
CA VAL E 60 51.39 25.16 1.42
C VAL E 60 50.62 24.52 2.56
N PRO E 61 51.31 23.83 3.43
CA PRO E 61 52.76 23.59 3.51
C PRO E 61 53.33 22.51 2.58
N THR E 62 54.55 22.71 2.15
CA THR E 62 55.35 21.63 1.64
C THR E 62 56.56 21.53 2.54
N LEU E 63 56.96 20.30 2.84
CA LEU E 63 58.25 20.02 3.49
C LEU E 63 59.29 19.45 2.52
N GLU E 64 60.53 19.89 2.64
CA GLU E 64 61.62 19.32 1.93
C GLU E 64 62.56 18.71 2.96
N ASP E 65 62.85 17.45 2.77
CA ASP E 65 63.76 16.71 3.61
C ASP E 65 64.81 16.12 2.68
N ASP E 66 66.01 16.72 2.66
CA ASP E 66 67.16 16.14 1.95
C ASP E 66 66.79 15.85 0.48
N GLY E 67 66.17 16.81 -0.16
CA GLY E 67 65.80 16.72 -1.59
C GLY E 67 64.46 16.06 -1.96
N HIS E 68 63.73 15.54 -0.95
CA HIS E 68 62.45 14.87 -1.12
C HIS E 68 61.36 15.81 -0.64
N TYR E 69 60.34 15.99 -1.46
CA TYR E 69 59.22 16.85 -1.16
C TYR E 69 58.02 16.08 -0.61
N ILE E 70 57.53 16.46 0.56
CA ILE E 70 56.27 15.92 1.13
C ILE E 70 55.25 17.08 1.26
N TRP E 71 54.04 16.86 0.79
CA TRP E 71 53.00 17.86 1.03
C TRP E 71 51.79 17.28 1.72
N ASP E 72 50.87 18.18 2.06
CA ASP E 72 49.78 17.97 2.98
C ASP E 72 50.22 17.91 4.45
N SER E 73 49.78 18.91 5.23
CA SER E 73 50.19 19.05 6.64
C SER E 73 50.07 17.75 7.47
N HIS E 74 49.03 16.95 7.22
CA HIS E 74 48.79 15.71 7.95
C HIS E 74 49.81 14.64 7.59
N ALA E 75 50.09 14.47 6.30
CA ALA E 75 51.13 13.58 5.81
C ALA E 75 52.50 14.01 6.32
N ILE E 76 52.76 15.32 6.29
CA ILE E 76 54.01 15.90 6.80
C ILE E 76 54.27 15.60 8.26
N ILE E 77 53.30 15.93 9.11
CA ILE E 77 53.44 15.75 10.56
C ILE E 77 53.50 14.29 11.02
N ALA E 78 52.73 13.42 10.35
CA ALA E 78 52.93 11.96 10.49
C ALA E 78 54.35 11.52 10.12
N TYR E 79 54.87 11.99 8.99
CA TYR E 79 56.26 11.66 8.53
C TYR E 79 57.32 12.10 9.55
N LEU E 80 57.17 13.32 10.02
CA LEU E 80 58.11 13.86 10.99
C LEU E 80 58.16 13.03 12.23
N VAL E 81 56.99 12.74 12.81
CA VAL E 81 56.96 12.02 14.07
C VAL E 81 57.56 10.60 13.86
N SER E 82 57.13 9.90 12.82
CA SER E 82 57.55 8.52 12.63
C SER E 82 59.10 8.41 12.39
N LYS E 83 59.68 9.40 11.72
CA LYS E 83 61.05 9.33 11.34
C LYS E 83 61.90 10.01 12.36
N TYR E 84 61.47 11.11 12.96
CA TYR E 84 62.32 11.78 13.86
C TYR E 84 61.97 11.71 15.33
N ALA E 85 60.76 11.33 15.73
CA ALA E 85 60.49 11.33 17.18
C ALA E 85 61.26 10.20 17.90
N ASP E 86 61.48 10.38 19.20
CA ASP E 86 62.14 9.38 20.08
C ASP E 86 61.18 8.33 20.60
N SER E 87 59.89 8.62 20.43
CA SER E 87 58.89 7.66 20.66
C SER E 87 57.67 7.97 19.78
N ASP E 88 56.74 7.04 19.80
CA ASP E 88 55.55 7.21 19.03
C ASP E 88 54.54 8.03 19.83
N ALA E 89 54.94 8.69 20.92
CA ALA E 89 53.98 9.48 21.78
C ALA E 89 53.08 10.48 21.00
N LEU E 90 53.62 11.22 20.05
CA LEU E 90 52.74 12.14 19.31
C LEU E 90 51.92 11.46 18.23
N TYR E 91 52.24 10.21 17.89
CA TYR E 91 51.49 9.51 16.83
C TYR E 91 51.53 8.02 17.09
N PRO E 92 50.75 7.56 18.05
CA PRO E 92 50.89 6.19 18.57
C PRO E 92 50.66 5.15 17.48
N LYS E 93 51.41 4.06 17.55
CA LYS E 93 51.38 3.05 16.54
C LYS E 93 50.30 2.01 16.86
N ASP E 94 49.94 1.89 18.12
CA ASP E 94 48.87 0.98 18.49
C ASP E 94 47.68 1.22 17.52
N PRO E 95 47.29 0.19 16.75
CA PRO E 95 46.28 0.41 15.67
C PRO E 95 45.00 1.15 16.12
N LEU E 96 44.44 0.84 17.29
CA LEU E 96 43.23 1.52 17.79
C LEU E 96 43.48 2.96 18.21
N LYS E 97 44.57 3.20 18.92
CA LYS E 97 44.89 4.57 19.27
C LYS E 97 45.25 5.37 18.01
N ARG E 98 45.95 4.73 17.05
CA ARG E 98 46.24 5.33 15.74
C ARG E 98 44.94 5.66 14.98
N ALA E 99 44.01 4.74 15.01
CA ALA E 99 42.76 4.91 14.33
C ALA E 99 41.96 6.16 14.83
N VAL E 100 42.00 6.49 16.13
CA VAL E 100 41.42 7.77 16.60
C VAL E 100 42.16 9.04 16.04
N VAL E 101 43.49 9.04 16.15
CA VAL E 101 44.32 10.13 15.65
C VAL E 101 44.09 10.38 14.16
N ASP E 102 44.11 9.32 13.37
CA ASP E 102 43.80 9.39 11.95
C ASP E 102 42.41 9.89 11.61
N GLN E 103 41.43 9.48 12.43
CA GLN E 103 40.06 9.96 12.21
C GLN E 103 40.01 11.44 12.48
N ARG E 104 40.70 11.83 13.53
CA ARG E 104 40.73 13.24 13.91
C ARG E 104 41.46 14.03 12.83
N LEU E 105 42.59 13.52 12.35
CA LEU E 105 43.26 14.23 11.24
C LEU E 105 42.42 14.29 9.94
N HIS E 106 41.69 13.21 9.59
CA HIS E 106 40.92 13.24 8.34
C HIS E 106 39.72 14.12 8.45
N PHE E 107 39.21 14.25 9.68
CA PHE E 107 38.12 15.17 10.05
C PHE E 107 38.61 16.57 9.80
N GLU E 108 39.83 16.85 10.21
CA GLU E 108 40.41 18.18 10.02
C GLU E 108 40.55 18.44 8.49
N SER E 109 41.09 17.49 7.73
CA SER E 109 41.30 17.75 6.30
C SER E 109 39.99 18.19 5.56
N GLY E 110 38.85 17.59 5.95
CA GLY E 110 37.62 17.74 5.18
C GLY E 110 36.55 18.58 5.82
N VAL E 111 35.97 18.08 6.91
CA VAL E 111 34.92 18.84 7.60
C VAL E 111 35.46 20.20 8.04
N VAL E 112 36.64 20.24 8.66
CA VAL E 112 37.21 21.51 9.17
C VAL E 112 37.81 22.40 8.08
N PHE E 113 38.88 21.95 7.40
CA PHE E 113 39.66 22.84 6.58
C PHE E 113 38.99 23.06 5.21
N ALA E 114 38.74 21.99 4.49
CA ALA E 114 38.14 22.11 3.17
C ALA E 114 36.78 22.83 3.16
N ASN E 115 35.90 22.38 4.04
CA ASN E 115 34.51 22.83 4.03
C ASN E 115 34.27 24.04 4.92
N GLY E 116 34.99 24.15 6.04
CA GLY E 116 34.87 25.27 6.94
C GLY E 116 35.68 26.50 6.57
N ILE E 117 36.91 26.34 6.11
CA ILE E 117 37.86 27.46 6.15
C ILE E 117 38.23 27.91 4.75
N ARG E 118 38.66 26.95 3.94
CA ARG E 118 39.09 27.28 2.59
C ARG E 118 37.92 27.78 1.72
N SER E 119 36.74 27.23 1.95
CA SER E 119 35.53 27.73 1.33
C SER E 119 35.43 29.26 1.50
N ILE E 120 35.53 29.75 2.72
CA ILE E 120 35.44 31.19 2.98
C ILE E 120 36.66 32.01 2.50
N SER E 121 37.88 31.54 2.76
CA SER E 121 39.04 32.34 2.43
C SER E 121 39.15 32.49 0.94
N LYS E 122 38.76 31.46 0.19
CA LYS E 122 38.85 31.53 -1.27
C LYS E 122 38.07 32.75 -1.74
N SER E 123 36.81 32.81 -1.31
CA SER E 123 35.93 33.84 -1.80
C SER E 123 36.33 35.23 -1.24
N VAL E 124 36.61 35.31 0.06
CA VAL E 124 36.90 36.59 0.72
C VAL E 124 38.32 37.10 0.48
N LEU E 125 39.33 36.25 0.68
CA LEU E 125 40.73 36.64 0.45
C LEU E 125 41.14 36.68 -1.00
N PHE E 126 40.76 35.68 -1.79
CA PHE E 126 41.18 35.63 -3.20
C PHE E 126 40.19 36.29 -4.18
N GLN E 127 38.88 36.17 -3.94
CA GLN E 127 37.88 36.73 -4.88
C GLN E 127 37.26 38.03 -4.44
N GLY E 128 37.49 38.45 -3.21
CA GLY E 128 36.99 39.75 -2.72
C GLY E 128 35.53 39.85 -2.29
N GLN E 129 34.89 38.76 -1.92
CA GLN E 129 33.49 38.81 -1.45
C GLN E 129 33.39 39.49 -0.07
N THR E 130 32.37 40.31 0.10
CA THR E 130 32.08 40.97 1.37
C THR E 130 31.01 40.22 2.12
N LYS E 131 30.28 39.42 1.37
CA LYS E 131 29.05 38.85 1.85
C LYS E 131 29.16 37.36 1.61
N VAL E 132 28.91 36.59 2.65
CA VAL E 132 29.19 35.17 2.67
C VAL E 132 27.92 34.41 3.04
N PRO E 133 27.53 33.41 2.25
CA PRO E 133 26.26 32.75 2.55
C PRO E 133 26.18 32.14 3.94
N LYS E 134 24.93 32.05 4.43
CA LYS E 134 24.57 31.47 5.71
C LYS E 134 25.24 30.12 5.93
N GLU E 135 25.23 29.26 4.90
CA GLU E 135 25.74 27.88 5.06
C GLU E 135 27.26 27.84 5.46
N ARG E 136 28.04 28.87 5.11
CA ARG E 136 29.43 28.92 5.56
C ARG E 136 29.46 29.21 7.07
N TYR E 137 28.56 30.06 7.54
CA TYR E 137 28.36 30.27 8.98
C TYR E 137 27.92 28.98 9.67
N ASP E 138 26.95 28.26 9.10
CA ASP E 138 26.36 27.09 9.81
C ASP E 138 27.41 26.01 9.97
N ALA E 139 28.22 25.87 8.94
CA ALA E 139 29.28 24.90 8.93
C ALA E 139 30.31 25.09 10.03
N ILE E 140 30.65 26.33 10.35
CA ILE E 140 31.56 26.58 11.46
C ILE E 140 30.98 26.09 12.79
N ILE E 141 29.70 26.39 13.03
CA ILE E 141 29.02 25.96 14.26
C ILE E 141 28.97 24.45 14.32
N GLU E 142 28.73 23.84 13.18
CA GLU E 142 28.72 22.37 13.05
C GLU E 142 30.08 21.79 13.53
N ILE E 143 31.17 22.39 13.08
CA ILE E 143 32.51 22.01 13.54
C ILE E 143 32.73 22.18 15.05
N TYR E 144 32.31 23.31 15.61
CA TYR E 144 32.48 23.50 17.03
C TYR E 144 31.64 22.44 17.76
N ASP E 145 30.48 22.08 17.22
CA ASP E 145 29.60 21.10 17.91
C ASP E 145 30.30 19.76 17.97
N PHE E 146 30.91 19.37 16.84
CA PHE E 146 31.62 18.11 16.76
C PHE E 146 32.85 18.05 17.64
N VAL E 147 33.63 19.12 17.68
CA VAL E 147 34.86 19.09 18.42
C VAL E 147 34.57 19.06 19.92
N GLU E 148 33.49 19.71 20.33
CA GLU E 148 33.15 19.80 21.75
C GLU E 148 32.75 18.43 22.22
N THR E 149 31.98 17.71 21.39
CA THR E 149 31.59 16.34 21.65
C THR E 149 32.77 15.40 21.66
N PHE E 150 33.71 15.61 20.72
CA PHE E 150 34.96 14.81 20.61
C PHE E 150 35.90 14.97 21.84
N LEU E 151 35.80 16.08 22.52
CA LEU E 151 36.61 16.29 23.72
C LEU E 151 35.93 15.70 24.98
N LYS E 152 34.76 15.09 24.84
CA LYS E 152 34.02 14.63 26.02
C LYS E 152 34.84 13.63 26.82
N GLY E 153 35.06 13.94 28.10
CA GLY E 153 35.72 13.02 29.02
C GLY E 153 37.23 12.92 28.83
N GLN E 154 37.82 13.81 28.02
CA GLN E 154 39.24 13.73 27.62
C GLN E 154 39.94 15.06 27.71
N ASP E 155 41.23 15.05 28.06
CA ASP E 155 42.01 16.29 28.06
C ASP E 155 42.49 16.73 26.64
N TYR E 156 42.65 15.75 25.75
CA TYR E 156 43.20 15.98 24.38
C TYR E 156 42.20 15.45 23.37
N ILE E 157 42.37 15.84 22.11
CA ILE E 157 41.35 15.60 21.08
C ILE E 157 41.23 14.14 20.67
N ALA E 158 42.29 13.35 20.84
CA ALA E 158 42.28 11.94 20.42
C ALA E 158 42.52 10.92 21.56
N GLY E 159 42.17 11.25 22.80
CA GLY E 159 42.51 10.32 23.91
C GLY E 159 43.15 11.08 25.06
N ASN E 160 44.12 10.47 25.72
CA ASN E 160 44.65 11.02 26.98
C ASN E 160 46.06 11.58 26.91
N GLN E 161 46.66 11.63 25.73
CA GLN E 161 48.00 12.23 25.55
C GLN E 161 47.98 13.17 24.33
N LEU E 162 48.95 14.06 24.31
CA LEU E 162 49.13 14.99 23.23
C LEU E 162 49.47 14.28 21.95
N THR E 163 48.78 14.61 20.85
CA THR E 163 49.13 14.04 19.55
C THR E 163 49.12 15.08 18.42
N ILE E 164 49.68 14.69 17.29
CA ILE E 164 49.53 15.52 16.09
C ILE E 164 48.10 15.90 15.78
N ALA E 165 47.14 15.08 16.18
CA ALA E 165 45.70 15.43 15.98
C ALA E 165 45.36 16.75 16.66
N ASP E 166 45.91 16.96 17.86
CA ASP E 166 45.81 18.24 18.59
C ASP E 166 46.46 19.40 17.82
N PHE E 167 47.66 19.16 17.32
CA PHE E 167 48.34 20.23 16.57
C PHE E 167 47.56 20.59 15.32
N SER E 168 47.12 19.57 14.57
CA SER E 168 46.31 19.79 13.35
C SER E 168 44.95 20.49 13.66
N LEU E 169 44.23 20.00 14.65
CA LEU E 169 42.94 20.62 14.95
C LEU E 169 43.00 21.98 15.65
N VAL E 170 43.96 22.21 16.52
CA VAL E 170 44.02 23.55 17.14
C VAL E 170 44.45 24.61 16.12
N SER E 171 45.28 24.23 15.15
CA SER E 171 45.73 25.19 14.15
C SER E 171 44.52 25.77 13.37
N SER E 172 43.54 24.92 13.09
CA SER E 172 42.36 25.35 12.35
C SER E 172 41.24 25.77 13.30
N VAL E 173 41.03 25.08 14.41
CA VAL E 173 39.88 25.35 15.23
C VAL E 173 40.02 26.73 15.89
N ALA E 174 41.22 27.07 16.35
CA ALA E 174 41.46 28.37 16.92
C ALA E 174 41.38 29.46 15.85
N SER E 175 41.61 29.07 14.59
CA SER E 175 41.60 30.00 13.47
C SER E 175 40.18 30.46 13.15
N LEU E 176 39.21 29.63 13.56
CA LEU E 176 37.79 29.82 13.34
C LEU E 176 37.24 31.09 13.99
N GLU E 177 37.87 31.57 15.07
CA GLU E 177 37.54 32.84 15.63
C GLU E 177 37.45 33.94 14.56
N ALA E 178 38.24 33.81 13.50
CA ALA E 178 38.27 34.79 12.43
C ALA E 178 36.89 34.95 11.78
N PHE E 179 36.03 33.95 11.95
CA PHE E 179 34.68 33.94 11.40
C PHE E 179 33.56 33.93 12.42
N VAL E 180 33.72 33.17 13.50
CA VAL E 180 32.70 33.08 14.54
C VAL E 180 33.40 32.88 15.86
N ALA E 181 33.23 33.84 16.76
CA ALA E 181 33.89 33.82 18.03
C ALA E 181 33.43 32.61 18.81
N LEU E 182 34.36 32.03 19.54
CA LEU E 182 34.10 30.82 20.27
C LEU E 182 33.34 31.16 21.57
N ASP E 183 32.11 30.75 21.67
CA ASP E 183 31.35 30.92 22.89
C ASP E 183 31.79 29.92 23.98
N THR E 184 32.64 30.36 24.91
CA THR E 184 33.04 29.53 26.09
C THR E 184 31.87 28.91 26.90
N THR E 185 30.69 29.53 26.84
CA THR E 185 29.53 29.03 27.58
C THR E 185 28.93 27.79 26.93
N LYS E 186 28.74 27.85 25.62
CA LYS E 186 28.32 26.68 24.84
C LYS E 186 29.49 25.71 24.56
N TYR E 187 30.73 26.22 24.52
CA TYR E 187 31.89 25.41 24.14
C TYR E 187 33.04 25.43 25.16
N PRO E 188 32.80 24.97 26.42
CA PRO E 188 33.89 25.10 27.39
C PRO E 188 34.97 24.02 27.25
N ARG E 189 34.64 22.88 26.68
CA ARG E 189 35.69 21.91 26.43
C ARG E 189 36.68 22.44 25.38
N ILE E 190 36.19 23.10 24.33
CA ILE E 190 37.08 23.70 23.35
C ILE E 190 37.84 24.85 23.97
N GLY E 191 37.14 25.63 24.79
CA GLY E 191 37.77 26.69 25.57
C GLY E 191 38.97 26.18 26.30
N ALA E 192 38.77 25.15 27.09
CA ALA E 192 39.80 24.64 27.98
C ALA E 192 40.90 23.83 27.28
N TRP E 193 40.58 23.23 26.15
CA TRP E 193 41.55 22.51 25.37
C TRP E 193 42.55 23.44 24.69
N ILE E 194 42.08 24.56 24.13
CA ILE E 194 42.95 25.62 23.65
C ILE E 194 43.86 26.15 24.76
N LYS E 195 43.30 26.41 25.94
CA LYS E 195 44.10 26.96 27.04
C LYS E 195 45.17 26.00 27.39
N LYS E 196 44.82 24.73 27.46
CA LYS E 196 45.84 23.72 27.75
C LYS E 196 46.98 23.72 26.71
N LEU E 197 46.65 23.74 25.42
CA LEU E 197 47.73 23.76 24.41
C LEU E 197 48.47 25.09 24.41
N GLU E 198 47.83 26.16 24.84
CA GLU E 198 48.50 27.46 24.97
C GLU E 198 49.61 27.47 26.04
N GLN E 199 49.59 26.50 26.95
CA GLN E 199 50.66 26.35 27.93
C GLN E 199 51.90 25.63 27.41
N LEU E 200 51.85 24.93 26.27
CA LEU E 200 53.08 24.41 25.66
C LEU E 200 53.98 25.59 25.34
N PRO E 201 55.25 25.53 25.74
CA PRO E 201 56.06 26.76 25.66
C PRO E 201 56.24 27.25 24.23
N TYR E 202 55.99 26.37 23.27
CA TYR E 202 56.33 26.64 21.89
C TYR E 202 55.09 27.08 21.09
N TYR E 203 53.96 27.16 21.78
CA TYR E 203 52.64 27.45 21.17
C TYR E 203 52.53 28.85 20.56
N GLU E 204 52.90 29.82 21.40
CA GLU E 204 52.89 31.21 20.97
C GLU E 204 53.57 31.43 19.62
N GLU E 205 54.83 31.01 19.46
CA GLU E 205 55.55 31.19 18.17
C GLU E 205 55.06 30.27 17.10
N ALA E 206 54.70 29.05 17.44
CA ALA E 206 54.27 28.11 16.39
C ALA E 206 52.82 28.36 15.87
N ASN E 207 51.88 28.60 16.77
CA ASN E 207 50.46 28.78 16.45
C ASN E 207 49.85 30.10 16.88
N GLY E 208 50.20 30.52 18.08
CA GLY E 208 49.59 31.70 18.66
C GLY E 208 49.61 32.94 17.78
N LYS E 209 50.81 33.33 17.35
CA LYS E 209 50.98 34.55 16.57
C LYS E 209 50.21 34.49 15.26
N GLY E 210 50.35 33.36 14.58
CA GLY E 210 49.64 33.05 13.34
C GLY E 210 48.11 33.08 13.44
N VAL E 211 47.56 32.61 14.55
CA VAL E 211 46.12 32.69 14.76
C VAL E 211 45.67 34.14 14.82
N ARG E 212 46.33 34.94 15.66
CA ARG E 212 45.99 36.37 15.78
C ARG E 212 46.23 37.11 14.48
N GLN E 213 47.24 36.67 13.73
CA GLN E 213 47.46 37.26 12.41
C GLN E 213 46.30 36.99 11.48
N LEU E 214 45.80 35.76 11.43
CA LEU E 214 44.72 35.47 10.52
C LEU E 214 43.42 36.20 10.88
N VAL E 215 43.12 36.26 12.17
CA VAL E 215 41.97 36.98 12.66
C VAL E 215 42.06 38.43 12.22
N ALA E 216 43.19 39.07 12.43
CA ALA E 216 43.29 40.43 12.00
C ALA E 216 43.13 40.57 10.47
N ILE E 217 43.69 39.64 9.70
CA ILE E 217 43.48 39.68 8.24
C ILE E 217 41.98 39.66 7.88
N PHE E 218 41.21 38.76 8.50
CA PHE E 218 39.78 38.69 8.22
C PHE E 218 38.98 39.85 8.81
N LYS E 219 39.49 40.47 9.88
CA LYS E 219 38.92 41.72 10.37
C LYS E 219 39.04 42.84 9.33
N LYS E 220 40.24 43.05 8.81
CA LYS E 220 40.48 44.13 7.84
C LYS E 220 39.54 44.01 6.64
N THR E 221 39.19 42.78 6.32
CA THR E 221 38.19 42.45 5.31
C THR E 221 36.82 43.10 5.56
N ASN E 222 36.35 43.06 6.80
CA ASN E 222 34.98 43.48 7.15
C ASN E 222 33.88 42.71 6.40
N PHE E 223 34.02 41.38 6.34
CA PHE E 223 33.08 40.56 5.60
C PHE E 223 31.95 40.23 6.58
N THR E 224 30.75 39.91 6.07
CA THR E 224 29.64 39.48 6.95
C THR E 224 28.96 38.25 6.33
N PHE E 225 28.17 37.57 7.16
CA PHE E 225 27.41 36.37 6.79
C PHE E 225 25.96 36.72 6.47
N GLU E 226 25.10 35.71 6.23
CA GLU E 226 23.86 35.87 5.43
C GLU E 226 24.23 36.62 4.13
N ALA E 227 23.70 36.20 2.98
CA ALA E 227 23.85 36.90 1.67
C ALA E 227 23.70 35.90 0.54
N LYS F 8 34.92 -10.58 15.41
CA LYS F 8 34.10 -10.23 14.22
C LYS F 8 34.20 -8.72 13.96
N LEU F 9 34.04 -8.42 12.68
CA LEU F 9 34.03 -7.12 12.10
C LEU F 9 32.63 -6.85 11.60
N THR F 10 32.15 -5.64 11.77
CA THR F 10 30.85 -5.23 11.23
C THR F 10 31.02 -3.89 10.54
N LEU F 11 30.46 -3.78 9.33
CA LEU F 11 30.54 -2.55 8.55
C LEU F 11 29.15 -1.94 8.49
N TYR F 12 29.07 -0.67 8.85
CA TYR F 12 27.83 0.07 8.76
C TYR F 12 27.96 0.98 7.55
N GLY F 13 27.08 0.78 6.57
CA GLY F 13 27.06 1.68 5.44
C GLY F 13 25.96 1.35 4.46
N LEU F 14 26.11 1.90 3.25
CA LEU F 14 25.19 1.63 2.14
C LEU F 14 26.02 1.83 0.86
N ASP F 15 25.67 1.10 -0.21
CA ASP F 15 26.55 0.91 -1.39
C ASP F 15 26.79 2.10 -2.28
N PRO F 16 25.85 3.05 -2.32
CA PRO F 16 26.16 4.23 -3.12
C PRO F 16 27.23 5.14 -2.48
N SER F 17 27.52 4.99 -1.19
CA SER F 17 28.41 5.94 -0.56
C SER F 17 29.87 5.64 -1.01
N PRO F 18 30.61 6.67 -1.49
CA PRO F 18 32.01 6.40 -1.85
C PRO F 18 32.92 5.93 -0.70
N PRO F 19 32.95 6.64 0.45
CA PRO F 19 33.80 6.22 1.52
C PRO F 19 33.48 4.79 2.01
N VAL F 20 32.22 4.39 1.92
CA VAL F 20 31.84 3.03 2.32
C VAL F 20 32.47 2.02 1.37
N ARG F 21 32.42 2.31 0.07
CA ARG F 21 33.07 1.44 -0.88
C ARG F 21 34.61 1.34 -0.78
N ALA F 22 35.25 2.42 -0.32
CA ALA F 22 36.69 2.36 -0.09
C ALA F 22 36.94 1.22 0.88
N VAL F 23 36.05 1.07 1.85
CA VAL F 23 36.27 0.08 2.91
C VAL F 23 35.91 -1.30 2.40
N LYS F 24 34.86 -1.41 1.61
CA LYS F 24 34.55 -2.73 1.01
C LYS F 24 35.68 -3.27 0.20
N LEU F 25 36.39 -2.41 -0.53
CA LEU F 25 37.53 -2.87 -1.35
C LEU F 25 38.65 -3.40 -0.50
N THR F 26 38.88 -2.73 0.62
CA THR F 26 39.98 -3.04 1.49
C THR F 26 39.68 -4.35 2.18
N LEU F 27 38.47 -4.48 2.71
CA LEU F 27 38.02 -5.73 3.31
C LEU F 27 38.19 -6.91 2.38
N ALA F 28 37.65 -6.79 1.16
CA ALA F 28 37.76 -7.86 0.17
C ALA F 28 39.23 -8.13 -0.17
N ALA F 29 40.02 -7.07 -0.29
CA ALA F 29 41.46 -7.16 -0.58
C ALA F 29 42.20 -7.87 0.56
N LEU F 30 41.75 -7.71 1.79
CA LEU F 30 42.41 -8.41 2.91
C LEU F 30 41.78 -9.76 3.18
N ASN F 31 40.80 -10.20 2.38
CA ASN F 31 40.22 -11.55 2.57
C ASN F 31 39.57 -11.66 3.97
N LEU F 32 38.95 -10.55 4.41
CA LEU F 32 38.42 -10.41 5.76
C LEU F 32 36.92 -10.63 5.73
N THR F 33 36.45 -11.45 6.64
CA THR F 33 35.06 -11.78 6.85
C THR F 33 34.47 -10.65 7.59
N TYR F 34 33.24 -10.27 7.25
CA TYR F 34 32.56 -9.21 7.96
C TYR F 34 31.09 -9.23 7.77
N GLU F 35 30.34 -8.70 8.72
CA GLU F 35 28.90 -8.54 8.48
C GLU F 35 28.61 -7.08 8.07
N TYR F 36 27.68 -6.90 7.15
CA TYR F 36 27.41 -5.60 6.58
C TYR F 36 26.02 -5.11 7.00
N VAL F 37 25.96 -4.00 7.71
CA VAL F 37 24.68 -3.46 8.21
C VAL F 37 24.33 -2.14 7.53
N ASN F 38 23.15 -2.11 6.91
CA ASN F 38 22.70 -0.94 6.16
C ASN F 38 22.40 0.21 7.10
N VAL F 39 22.77 1.42 6.69
CA VAL F 39 22.40 2.64 7.43
C VAL F 39 21.74 3.61 6.46
N ASP F 40 20.42 3.67 6.56
CA ASP F 40 19.55 4.43 5.66
C ASP F 40 19.61 5.90 6.06
N ILE F 41 20.50 6.61 5.38
CA ILE F 41 20.81 8.01 5.66
C ILE F 41 19.68 8.91 5.20
N VAL F 42 19.09 8.55 4.07
CA VAL F 42 17.89 9.22 3.60
C VAL F 42 16.86 9.27 4.73
N ALA F 43 16.55 8.13 5.34
CA ALA F 43 15.64 8.07 6.48
C ALA F 43 16.28 8.53 7.79
N ARG F 44 17.53 9.01 7.73
CA ARG F 44 18.24 9.62 8.88
C ARG F 44 18.51 8.68 10.06
N ALA F 45 18.78 7.42 9.75
CA ALA F 45 19.06 6.39 10.79
C ALA F 45 20.38 6.62 11.55
N GLN F 46 21.26 7.42 10.97
CA GLN F 46 22.55 7.69 11.61
C GLN F 46 22.44 8.71 12.75
N LEU F 47 21.30 9.40 12.81
CA LEU F 47 21.04 10.36 13.90
C LEU F 47 20.44 9.73 15.16
N SER F 48 20.11 8.43 15.15
CA SER F 48 19.52 7.82 16.34
C SER F 48 20.57 7.80 17.45
N PRO F 49 20.11 7.78 18.72
CA PRO F 49 21.05 7.66 19.83
C PRO F 49 21.86 6.37 19.78
N GLU F 50 21.28 5.28 19.26
CA GLU F 50 22.05 4.06 19.20
C GLU F 50 23.24 4.18 18.18
N TYR F 51 23.02 4.79 17.02
CA TYR F 51 24.14 4.96 16.10
C TYR F 51 25.15 5.91 16.68
N LEU F 52 24.71 7.06 17.18
CA LEU F 52 25.60 8.07 17.80
C LEU F 52 26.56 7.57 18.88
N GLU F 53 26.18 6.50 19.58
CA GLU F 53 27.06 5.85 20.54
C GLU F 53 28.21 5.15 19.82
N LYS F 54 27.95 4.68 18.61
CA LYS F 54 28.96 4.02 17.81
C LYS F 54 29.88 5.05 17.14
N ASN F 55 29.26 6.11 16.61
CA ASN F 55 29.93 7.19 15.89
C ASN F 55 29.25 8.54 16.11
N PRO F 56 29.72 9.28 17.08
CA PRO F 56 29.14 10.61 17.36
C PRO F 56 29.14 11.58 16.18
N GLN F 57 30.03 11.40 15.21
CA GLN F 57 29.98 12.21 13.97
C GLN F 57 28.82 11.78 13.07
N HIS F 58 28.11 10.70 13.43
CA HIS F 58 26.98 10.16 12.64
C HIS F 58 27.29 10.12 11.13
N THR F 59 28.45 9.60 10.76
CA THR F 59 28.77 9.37 9.37
C THR F 59 28.82 7.86 9.06
N VAL F 60 28.82 7.51 7.80
CA VAL F 60 29.22 6.17 7.39
C VAL F 60 30.43 6.39 6.49
N PRO F 61 31.35 5.46 6.46
CA PRO F 61 31.33 4.17 7.15
C PRO F 61 31.74 4.25 8.62
N THR F 62 31.26 3.26 9.37
CA THR F 62 31.75 2.95 10.72
C THR F 62 32.13 1.49 10.73
N LEU F 63 33.28 1.16 11.31
CA LEU F 63 33.70 -0.24 11.48
C LEU F 63 33.61 -0.59 12.96
N GLU F 64 33.03 -1.75 13.25
CA GLU F 64 33.09 -2.36 14.56
C GLU F 64 33.99 -3.58 14.45
N ASP F 65 34.95 -3.67 15.36
CA ASP F 65 35.90 -4.76 15.39
C ASP F 65 35.92 -5.18 16.87
N ASP F 66 35.23 -6.28 17.17
CA ASP F 66 35.25 -6.84 18.53
C ASP F 66 34.87 -5.79 19.58
N GLY F 67 33.82 -5.02 19.33
CA GLY F 67 33.30 -4.07 20.29
C GLY F 67 33.97 -2.71 20.28
N HIS F 68 34.94 -2.48 19.39
CA HIS F 68 35.55 -1.15 19.21
C HIS F 68 35.03 -0.48 17.94
N TYR F 69 34.59 0.77 18.04
CA TYR F 69 34.10 1.52 16.88
C TYR F 69 35.16 2.47 16.30
N ILE F 70 35.37 2.39 14.98
CA ILE F 70 36.35 3.17 14.15
C ILE F 70 35.54 3.82 13.02
N TRP F 71 35.73 5.12 12.79
CA TRP F 71 35.06 5.76 11.66
C TRP F 71 36.03 6.63 10.91
N ASP F 72 35.54 7.15 9.79
CA ASP F 72 36.32 7.73 8.72
C ASP F 72 36.93 6.65 7.87
N SER F 73 36.48 6.60 6.61
CA SER F 73 36.89 5.53 5.69
C SER F 73 38.44 5.38 5.69
N HIS F 74 39.15 6.51 5.81
CA HIS F 74 40.59 6.55 5.65
C HIS F 74 41.27 5.97 6.91
N ALA F 75 40.73 6.33 8.08
CA ALA F 75 41.23 5.74 9.33
C ALA F 75 40.94 4.23 9.38
N ILE F 76 39.73 3.81 8.97
CA ILE F 76 39.36 2.36 8.96
C ILE F 76 40.30 1.57 8.09
N ILE F 77 40.51 2.03 6.88
CA ILE F 77 41.37 1.26 6.01
C ILE F 77 42.85 1.19 6.37
N ALA F 78 43.43 2.28 6.88
CA ALA F 78 44.77 2.17 7.48
C ALA F 78 44.81 1.17 8.64
N TYR F 79 43.79 1.22 9.50
CA TYR F 79 43.70 0.31 10.66
C TYR F 79 43.66 -1.13 10.18
N LEU F 80 42.78 -1.42 9.22
CA LEU F 80 42.63 -2.76 8.67
C LEU F 80 43.92 -3.29 8.13
N VAL F 81 44.60 -2.51 7.31
CA VAL F 81 45.84 -3.02 6.74
C VAL F 81 46.86 -3.21 7.85
N SER F 82 46.97 -2.22 8.73
CA SER F 82 47.92 -2.26 9.84
C SER F 82 47.76 -3.48 10.71
N LYS F 83 46.53 -3.77 11.12
CA LYS F 83 46.29 -4.84 12.03
C LYS F 83 46.26 -6.18 11.30
N TYR F 84 45.62 -6.28 10.12
CA TYR F 84 45.31 -7.62 9.57
C TYR F 84 46.11 -8.09 8.38
N ALA F 85 46.72 -7.18 7.65
CA ALA F 85 47.39 -7.58 6.43
C ALA F 85 48.65 -8.39 6.73
N ASP F 86 48.96 -9.31 5.83
CA ASP F 86 50.14 -10.14 5.93
C ASP F 86 51.41 -9.33 5.72
N SER F 87 51.28 -8.23 4.99
CA SER F 87 52.40 -7.33 4.77
C SER F 87 51.93 -5.87 4.69
N ASP F 88 52.88 -4.94 4.58
CA ASP F 88 52.50 -3.55 4.47
C ASP F 88 52.28 -3.11 3.00
N ALA F 89 52.16 -4.05 2.06
CA ALA F 89 52.06 -3.68 0.66
C ALA F 89 50.93 -2.66 0.35
N LEU F 90 49.78 -2.78 1.02
CA LEU F 90 48.63 -1.86 0.78
C LEU F 90 48.76 -0.53 1.55
N TYR F 91 49.73 -0.45 2.44
CA TYR F 91 49.94 0.76 3.23
C TYR F 91 51.38 0.78 3.71
N PRO F 92 52.29 1.04 2.78
CA PRO F 92 53.70 0.79 3.11
C PRO F 92 54.19 1.65 4.30
N LYS F 93 54.97 1.05 5.18
CA LYS F 93 55.60 1.77 6.34
C LYS F 93 56.80 2.67 6.04
N ASP F 94 57.55 2.40 4.97
CA ASP F 94 58.62 3.30 4.56
C ASP F 94 58.14 4.76 4.71
N PRO F 95 58.78 5.55 5.57
CA PRO F 95 58.27 6.90 5.78
C PRO F 95 57.95 7.72 4.52
N LEU F 96 58.79 7.61 3.48
CA LEU F 96 58.62 8.36 2.25
C LEU F 96 57.48 7.83 1.39
N LYS F 97 57.35 6.54 1.24
CA LYS F 97 56.19 5.95 0.58
C LYS F 97 54.90 6.23 1.31
N ARG F 98 54.93 6.04 2.62
CA ARG F 98 53.77 6.32 3.47
C ARG F 98 53.30 7.77 3.30
N ALA F 99 54.25 8.72 3.14
CA ALA F 99 53.88 10.14 3.02
C ALA F 99 53.17 10.42 1.70
N VAL F 100 53.46 9.61 0.67
CA VAL F 100 52.69 9.79 -0.58
C VAL F 100 51.24 9.27 -0.38
N VAL F 101 51.12 8.08 0.19
CA VAL F 101 49.83 7.46 0.47
C VAL F 101 49.01 8.36 1.42
N ASP F 102 49.57 8.86 2.53
CA ASP F 102 48.82 9.75 3.43
C ASP F 102 48.41 11.03 2.76
N GLN F 103 49.28 11.54 1.88
CA GLN F 103 48.92 12.74 1.14
C GLN F 103 47.67 12.49 0.25
N ARG F 104 47.66 11.39 -0.49
CA ARG F 104 46.52 11.09 -1.36
C ARG F 104 45.26 10.86 -0.55
N LEU F 105 45.42 10.23 0.63
CA LEU F 105 44.28 9.91 1.45
C LEU F 105 43.65 11.21 1.86
N HIS F 106 44.47 12.13 2.34
CA HIS F 106 43.98 13.41 2.86
C HIS F 106 43.44 14.31 1.80
N PHE F 107 44.09 14.25 0.63
CA PHE F 107 43.59 14.86 -0.60
C PHE F 107 42.17 14.38 -0.83
N GLU F 108 41.95 13.09 -0.72
CA GLU F 108 40.62 12.54 -0.94
C GLU F 108 39.64 13.04 0.06
N SER F 109 40.01 13.08 1.35
CA SER F 109 39.08 13.60 2.38
C SER F 109 38.56 15.02 2.10
N GLY F 110 39.46 15.89 1.66
CA GLY F 110 39.20 17.31 1.60
C GLY F 110 38.80 17.81 0.23
N VAL F 111 39.78 17.89 -0.69
CA VAL F 111 39.56 18.43 -2.04
C VAL F 111 38.50 17.63 -2.77
N VAL F 112 38.56 16.29 -2.65
CA VAL F 112 37.66 15.39 -3.40
C VAL F 112 36.34 15.21 -2.69
N PHE F 113 36.37 14.58 -1.52
CA PHE F 113 35.11 14.16 -0.93
C PHE F 113 34.36 15.34 -0.38
N ALA F 114 34.97 16.08 0.55
CA ALA F 114 34.30 17.23 1.14
C ALA F 114 33.93 18.32 0.10
N ASN F 115 34.88 18.70 -0.75
CA ASN F 115 34.71 19.89 -1.56
C ASN F 115 34.03 19.54 -2.84
N GLY F 116 34.26 18.33 -3.32
CA GLY F 116 33.78 17.95 -4.65
C GLY F 116 32.46 17.24 -4.62
N ILE F 117 32.31 16.30 -3.70
CA ILE F 117 31.16 15.42 -3.67
C ILE F 117 30.11 15.82 -2.63
N ARG F 118 30.46 15.89 -1.36
CA ARG F 118 29.43 16.12 -0.38
C ARG F 118 28.77 17.49 -0.55
N SER F 119 29.47 18.40 -1.21
CA SER F 119 28.93 19.75 -1.49
C SER F 119 27.66 19.63 -2.30
N ILE F 120 27.79 18.99 -3.43
CA ILE F 120 26.67 18.77 -4.32
C ILE F 120 25.56 17.84 -3.71
N SER F 121 25.94 16.72 -3.11
CA SER F 121 24.96 15.81 -2.52
C SER F 121 24.14 16.39 -1.43
N LYS F 122 24.77 17.19 -0.58
CA LYS F 122 24.05 17.80 0.49
C LYS F 122 22.96 18.57 -0.19
N SER F 123 23.34 19.49 -1.05
CA SER F 123 22.35 20.42 -1.58
C SER F 123 21.35 19.66 -2.48
N VAL F 124 21.82 19.03 -3.55
CA VAL F 124 20.91 18.35 -4.44
C VAL F 124 19.98 17.40 -3.66
N LEU F 125 20.53 16.47 -2.88
CA LEU F 125 19.71 15.37 -2.33
C LEU F 125 18.99 15.67 -0.99
N PHE F 126 19.48 16.63 -0.21
CA PHE F 126 18.79 16.98 1.04
C PHE F 126 18.13 18.35 1.04
N GLN F 127 18.40 19.15 0.00
CA GLN F 127 17.80 20.48 -0.17
C GLN F 127 17.18 20.62 -1.57
N GLY F 128 16.81 19.52 -2.21
CA GLY F 128 16.19 19.60 -3.54
C GLY F 128 16.70 20.70 -4.45
N GLN F 129 18.02 20.91 -4.52
CA GLN F 129 18.58 21.74 -5.58
C GLN F 129 18.32 21.06 -6.88
N THR F 130 18.18 21.90 -7.89
CA THR F 130 17.96 21.48 -9.26
C THR F 130 19.10 22.08 -10.07
N LYS F 131 19.53 23.28 -9.67
CA LYS F 131 20.65 23.98 -10.29
C LYS F 131 21.78 24.18 -9.28
N VAL F 132 23.02 24.07 -9.77
CA VAL F 132 24.18 24.05 -8.91
C VAL F 132 25.22 25.00 -9.48
N PRO F 133 25.79 25.89 -8.63
CA PRO F 133 26.71 26.94 -9.07
C PRO F 133 27.84 26.46 -9.93
N LYS F 134 28.18 27.21 -10.95
CA LYS F 134 29.23 26.74 -11.82
C LYS F 134 30.53 26.38 -11.03
N GLU F 135 30.69 26.86 -9.80
CA GLU F 135 31.95 26.55 -9.12
C GLU F 135 32.02 25.10 -8.56
N ARG F 136 30.86 24.50 -8.33
CA ARG F 136 30.83 23.08 -8.01
C ARG F 136 31.28 22.27 -9.20
N TYR F 137 30.92 22.71 -10.42
CA TYR F 137 31.45 22.09 -11.64
C TYR F 137 32.98 22.23 -11.70
N ASP F 138 33.49 23.44 -11.45
CA ASP F 138 34.92 23.69 -11.59
C ASP F 138 35.69 22.89 -10.53
N ALA F 139 35.12 22.70 -9.34
CA ALA F 139 35.78 21.89 -8.31
C ALA F 139 36.09 20.46 -8.86
N ILE F 140 35.18 19.96 -9.70
CA ILE F 140 35.31 18.60 -10.22
C ILE F 140 36.37 18.46 -11.33
N ILE F 141 36.35 19.38 -12.28
CA ILE F 141 37.40 19.47 -13.28
C ILE F 141 38.77 19.61 -12.62
N GLU F 142 38.88 20.43 -11.59
CA GLU F 142 40.11 20.50 -10.79
C GLU F 142 40.60 19.17 -10.18
N ILE F 143 39.69 18.37 -9.66
CA ILE F 143 40.04 17.01 -9.20
C ILE F 143 40.58 16.14 -10.32
N TYR F 144 39.90 16.17 -11.46
CA TYR F 144 40.29 15.33 -12.59
C TYR F 144 41.67 15.75 -13.01
N ASP F 145 41.90 17.06 -13.09
CA ASP F 145 43.24 17.56 -13.45
C ASP F 145 44.33 17.15 -12.44
N PHE F 146 44.04 17.23 -11.14
CA PHE F 146 45.03 16.88 -10.13
C PHE F 146 45.33 15.41 -10.17
N VAL F 147 44.29 14.59 -10.27
CA VAL F 147 44.49 13.16 -10.30
C VAL F 147 45.24 12.71 -11.57
N GLU F 148 44.84 13.24 -12.70
CA GLU F 148 45.57 12.97 -13.94
C GLU F 148 47.02 13.32 -13.67
N THR F 149 47.27 14.46 -13.04
CA THR F 149 48.70 14.81 -12.76
C THR F 149 49.41 13.84 -11.80
N PHE F 150 48.71 13.44 -10.75
CA PHE F 150 49.24 12.50 -9.78
C PHE F 150 49.55 11.15 -10.42
N LEU F 151 48.81 10.77 -11.43
CA LEU F 151 49.05 9.49 -12.07
C LEU F 151 50.24 9.50 -13.09
N LYS F 152 50.85 10.65 -13.37
CA LYS F 152 51.92 10.70 -14.37
C LYS F 152 53.08 9.75 -14.09
N GLY F 153 53.33 8.86 -15.02
CA GLY F 153 54.50 8.02 -14.92
C GLY F 153 54.31 6.84 -14.01
N GLN F 154 53.06 6.55 -13.63
CA GLN F 154 52.83 5.41 -12.73
C GLN F 154 51.52 4.74 -12.96
N ASP F 155 51.48 3.49 -12.55
CA ASP F 155 50.28 2.69 -12.66
C ASP F 155 49.27 2.97 -11.56
N TYR F 156 49.75 3.27 -10.37
CA TYR F 156 48.80 3.51 -9.26
C TYR F 156 48.93 4.95 -8.76
N ILE F 157 48.06 5.31 -7.83
CA ILE F 157 47.92 6.72 -7.46
C ILE F 157 49.05 7.13 -6.50
N ALA F 158 49.61 6.20 -5.75
CA ALA F 158 50.63 6.57 -4.73
C ALA F 158 52.03 5.98 -4.89
N GLY F 159 52.41 5.62 -6.09
CA GLY F 159 53.69 4.94 -6.32
C GLY F 159 53.41 3.82 -7.30
N ASN F 160 54.16 2.74 -7.17
CA ASN F 160 54.10 1.67 -8.17
C ASN F 160 53.56 0.35 -7.66
N GLN F 161 52.88 0.39 -6.53
CA GLN F 161 52.07 -0.75 -6.05
C GLN F 161 50.66 -0.31 -5.61
N LEU F 162 49.71 -1.22 -5.72
CA LEU F 162 48.33 -0.98 -5.23
C LEU F 162 48.40 -0.60 -3.74
N THR F 163 47.64 0.44 -3.37
CA THR F 163 47.49 0.84 -1.97
C THR F 163 46.08 1.28 -1.64
N ILE F 164 45.82 1.47 -0.33
CA ILE F 164 44.56 2.05 0.17
C ILE F 164 44.21 3.42 -0.46
N ALA F 165 45.21 4.22 -0.84
CA ALA F 165 44.92 5.46 -1.59
C ALA F 165 44.18 5.15 -2.90
N ASP F 166 44.55 4.07 -3.57
CA ASP F 166 43.86 3.66 -4.80
C ASP F 166 42.38 3.38 -4.51
N PHE F 167 42.14 2.57 -3.47
CA PHE F 167 40.76 2.26 -3.03
C PHE F 167 39.96 3.50 -2.65
N SER F 168 40.56 4.34 -1.82
CA SER F 168 39.94 5.58 -1.40
C SER F 168 39.62 6.52 -2.57
N LEU F 169 40.61 6.76 -3.45
CA LEU F 169 40.40 7.71 -4.56
C LEU F 169 39.55 7.14 -5.71
N VAL F 170 39.68 5.86 -6.06
CA VAL F 170 38.76 5.32 -7.10
C VAL F 170 37.30 5.31 -6.60
N SER F 171 37.08 5.03 -5.32
CA SER F 171 35.74 5.00 -4.78
C SER F 171 35.03 6.30 -5.06
N SER F 172 35.75 7.41 -4.90
CA SER F 172 35.18 8.74 -5.14
C SER F 172 35.43 9.24 -6.57
N VAL F 173 36.65 9.07 -7.10
CA VAL F 173 36.90 9.66 -8.42
C VAL F 173 35.94 9.01 -9.46
N ALA F 174 35.81 7.69 -9.46
CA ALA F 174 34.87 7.03 -10.36
C ALA F 174 33.44 7.50 -10.10
N SER F 175 33.11 7.93 -8.87
CA SER F 175 31.78 8.52 -8.61
C SER F 175 31.57 9.87 -9.23
N LEU F 176 32.63 10.51 -9.67
CA LEU F 176 32.49 11.86 -10.13
C LEU F 176 31.69 11.83 -11.42
N GLU F 177 31.81 10.77 -12.20
CA GLU F 177 30.89 10.56 -13.35
C GLU F 177 29.48 11.02 -13.06
N ALA F 178 29.00 10.86 -11.83
CA ALA F 178 27.64 11.32 -11.48
C ALA F 178 27.38 12.80 -11.79
N PHE F 179 28.44 13.60 -11.77
CA PHE F 179 28.31 15.03 -11.98
C PHE F 179 28.86 15.40 -13.32
N VAL F 180 30.01 14.83 -13.65
CA VAL F 180 30.74 15.17 -14.84
C VAL F 180 31.44 13.96 -15.44
N ALA F 181 31.19 13.72 -16.73
CA ALA F 181 31.61 12.49 -17.36
C ALA F 181 33.07 12.59 -17.72
N LEU F 182 33.75 11.48 -17.51
CA LEU F 182 35.16 11.51 -17.67
C LEU F 182 35.49 11.55 -19.16
N ASP F 183 35.79 12.71 -19.69
CA ASP F 183 36.38 12.79 -21.03
C ASP F 183 37.68 12.01 -20.98
N THR F 184 37.63 10.83 -21.56
CA THR F 184 38.73 9.91 -21.43
C THR F 184 39.88 10.25 -22.39
N THR F 185 39.61 11.11 -23.37
CA THR F 185 40.68 11.56 -24.27
C THR F 185 41.50 12.68 -23.57
N LYS F 186 40.87 13.47 -22.72
CA LYS F 186 41.65 14.43 -21.90
C LYS F 186 42.32 13.74 -20.71
N TYR F 187 41.64 12.72 -20.19
CA TYR F 187 42.09 12.05 -18.97
C TYR F 187 42.42 10.58 -19.16
N PRO F 188 43.43 10.29 -19.99
CA PRO F 188 43.72 8.89 -20.27
C PRO F 188 44.30 8.14 -19.07
N ARG F 189 45.10 8.80 -18.22
CA ARG F 189 45.69 8.09 -17.11
C ARG F 189 44.63 7.72 -16.10
N ILE F 190 43.62 8.57 -15.87
CA ILE F 190 42.48 8.21 -14.98
C ILE F 190 41.71 7.04 -15.60
N GLY F 191 41.35 7.14 -16.89
CA GLY F 191 40.70 6.05 -17.59
C GLY F 191 41.40 4.71 -17.43
N ALA F 192 42.66 4.64 -17.79
CA ALA F 192 43.47 3.44 -17.64
C ALA F 192 43.59 2.98 -16.18
N TRP F 193 43.65 3.92 -15.23
CA TRP F 193 43.75 3.55 -13.80
C TRP F 193 42.49 2.82 -13.35
N ILE F 194 41.33 3.38 -13.69
CA ILE F 194 40.01 2.83 -13.33
C ILE F 194 39.80 1.46 -13.99
N LYS F 195 40.25 1.34 -15.22
CA LYS F 195 40.17 0.09 -15.98
C LYS F 195 41.04 -0.99 -15.35
N LYS F 196 42.20 -0.56 -14.91
CA LYS F 196 43.11 -1.46 -14.28
C LYS F 196 42.52 -1.99 -12.97
N LEU F 197 41.94 -1.09 -12.20
CA LEU F 197 41.40 -1.49 -10.90
C LEU F 197 40.11 -2.28 -11.08
N GLU F 198 39.45 -2.12 -12.23
CA GLU F 198 38.29 -2.99 -12.58
C GLU F 198 38.69 -4.46 -12.81
N GLN F 199 39.98 -4.75 -12.99
CA GLN F 199 40.47 -6.13 -13.11
C GLN F 199 40.50 -6.83 -11.80
N LEU F 200 40.51 -6.11 -10.70
CA LEU F 200 40.44 -6.79 -9.43
C LEU F 200 39.14 -7.61 -9.28
N PRO F 201 39.29 -8.87 -8.90
CA PRO F 201 38.12 -9.78 -8.88
C PRO F 201 36.99 -9.29 -8.03
N TYR F 202 37.33 -8.47 -7.05
CA TYR F 202 36.37 -7.99 -6.09
C TYR F 202 35.89 -6.57 -6.40
N TYR F 203 36.36 -5.97 -7.48
CA TYR F 203 35.99 -4.56 -7.74
C TYR F 203 34.50 -4.40 -8.04
N GLU F 204 34.00 -5.23 -8.92
CA GLU F 204 32.63 -5.06 -9.36
C GLU F 204 31.70 -5.04 -8.14
N GLU F 205 31.84 -5.95 -7.16
CA GLU F 205 30.91 -5.96 -5.98
C GLU F 205 31.17 -4.84 -4.98
N ALA F 206 32.46 -4.57 -4.75
CA ALA F 206 32.89 -3.58 -3.72
C ALA F 206 32.66 -2.16 -4.21
N ASN F 207 32.97 -1.95 -5.48
CA ASN F 207 32.93 -0.57 -6.03
C ASN F 207 32.08 -0.36 -7.29
N GLY F 208 32.10 -1.28 -8.27
CA GLY F 208 31.43 -1.09 -9.56
C GLY F 208 29.94 -0.82 -9.49
N LYS F 209 29.25 -1.70 -8.79
CA LYS F 209 27.85 -1.60 -8.63
C LYS F 209 27.46 -0.26 -8.04
N GLY F 210 28.09 0.13 -6.95
CA GLY F 210 27.66 1.33 -6.21
C GLY F 210 27.94 2.64 -6.95
N VAL F 211 29.01 2.66 -7.72
CA VAL F 211 29.29 3.74 -8.66
C VAL F 211 28.14 3.90 -9.64
N ARG F 212 27.76 2.84 -10.32
CA ARG F 212 26.61 2.93 -11.26
C ARG F 212 25.36 3.33 -10.49
N GLN F 213 25.22 2.78 -9.29
CA GLN F 213 24.05 3.10 -8.48
C GLN F 213 24.06 4.59 -8.08
N LEU F 214 25.22 5.11 -7.63
CA LEU F 214 25.31 6.53 -7.31
C LEU F 214 25.04 7.44 -8.52
N VAL F 215 25.63 7.12 -9.68
CA VAL F 215 25.25 7.79 -10.95
C VAL F 215 23.74 7.80 -11.33
N ALA F 216 22.99 6.76 -10.99
CA ALA F 216 21.54 6.72 -11.29
C ALA F 216 20.76 7.51 -10.27
N ILE F 217 21.30 7.66 -9.05
CA ILE F 217 20.67 8.54 -8.08
C ILE F 217 20.68 9.97 -8.63
N PHE F 218 21.85 10.42 -9.08
CA PHE F 218 21.98 11.76 -9.58
C PHE F 218 21.35 12.08 -10.95
N LYS F 219 21.38 11.13 -11.89
CA LYS F 219 20.65 11.29 -13.15
C LYS F 219 19.16 11.46 -12.93
N LYS F 220 18.62 10.77 -11.91
CA LYS F 220 17.18 10.79 -11.59
C LYS F 220 16.70 12.13 -11.00
N THR F 221 17.39 12.70 -10.00
CA THR F 221 17.22 14.14 -9.80
C THR F 221 17.50 14.59 -11.23
N ASN F 222 17.12 15.78 -11.64
CA ASN F 222 17.53 16.20 -12.98
C ASN F 222 18.44 17.42 -12.89
N PHE F 223 19.23 17.43 -11.81
CA PHE F 223 20.03 18.58 -11.45
C PHE F 223 20.91 18.96 -12.64
N THR F 224 21.28 20.23 -12.67
CA THR F 224 22.13 20.72 -13.75
C THR F 224 23.11 21.82 -13.26
N PHE F 225 24.17 22.04 -14.04
CA PHE F 225 25.18 23.04 -13.71
C PHE F 225 24.94 24.38 -14.41
N GLU F 226 24.87 25.46 -13.62
CA GLU F 226 24.91 26.79 -14.22
C GLU F 226 26.28 26.93 -14.91
N ALA F 227 26.37 27.74 -15.96
CA ALA F 227 27.66 28.01 -16.63
C ALA F 227 28.00 29.48 -16.51
N LEU G 9 -22.06 -8.34 0.48
CA LEU G 9 -21.94 -9.46 1.50
C LEU G 9 -22.39 -9.08 2.89
N THR G 10 -23.30 -9.87 3.45
CA THR G 10 -23.66 -9.76 4.86
C THR G 10 -23.54 -11.10 5.56
N LEU G 11 -22.75 -11.18 6.64
CA LEU G 11 -22.68 -12.38 7.51
C LEU G 11 -23.64 -12.29 8.73
N TYR G 12 -24.48 -13.32 8.93
CA TYR G 12 -25.36 -13.38 10.11
C TYR G 12 -24.72 -14.33 11.08
N GLY G 13 -24.47 -13.85 12.31
CA GLY G 13 -23.85 -14.69 13.34
C GLY G 13 -23.59 -14.03 14.67
N LEU G 14 -22.79 -14.69 15.51
CA LEU G 14 -22.22 -14.09 16.74
C LEU G 14 -20.85 -14.75 16.96
N ASP G 15 -19.99 -14.12 17.74
CA ASP G 15 -18.60 -14.51 17.73
C ASP G 15 -18.27 -15.78 18.45
N PRO G 16 -18.99 -16.08 19.55
CA PRO G 16 -18.66 -17.32 20.23
C PRO G 16 -18.89 -18.57 19.39
N SER G 17 -19.69 -18.46 18.33
CA SER G 17 -20.10 -19.63 17.54
C SER G 17 -19.02 -20.16 16.58
N PRO G 18 -18.59 -21.43 16.76
CA PRO G 18 -17.50 -21.94 15.90
C PRO G 18 -17.76 -21.81 14.40
N PRO G 19 -18.91 -22.31 13.90
CA PRO G 19 -19.04 -22.20 12.45
C PRO G 19 -19.10 -20.73 11.93
N VAL G 20 -19.50 -19.80 12.77
CA VAL G 20 -19.49 -18.40 12.33
C VAL G 20 -18.06 -17.93 12.13
N ARG G 21 -17.19 -18.30 13.08
CA ARG G 21 -15.78 -18.00 13.03
C ARG G 21 -15.05 -18.68 11.85
N ALA G 22 -15.51 -19.83 11.42
CA ALA G 22 -14.98 -20.44 10.24
C ALA G 22 -15.19 -19.53 9.02
N VAL G 23 -16.37 -18.94 8.93
CA VAL G 23 -16.71 -17.95 7.86
C VAL G 23 -15.91 -16.62 8.04
N LYS G 24 -15.82 -16.12 9.28
CA LYS G 24 -14.96 -14.92 9.56
C LYS G 24 -13.53 -15.14 9.07
N LEU G 25 -12.92 -16.29 9.41
CA LEU G 25 -11.58 -16.57 8.93
C LEU G 25 -11.43 -16.55 7.39
N THR G 26 -12.43 -17.03 6.66
CA THR G 26 -12.30 -17.19 5.22
C THR G 26 -12.47 -15.86 4.56
N LEU G 27 -13.44 -15.12 5.07
CA LEU G 27 -13.65 -13.74 4.69
C LEU G 27 -12.39 -12.90 4.88
N ALA G 28 -11.70 -13.10 6.00
CA ALA G 28 -10.50 -12.32 6.25
C ALA G 28 -9.35 -12.77 5.37
N ALA G 29 -9.16 -14.08 5.20
CA ALA G 29 -8.05 -14.56 4.40
C ALA G 29 -8.17 -14.10 2.94
N LEU G 30 -9.39 -13.93 2.46
CA LEU G 30 -9.66 -13.40 1.13
C LEU G 30 -9.75 -11.88 1.03
N ASN G 31 -9.64 -11.18 2.17
CA ASN G 31 -9.81 -9.71 2.24
C ASN G 31 -11.06 -9.19 1.63
N LEU G 32 -12.17 -9.82 2.03
CA LEU G 32 -13.49 -9.40 1.60
C LEU G 32 -14.14 -8.54 2.66
N THR G 33 -14.68 -7.44 2.17
CA THR G 33 -15.47 -6.45 2.88
C THR G 33 -16.78 -7.09 3.18
N TYR G 34 -17.40 -6.79 4.31
CA TYR G 34 -18.75 -7.33 4.59
C TYR G 34 -19.34 -6.65 5.79
N GLU G 35 -20.67 -6.63 5.86
CA GLU G 35 -21.43 -6.29 7.05
C GLU G 35 -21.71 -7.53 7.88
N TYR G 36 -21.69 -7.34 9.18
CA TYR G 36 -21.84 -8.41 10.14
C TYR G 36 -23.05 -8.07 10.95
N VAL G 37 -24.07 -8.92 10.90
CA VAL G 37 -25.32 -8.68 11.60
C VAL G 37 -25.39 -9.71 12.70
N ASN G 38 -25.41 -9.24 13.96
CA ASN G 38 -25.52 -10.11 15.14
C ASN G 38 -26.83 -10.89 15.08
N VAL G 39 -26.83 -12.16 15.51
CA VAL G 39 -28.09 -12.91 15.70
C VAL G 39 -28.08 -13.55 17.05
N ASP G 40 -29.05 -13.19 17.89
CA ASP G 40 -29.02 -13.56 19.30
C ASP G 40 -29.69 -14.90 19.47
N ILE G 41 -28.88 -15.96 19.45
CA ILE G 41 -29.35 -17.34 19.61
C ILE G 41 -29.87 -17.51 21.04
N VAL G 42 -29.23 -16.86 21.99
CA VAL G 42 -29.68 -16.96 23.36
C VAL G 42 -31.08 -16.38 23.52
N ALA G 43 -31.41 -15.35 22.73
CA ALA G 43 -32.74 -14.72 22.72
C ALA G 43 -33.62 -15.31 21.63
N ARG G 44 -33.22 -16.47 21.12
CA ARG G 44 -33.98 -17.16 20.10
C ARG G 44 -34.32 -16.32 18.85
N ALA G 45 -33.52 -15.29 18.53
CA ALA G 45 -33.86 -14.42 17.39
C ALA G 45 -33.80 -15.14 16.02
N GLN G 46 -33.15 -16.31 15.98
CA GLN G 46 -33.03 -17.08 14.76
C GLN G 46 -34.35 -17.77 14.43
N LEU G 47 -35.29 -17.72 15.36
CA LEU G 47 -36.64 -18.24 15.17
C LEU G 47 -37.67 -17.17 14.73
N SER G 48 -37.22 -15.93 14.53
CA SER G 48 -38.14 -14.88 14.12
C SER G 48 -38.56 -15.21 12.71
N PRO G 49 -39.82 -14.92 12.35
CA PRO G 49 -40.36 -15.22 11.00
C PRO G 49 -39.51 -14.63 9.88
N GLU G 50 -38.90 -13.48 10.21
CA GLU G 50 -37.91 -12.82 9.35
C GLU G 50 -36.58 -13.60 9.14
N TYR G 51 -36.07 -14.24 10.19
CA TYR G 51 -34.85 -15.04 10.02
C TYR G 51 -35.12 -16.36 9.29
N LEU G 52 -36.21 -17.03 9.65
CA LEU G 52 -36.70 -18.22 8.96
C LEU G 52 -36.82 -18.03 7.44
N GLU G 53 -37.24 -16.85 7.00
CA GLU G 53 -37.35 -16.54 5.58
C GLU G 53 -35.98 -16.50 4.91
N LYS G 54 -34.97 -16.04 5.63
CA LYS G 54 -33.58 -16.06 5.15
C LYS G 54 -32.97 -17.48 5.19
N ASN G 55 -33.22 -18.21 6.28
CA ASN G 55 -32.70 -19.59 6.46
C ASN G 55 -33.73 -20.47 7.20
N PRO G 56 -34.40 -21.39 6.47
CA PRO G 56 -35.38 -22.32 7.04
C PRO G 56 -34.84 -23.19 8.18
N GLN G 57 -33.55 -23.49 8.18
CA GLN G 57 -32.96 -24.34 9.21
C GLN G 57 -32.60 -23.51 10.44
N HIS G 58 -32.71 -22.20 10.28
CA HIS G 58 -32.51 -21.26 11.36
C HIS G 58 -31.23 -21.53 12.11
N THR G 59 -30.15 -21.62 11.36
CA THR G 59 -28.84 -21.72 11.97
C THR G 59 -28.01 -20.46 11.70
N VAL G 60 -26.90 -20.36 12.41
CA VAL G 60 -25.86 -19.43 12.07
C VAL G 60 -24.61 -20.27 11.87
N PRO G 61 -23.75 -19.85 10.91
CA PRO G 61 -23.91 -18.62 10.06
C PRO G 61 -24.88 -18.73 8.83
N THR G 62 -25.38 -17.57 8.40
CA THR G 62 -25.98 -17.39 7.09
C THR G 62 -25.21 -16.26 6.36
N LEU G 63 -24.99 -16.44 5.06
CA LEU G 63 -24.40 -15.40 4.21
C LEU G 63 -25.46 -14.95 3.24
N GLU G 64 -25.60 -13.63 3.12
CA GLU G 64 -26.36 -13.03 2.03
C GLU G 64 -25.37 -12.40 1.04
N ASP G 65 -25.46 -12.81 -0.23
CA ASP G 65 -24.62 -12.32 -1.29
C ASP G 65 -25.56 -11.80 -2.40
N ASP G 66 -25.72 -10.48 -2.48
CA ASP G 66 -26.61 -9.83 -3.47
C ASP G 66 -28.05 -10.42 -3.47
N GLY G 67 -28.65 -10.42 -2.30
CA GLY G 67 -29.99 -11.00 -2.11
C GLY G 67 -30.07 -12.51 -1.99
N HIS G 68 -29.02 -13.25 -2.36
CA HIS G 68 -29.05 -14.73 -2.28
C HIS G 68 -28.63 -15.22 -0.90
N TYR G 69 -29.38 -16.18 -0.32
CA TYR G 69 -29.07 -16.69 1.01
C TYR G 69 -28.36 -18.02 0.96
N ILE G 70 -27.21 -18.11 1.63
CA ILE G 70 -26.43 -19.34 1.64
C ILE G 70 -26.16 -19.67 3.10
N TRP G 71 -26.35 -20.93 3.51
CA TRP G 71 -26.06 -21.26 4.88
C TRP G 71 -25.32 -22.58 4.94
N ASP G 72 -24.94 -22.94 6.17
CA ASP G 72 -23.97 -23.97 6.52
C ASP G 72 -22.58 -23.42 6.28
N SER G 73 -21.77 -23.31 7.35
CA SER G 73 -20.44 -22.67 7.23
C SER G 73 -19.54 -23.34 6.17
N HIS G 74 -19.69 -24.66 5.97
CA HIS G 74 -18.83 -25.39 5.03
C HIS G 74 -19.25 -25.04 3.60
N ALA G 75 -20.54 -24.94 3.34
CA ALA G 75 -20.96 -24.52 2.00
C ALA G 75 -20.58 -23.06 1.77
N ILE G 76 -20.67 -22.23 2.81
CA ILE G 76 -20.45 -20.79 2.66
C ILE G 76 -19.00 -20.55 2.21
N ILE G 77 -18.04 -21.24 2.85
CA ILE G 77 -16.62 -20.94 2.66
C ILE G 77 -16.04 -21.58 1.44
N ALA G 78 -16.61 -22.70 1.02
CA ALA G 78 -16.41 -23.19 -0.34
C ALA G 78 -16.94 -22.21 -1.38
N TYR G 79 -18.15 -21.72 -1.17
CA TYR G 79 -18.73 -20.73 -2.09
C TYR G 79 -17.84 -19.49 -2.26
N LEU G 80 -17.34 -19.02 -1.14
CA LEU G 80 -16.52 -17.81 -1.07
C LEU G 80 -15.23 -17.95 -1.82
N VAL G 81 -14.51 -19.07 -1.63
CA VAL G 81 -13.27 -19.32 -2.30
C VAL G 81 -13.54 -19.54 -3.79
N SER G 82 -14.56 -20.33 -4.08
CA SER G 82 -14.88 -20.65 -5.45
C SER G 82 -15.20 -19.35 -6.20
N LYS G 83 -15.86 -18.41 -5.54
CA LYS G 83 -16.43 -17.29 -6.24
C LYS G 83 -15.61 -16.01 -6.24
N TYR G 84 -14.71 -15.88 -5.28
CA TYR G 84 -13.97 -14.64 -5.03
C TYR G 84 -12.45 -14.76 -4.99
N ALA G 85 -11.89 -15.93 -4.71
CA ALA G 85 -10.44 -16.03 -4.58
C ALA G 85 -9.70 -15.82 -5.91
N ASP G 86 -8.46 -15.39 -5.78
CA ASP G 86 -7.56 -15.20 -6.89
C ASP G 86 -7.12 -16.53 -7.42
N SER G 87 -7.03 -17.53 -6.55
CA SER G 87 -6.66 -18.88 -6.94
C SER G 87 -7.55 -19.87 -6.15
N ASP G 88 -7.44 -21.14 -6.52
CA ASP G 88 -8.11 -22.23 -5.78
C ASP G 88 -7.24 -22.78 -4.60
N ALA G 89 -6.20 -22.03 -4.19
CA ALA G 89 -5.25 -22.43 -3.14
C ALA G 89 -5.96 -22.95 -1.85
N LEU G 90 -6.95 -22.21 -1.38
CA LEU G 90 -7.65 -22.53 -0.14
C LEU G 90 -8.71 -23.64 -0.29
N TYR G 91 -8.95 -24.12 -1.51
CA TYR G 91 -9.99 -25.11 -1.80
C TYR G 91 -9.70 -25.69 -3.19
N PRO G 92 -8.66 -26.52 -3.29
CA PRO G 92 -8.19 -26.88 -4.63
C PRO G 92 -9.22 -27.68 -5.39
N LYS G 93 -9.27 -27.45 -6.70
CA LYS G 93 -10.29 -28.06 -7.54
C LYS G 93 -9.84 -29.43 -8.01
N ASP G 94 -8.53 -29.70 -8.02
CA ASP G 94 -8.09 -31.04 -8.35
C ASP G 94 -8.89 -32.10 -7.54
N PRO G 95 -9.58 -33.04 -8.22
CA PRO G 95 -10.44 -33.93 -7.44
C PRO G 95 -9.81 -34.69 -6.25
N LEU G 96 -8.58 -35.19 -6.38
CA LEU G 96 -7.91 -35.88 -5.25
C LEU G 96 -7.54 -34.97 -4.05
N LYS G 97 -7.03 -33.78 -4.33
CA LYS G 97 -6.82 -32.79 -3.28
C LYS G 97 -8.16 -32.30 -2.68
N ARG G 98 -9.15 -31.99 -3.53
CA ARG G 98 -10.48 -31.61 -3.10
C ARG G 98 -11.10 -32.64 -2.17
N ALA G 99 -10.92 -33.91 -2.48
CA ALA G 99 -11.49 -34.99 -1.65
C ALA G 99 -11.01 -35.03 -0.22
N VAL G 100 -9.73 -34.75 0.04
CA VAL G 100 -9.25 -34.71 1.41
C VAL G 100 -9.88 -33.52 2.12
N VAL G 101 -9.98 -32.40 1.42
CA VAL G 101 -10.57 -31.17 1.98
C VAL G 101 -12.06 -31.36 2.33
N ASP G 102 -12.81 -31.88 1.38
CA ASP G 102 -14.17 -32.27 1.62
C ASP G 102 -14.32 -33.27 2.75
N GLN G 103 -13.44 -34.27 2.87
CA GLN G 103 -13.59 -35.23 3.93
C GLN G 103 -13.48 -34.54 5.24
N ARG G 104 -12.45 -33.70 5.36
CA ARG G 104 -12.21 -33.00 6.61
C ARG G 104 -13.39 -32.15 6.96
N LEU G 105 -13.94 -31.42 5.97
CA LEU G 105 -15.05 -30.51 6.26
C LEU G 105 -16.27 -31.27 6.83
N HIS G 106 -16.49 -32.49 6.28
CA HIS G 106 -17.65 -33.32 6.63
C HIS G 106 -17.47 -33.98 7.97
N PHE G 107 -16.22 -34.41 8.24
CA PHE G 107 -15.75 -34.79 9.54
C PHE G 107 -16.10 -33.74 10.57
N GLU G 108 -15.83 -32.48 10.20
CA GLU G 108 -16.13 -31.33 11.06
C GLU G 108 -17.63 -31.19 11.32
N SER G 109 -18.44 -31.26 10.23
CA SER G 109 -19.89 -31.12 10.35
C SER G 109 -20.52 -32.13 11.35
N GLY G 110 -20.11 -33.41 11.22
CA GLY G 110 -20.68 -34.54 11.98
C GLY G 110 -19.93 -34.94 13.23
N VAL G 111 -18.75 -35.53 13.08
CA VAL G 111 -18.01 -35.98 14.26
C VAL G 111 -17.69 -34.86 15.25
N VAL G 112 -17.19 -33.71 14.76
CA VAL G 112 -16.81 -32.60 15.64
C VAL G 112 -18.01 -31.78 16.15
N PHE G 113 -18.73 -31.10 15.27
CA PHE G 113 -19.71 -30.15 15.74
C PHE G 113 -20.99 -30.83 16.28
N ALA G 114 -21.63 -31.65 15.46
CA ALA G 114 -22.89 -32.23 15.82
C ALA G 114 -22.69 -33.11 17.04
N ASN G 115 -21.80 -34.09 16.94
CA ASN G 115 -21.60 -35.04 18.00
C ASN G 115 -20.80 -34.49 19.20
N GLY G 116 -19.83 -33.61 18.94
CA GLY G 116 -18.96 -33.10 20.00
C GLY G 116 -19.39 -31.81 20.65
N ILE G 117 -19.92 -30.86 19.88
CA ILE G 117 -20.15 -29.53 20.41
C ILE G 117 -21.60 -29.19 20.68
N ARG G 118 -22.44 -29.30 19.64
CA ARG G 118 -23.83 -28.94 19.73
C ARG G 118 -24.56 -29.71 20.80
N SER G 119 -24.26 -31.00 20.91
CA SER G 119 -24.80 -31.86 21.95
C SER G 119 -24.56 -31.29 23.39
N ILE G 120 -23.30 -31.16 23.82
CA ILE G 120 -22.97 -30.54 25.13
C ILE G 120 -23.59 -29.14 25.26
N SER G 121 -23.55 -28.40 24.16
CA SER G 121 -23.89 -26.99 24.27
C SER G 121 -25.41 -26.80 24.58
N LYS G 122 -26.25 -27.56 23.91
CA LYS G 122 -27.68 -27.57 24.20
C LYS G 122 -27.99 -28.02 25.67
N SER G 123 -27.29 -29.04 26.18
CA SER G 123 -27.48 -29.47 27.59
C SER G 123 -27.08 -28.46 28.63
N VAL G 124 -25.86 -27.97 28.51
CA VAL G 124 -25.37 -27.03 29.47
C VAL G 124 -26.01 -25.68 29.30
N LEU G 125 -26.05 -25.14 28.08
CA LEU G 125 -26.58 -23.76 27.89
C LEU G 125 -28.10 -23.64 27.85
N PHE G 126 -28.82 -24.62 27.31
CA PHE G 126 -30.27 -24.44 27.17
C PHE G 126 -31.12 -25.24 28.14
N GLN G 127 -30.58 -26.29 28.73
CA GLN G 127 -31.33 -26.97 29.77
C GLN G 127 -30.59 -27.16 31.09
N GLY G 128 -29.65 -26.27 31.36
CA GLY G 128 -29.10 -26.11 32.70
C GLY G 128 -28.26 -27.25 33.23
N GLN G 129 -27.85 -28.17 32.36
CA GLN G 129 -27.09 -29.33 32.83
C GLN G 129 -25.69 -28.91 33.30
N THR G 130 -25.28 -29.50 34.41
CA THR G 130 -24.12 -29.09 35.12
C THR G 130 -23.20 -30.30 35.30
N LYS G 131 -23.76 -31.51 35.28
CA LYS G 131 -23.01 -32.76 35.34
C LYS G 131 -23.22 -33.50 34.04
N VAL G 132 -22.21 -33.48 33.17
CA VAL G 132 -22.37 -33.92 31.77
C VAL G 132 -21.89 -35.35 31.61
N PRO G 133 -22.72 -36.21 30.99
CA PRO G 133 -22.34 -37.62 30.92
C PRO G 133 -20.96 -37.88 30.30
N LYS G 134 -20.29 -38.93 30.78
CA LYS G 134 -18.96 -39.31 30.37
C LYS G 134 -18.88 -39.50 28.90
N GLU G 135 -19.99 -39.91 28.28
CA GLU G 135 -20.02 -40.10 26.84
C GLU G 135 -19.58 -38.82 26.12
N ARG G 136 -20.03 -37.66 26.59
CA ARG G 136 -19.75 -36.43 25.85
C ARG G 136 -18.27 -36.13 25.94
N TYR G 137 -17.67 -36.53 27.05
CA TYR G 137 -16.25 -36.36 27.22
C TYR G 137 -15.47 -37.22 26.25
N ASP G 138 -15.81 -38.50 26.26
CA ASP G 138 -15.16 -39.49 25.40
C ASP G 138 -15.21 -39.07 23.94
N ALA G 139 -16.34 -38.55 23.49
CA ALA G 139 -16.48 -38.00 22.15
C ALA G 139 -15.41 -36.92 21.83
N ILE G 140 -15.14 -36.05 22.82
CA ILE G 140 -14.17 -35.00 22.61
C ILE G 140 -12.76 -35.57 22.57
N ILE G 141 -12.50 -36.53 23.46
CA ILE G 141 -11.21 -37.17 23.46
C ILE G 141 -11.01 -37.83 22.09
N GLU G 142 -12.02 -38.52 21.57
CA GLU G 142 -11.74 -39.19 20.31
C GLU G 142 -11.58 -38.23 19.13
N ILE G 143 -12.20 -37.05 19.23
CA ILE G 143 -11.95 -36.02 18.25
C ILE G 143 -10.48 -35.63 18.28
N TYR G 144 -9.97 -35.33 19.47
CA TYR G 144 -8.56 -35.00 19.63
C TYR G 144 -7.66 -36.14 19.05
N ASP G 145 -7.97 -37.38 19.35
CA ASP G 145 -7.22 -38.49 18.78
C ASP G 145 -7.27 -38.46 17.24
N PHE G 146 -8.48 -38.28 16.65
CA PHE G 146 -8.58 -38.27 15.18
C PHE G 146 -7.75 -37.12 14.59
N VAL G 147 -7.84 -35.94 15.18
CA VAL G 147 -7.16 -34.77 14.62
C VAL G 147 -5.64 -34.92 14.71
N GLU G 148 -5.17 -35.42 15.86
CA GLU G 148 -3.75 -35.75 16.01
C GLU G 148 -3.28 -36.72 14.90
N THR G 149 -4.08 -37.74 14.63
CA THR G 149 -3.80 -38.65 13.54
C THR G 149 -3.79 -37.95 12.18
N PHE G 150 -4.83 -37.15 11.89
CA PHE G 150 -5.02 -36.48 10.62
C PHE G 150 -3.94 -35.46 10.34
N LEU G 151 -3.27 -34.94 11.38
CA LEU G 151 -2.10 -34.05 11.19
C LEU G 151 -0.78 -34.80 11.03
N LYS G 152 -0.79 -36.11 11.20
CA LYS G 152 0.46 -36.79 11.12
C LYS G 152 1.02 -36.73 9.67
N GLY G 153 2.31 -36.52 9.56
CA GLY G 153 3.02 -36.58 8.29
C GLY G 153 2.66 -35.54 7.28
N GLN G 154 2.18 -34.38 7.74
CA GLN G 154 1.65 -33.31 6.87
C GLN G 154 1.67 -32.02 7.65
N ASP G 155 1.72 -30.87 6.99
CA ASP G 155 1.86 -29.58 7.67
C ASP G 155 0.53 -28.91 7.98
N TYR G 156 -0.52 -29.21 7.21
CA TYR G 156 -1.85 -28.70 7.47
C TYR G 156 -2.86 -29.85 7.58
N ILE G 157 -4.08 -29.52 7.88
CA ILE G 157 -5.01 -30.57 8.20
C ILE G 157 -5.49 -31.36 6.97
N ALA G 158 -5.49 -30.76 5.79
CA ALA G 158 -5.93 -31.48 4.63
C ALA G 158 -4.81 -31.57 3.59
N GLY G 159 -3.57 -31.48 4.01
CA GLY G 159 -2.45 -31.42 3.04
C GLY G 159 -1.36 -30.51 3.57
N ASN G 160 -0.54 -29.98 2.67
CA ASN G 160 0.68 -29.31 3.05
C ASN G 160 0.58 -27.81 2.84
N GLN G 161 -0.63 -27.38 2.46
CA GLN G 161 -0.99 -25.99 2.42
C GLN G 161 -2.31 -25.70 3.12
N LEU G 162 -2.43 -24.45 3.54
CA LEU G 162 -3.58 -23.95 4.24
C LEU G 162 -4.82 -24.06 3.34
N THR G 163 -5.92 -24.53 3.90
CA THR G 163 -7.17 -24.61 3.18
C THR G 163 -8.32 -24.27 4.13
N ILE G 164 -9.51 -24.17 3.55
CA ILE G 164 -10.72 -23.97 4.32
C ILE G 164 -11.02 -25.05 5.37
N ALA G 165 -10.42 -26.22 5.19
CA ALA G 165 -10.50 -27.28 6.20
C ALA G 165 -9.77 -26.92 7.50
N ASP G 166 -8.67 -26.17 7.38
CA ASP G 166 -7.96 -25.61 8.54
C ASP G 166 -8.83 -24.56 9.25
N PHE G 167 -9.59 -23.78 8.49
CA PHE G 167 -10.42 -22.77 9.05
C PHE G 167 -11.60 -23.37 9.81
N SER G 168 -12.21 -24.38 9.19
CA SER G 168 -13.39 -25.03 9.75
C SER G 168 -12.97 -25.83 10.93
N LEU G 169 -11.97 -26.71 10.78
CA LEU G 169 -11.51 -27.51 11.94
C LEU G 169 -10.84 -26.67 13.04
N VAL G 170 -10.17 -25.58 12.73
CA VAL G 170 -9.59 -24.83 13.87
C VAL G 170 -10.70 -24.06 14.65
N SER G 171 -11.75 -23.61 13.94
CA SER G 171 -12.85 -22.92 14.57
C SER G 171 -13.46 -23.78 15.71
N SER G 172 -13.71 -25.06 15.44
CA SER G 172 -14.34 -25.94 16.37
C SER G 172 -13.34 -26.65 17.30
N VAL G 173 -12.21 -27.14 16.78
CA VAL G 173 -11.22 -27.90 17.62
C VAL G 173 -10.60 -27.05 18.71
N ALA G 174 -10.27 -25.80 18.37
CA ALA G 174 -9.80 -24.86 19.37
C ALA G 174 -10.88 -24.54 20.43
N SER G 175 -12.15 -24.56 20.04
CA SER G 175 -13.25 -24.27 20.96
C SER G 175 -13.46 -25.39 22.00
N LEU G 176 -12.95 -26.59 21.70
CA LEU G 176 -13.07 -27.74 22.54
C LEU G 176 -12.29 -27.58 23.85
N GLU G 177 -11.30 -26.71 23.82
CA GLU G 177 -10.77 -26.21 25.03
C GLU G 177 -11.91 -25.80 25.98
N ALA G 178 -13.08 -25.38 25.52
CA ALA G 178 -14.20 -25.04 26.41
C ALA G 178 -14.62 -26.19 27.33
N PHE G 179 -14.37 -27.45 26.92
CA PHE G 179 -14.79 -28.63 27.65
C PHE G 179 -13.63 -29.49 28.20
N VAL G 180 -12.59 -29.67 27.40
CA VAL G 180 -11.46 -30.46 27.80
C VAL G 180 -10.18 -29.72 27.37
N ALA G 181 -9.37 -29.36 28.36
CA ALA G 181 -8.16 -28.67 28.13
C ALA G 181 -7.33 -29.50 27.16
N LEU G 182 -6.62 -28.86 26.22
CA LEU G 182 -5.77 -29.62 25.31
C LEU G 182 -4.41 -29.93 25.99
N ASP G 183 -4.13 -31.20 26.20
CA ASP G 183 -2.88 -31.64 26.77
C ASP G 183 -1.92 -31.75 25.61
N THR G 184 -1.02 -30.78 25.46
CA THR G 184 -0.08 -30.77 24.33
C THR G 184 1.09 -31.77 24.48
N THR G 185 1.19 -32.49 25.59
CA THR G 185 2.25 -33.52 25.67
C THR G 185 1.68 -34.77 24.99
N LYS G 186 0.40 -35.07 25.22
CA LYS G 186 -0.27 -36.08 24.40
C LYS G 186 -0.64 -35.61 22.97
N TYR G 187 -1.09 -34.36 22.80
CA TYR G 187 -1.44 -33.87 21.47
C TYR G 187 -0.51 -32.77 20.96
N PRO G 188 0.75 -33.10 20.65
CA PRO G 188 1.69 -32.03 20.22
C PRO G 188 1.44 -31.46 18.82
N ARG G 189 0.97 -32.29 17.90
CA ARG G 189 0.55 -31.86 16.56
C ARG G 189 -0.65 -30.89 16.57
N ILE G 190 -1.68 -31.18 17.36
CA ILE G 190 -2.79 -30.25 17.43
C ILE G 190 -2.23 -28.94 18.00
N GLY G 191 -1.44 -29.03 19.07
CA GLY G 191 -0.84 -27.85 19.66
C GLY G 191 -0.11 -26.97 18.66
N ALA G 192 0.77 -27.60 17.88
CA ALA G 192 1.63 -26.93 16.92
C ALA G 192 0.79 -26.31 15.82
N TRP G 193 -0.27 -27.03 15.38
CA TRP G 193 -1.18 -26.60 14.31
C TRP G 193 -2.00 -25.41 14.72
N ILE G 194 -2.60 -25.45 15.91
CA ILE G 194 -3.28 -24.31 16.43
C ILE G 194 -2.29 -23.13 16.51
N LYS G 195 -1.11 -23.35 17.13
CA LYS G 195 -0.12 -22.28 17.25
C LYS G 195 0.29 -21.64 15.90
N LYS G 196 0.48 -22.46 14.87
CA LYS G 196 0.75 -21.94 13.55
C LYS G 196 -0.38 -21.07 12.98
N LEU G 197 -1.63 -21.53 13.10
CA LEU G 197 -2.73 -20.74 12.56
C LEU G 197 -2.88 -19.39 13.33
N GLU G 198 -2.54 -19.40 14.62
CA GLU G 198 -2.57 -18.21 15.46
C GLU G 198 -1.63 -17.15 15.01
N GLN G 199 -0.59 -17.52 14.25
CA GLN G 199 0.28 -16.53 13.58
C GLN G 199 -0.35 -15.81 12.38
N LEU G 200 -1.44 -16.33 11.84
CA LEU G 200 -2.14 -15.60 10.79
C LEU G 200 -2.52 -14.23 11.37
N PRO G 201 -2.10 -13.12 10.73
CA PRO G 201 -2.39 -11.84 11.36
C PRO G 201 -3.90 -11.55 11.52
N TYR G 202 -4.75 -12.26 10.77
CA TYR G 202 -6.19 -12.03 10.91
C TYR G 202 -6.85 -13.03 11.85
N TYR G 203 -6.08 -13.90 12.50
CA TYR G 203 -6.66 -14.97 13.30
C TYR G 203 -7.30 -14.46 14.58
N GLU G 204 -6.64 -13.52 15.24
CA GLU G 204 -7.18 -13.02 16.52
C GLU G 204 -8.62 -12.47 16.39
N GLU G 205 -8.88 -11.64 15.40
CA GLU G 205 -10.23 -11.11 15.28
C GLU G 205 -11.25 -12.14 14.71
N ALA G 206 -10.82 -13.04 13.83
CA ALA G 206 -11.80 -13.97 13.21
C ALA G 206 -12.15 -15.13 14.11
N ASN G 207 -11.16 -15.69 14.80
CA ASN G 207 -11.34 -16.89 15.62
C ASN G 207 -10.91 -16.71 17.08
N GLY G 208 -9.76 -16.09 17.35
CA GLY G 208 -9.13 -16.17 18.66
C GLY G 208 -9.98 -15.59 19.78
N LYS G 209 -10.55 -14.43 19.50
CA LYS G 209 -11.37 -13.76 20.47
C LYS G 209 -12.61 -14.61 20.89
N GLY G 210 -13.30 -15.10 19.88
CA GLY G 210 -14.49 -15.91 20.07
C GLY G 210 -14.21 -17.28 20.70
N VAL G 211 -13.02 -17.83 20.50
CA VAL G 211 -12.63 -19.05 21.22
C VAL G 211 -12.58 -18.77 22.72
N ARG G 212 -11.88 -17.70 23.12
CA ARG G 212 -11.72 -17.39 24.54
C ARG G 212 -13.10 -17.06 25.16
N GLN G 213 -13.94 -16.42 24.37
CA GLN G 213 -15.27 -16.04 24.77
C GLN G 213 -16.15 -17.25 25.01
N LEU G 214 -16.12 -18.20 24.08
CA LEU G 214 -16.77 -19.49 24.31
C LEU G 214 -16.26 -20.20 25.54
N VAL G 215 -14.93 -20.31 25.67
CA VAL G 215 -14.33 -20.96 26.84
C VAL G 215 -14.91 -20.35 28.13
N ALA G 216 -15.06 -19.03 28.12
CA ALA G 216 -15.53 -18.30 29.31
C ALA G 216 -17.03 -18.51 29.54
N ILE G 217 -17.78 -18.59 28.45
CA ILE G 217 -19.21 -18.94 28.60
C ILE G 217 -19.34 -20.27 29.34
N PHE G 218 -18.49 -21.25 28.99
CA PHE G 218 -18.56 -22.57 29.64
C PHE G 218 -18.00 -22.63 31.04
N LYS G 219 -16.93 -21.90 31.30
CA LYS G 219 -16.42 -21.81 32.65
C LYS G 219 -17.44 -21.29 33.68
N LYS G 220 -18.18 -20.25 33.30
CA LYS G 220 -19.22 -19.62 34.07
C LYS G 220 -20.36 -20.60 34.42
N THR G 221 -20.60 -21.61 33.59
CA THR G 221 -21.61 -22.64 33.88
C THR G 221 -21.22 -23.57 35.02
N ASN G 222 -19.93 -23.59 35.36
CA ASN G 222 -19.36 -24.59 36.25
C ASN G 222 -19.61 -26.05 35.93
N PHE G 223 -20.01 -26.34 34.69
CA PHE G 223 -20.29 -27.73 34.33
C PHE G 223 -19.00 -28.54 34.55
N THR G 224 -19.18 -29.79 34.96
CA THR G 224 -18.12 -30.79 35.09
C THR G 224 -18.66 -32.04 34.38
N PHE G 225 -17.76 -32.96 34.04
CA PHE G 225 -18.17 -34.24 33.49
C PHE G 225 -18.43 -35.27 34.62
N GLU G 226 -19.47 -36.04 34.45
CA GLU G 226 -19.76 -37.18 35.33
C GLU G 226 -18.82 -38.38 34.94
N ALA G 227 -18.59 -39.35 35.85
CA ALA G 227 -17.78 -40.58 35.50
C ALA G 227 -18.52 -41.73 34.74
N LYS H 8 -8.68 -49.08 -11.31
CA LYS H 8 -10.11 -49.45 -11.12
C LYS H 8 -10.52 -48.99 -9.73
N LEU H 9 -11.81 -49.06 -9.52
CA LEU H 9 -12.43 -48.55 -8.33
C LEU H 9 -12.81 -49.70 -7.42
N THR H 10 -12.46 -49.60 -6.15
CA THR H 10 -13.01 -50.48 -5.14
C THR H 10 -13.79 -49.74 -4.02
N LEU H 11 -15.03 -50.15 -3.78
CA LEU H 11 -15.81 -49.63 -2.67
C LEU H 11 -15.76 -50.61 -1.51
N TYR H 12 -15.42 -50.12 -0.33
CA TYR H 12 -15.45 -50.93 0.88
C TYR H 12 -16.69 -50.56 1.66
N GLY H 13 -17.58 -51.55 1.89
CA GLY H 13 -18.58 -51.44 2.92
C GLY H 13 -19.62 -52.56 3.05
N LEU H 14 -20.87 -52.15 3.26
CA LEU H 14 -21.95 -53.09 3.44
C LEU H 14 -23.29 -52.40 3.18
N ASP H 15 -24.24 -53.16 2.68
CA ASP H 15 -25.49 -52.62 2.15
C ASP H 15 -26.48 -51.95 3.13
N PRO H 16 -26.56 -52.41 4.38
CA PRO H 16 -27.45 -51.70 5.29
C PRO H 16 -26.96 -50.28 5.65
N SER H 17 -25.70 -49.94 5.32
CA SER H 17 -25.16 -48.66 5.76
C SER H 17 -25.63 -47.50 4.86
N PRO H 18 -26.36 -46.52 5.42
CA PRO H 18 -26.76 -45.39 4.59
C PRO H 18 -25.62 -44.70 3.72
N PRO H 19 -24.50 -44.27 4.32
CA PRO H 19 -23.52 -43.59 3.45
C PRO H 19 -22.84 -44.47 2.41
N VAL H 20 -22.79 -45.78 2.65
CA VAL H 20 -22.28 -46.72 1.65
C VAL H 20 -23.16 -46.74 0.41
N ARG H 21 -24.47 -46.77 0.68
CA ARG H 21 -25.53 -46.72 -0.32
C ARG H 21 -25.62 -45.42 -1.06
N ALA H 22 -25.31 -44.32 -0.38
CA ALA H 22 -25.17 -43.05 -1.08
C ALA H 22 -24.13 -43.17 -2.23
N VAL H 23 -23.06 -43.90 -1.97
CA VAL H 23 -21.95 -44.04 -2.92
C VAL H 23 -22.43 -45.01 -4.04
N LYS H 24 -23.05 -46.14 -3.63
CA LYS H 24 -23.60 -47.08 -4.62
C LYS H 24 -24.55 -46.39 -5.63
N LEU H 25 -25.44 -45.55 -5.14
CA LEU H 25 -26.22 -44.69 -6.02
C LEU H 25 -25.39 -43.90 -7.05
N THR H 26 -24.31 -43.27 -6.59
CA THR H 26 -23.53 -42.40 -7.45
C THR H 26 -22.72 -43.21 -8.46
N LEU H 27 -22.12 -44.30 -8.01
CA LEU H 27 -21.35 -45.15 -8.90
C LEU H 27 -22.27 -45.64 -10.03
N ALA H 28 -23.51 -46.02 -9.69
CA ALA H 28 -24.49 -46.48 -10.69
C ALA H 28 -24.91 -45.36 -11.61
N ALA H 29 -25.30 -44.23 -11.04
CA ALA H 29 -25.78 -43.10 -11.84
C ALA H 29 -24.73 -42.63 -12.87
N LEU H 30 -23.44 -42.92 -12.59
CA LEU H 30 -22.26 -42.57 -13.45
C LEU H 30 -21.74 -43.70 -14.35
N ASN H 31 -22.37 -44.86 -14.30
CA ASN H 31 -21.98 -46.01 -15.08
C ASN H 31 -20.56 -46.39 -14.86
N LEU H 32 -20.15 -46.40 -13.60
CA LEU H 32 -18.78 -46.75 -13.29
C LEU H 32 -18.67 -48.17 -12.77
N THR H 33 -17.68 -48.86 -13.34
CA THR H 33 -17.31 -50.19 -12.96
C THR H 33 -16.55 -50.20 -11.64
N TYR H 34 -16.91 -51.09 -10.73
CA TYR H 34 -16.21 -51.19 -9.46
C TYR H 34 -16.35 -52.54 -8.81
N GLU H 35 -15.34 -52.88 -7.99
CA GLU H 35 -15.45 -54.04 -7.14
C GLU H 35 -15.93 -53.62 -5.76
N TYR H 36 -16.70 -54.49 -5.12
CA TYR H 36 -17.29 -54.16 -3.84
C TYR H 36 -16.76 -55.10 -2.78
N VAL H 37 -16.19 -54.55 -1.71
CA VAL H 37 -15.59 -55.38 -0.72
C VAL H 37 -16.40 -55.20 0.55
N ASN H 38 -16.89 -56.29 1.11
CA ASN H 38 -17.61 -56.26 2.37
C ASN H 38 -16.68 -55.97 3.56
N VAL H 39 -17.15 -55.13 4.46
CA VAL H 39 -16.42 -54.82 5.69
C VAL H 39 -17.44 -55.13 6.77
N ASP H 40 -17.23 -56.21 7.50
CA ASP H 40 -18.14 -56.62 8.58
C ASP H 40 -17.99 -55.73 9.84
N ILE H 41 -18.86 -54.73 9.99
CA ILE H 41 -18.72 -53.75 11.10
C ILE H 41 -18.97 -54.39 12.49
N VAL H 42 -20.01 -55.23 12.57
CA VAL H 42 -20.37 -55.98 13.80
C VAL H 42 -19.19 -56.81 14.35
N ALA H 43 -18.46 -57.44 13.44
CA ALA H 43 -17.26 -58.18 13.81
C ALA H 43 -16.08 -57.26 13.93
N ARG H 44 -16.29 -55.96 13.79
CA ARG H 44 -15.23 -54.96 14.04
C ARG H 44 -14.06 -55.08 13.07
N ALA H 45 -14.37 -55.38 11.82
CA ALA H 45 -13.36 -55.58 10.79
C ALA H 45 -12.70 -54.25 10.43
N GLN H 46 -13.45 -53.16 10.60
CA GLN H 46 -12.92 -51.84 10.29
C GLN H 46 -11.77 -51.44 11.21
N LEU H 47 -11.64 -52.13 12.34
CA LEU H 47 -10.65 -51.76 13.35
C LEU H 47 -9.33 -52.48 13.16
N SER H 48 -9.28 -53.44 12.24
CA SER H 48 -8.01 -54.11 11.92
C SER H 48 -6.97 -53.10 11.42
N PRO H 49 -5.67 -53.38 11.65
CA PRO H 49 -4.57 -52.50 11.19
C PRO H 49 -4.54 -52.33 9.68
N GLU H 50 -4.97 -53.39 9.00
CA GLU H 50 -5.11 -53.41 7.57
C GLU H 50 -6.13 -52.37 7.15
N TYR H 51 -7.30 -52.36 7.79
CA TYR H 51 -8.31 -51.39 7.42
C TYR H 51 -7.87 -49.99 7.82
N LEU H 52 -7.24 -49.88 8.98
CA LEU H 52 -6.76 -48.60 9.47
C LEU H 52 -5.76 -47.94 8.51
N GLU H 53 -4.92 -48.71 7.82
CA GLU H 53 -4.07 -48.04 6.81
C GLU H 53 -4.83 -47.57 5.55
N LYS H 54 -6.02 -48.11 5.30
CA LYS H 54 -6.83 -47.58 4.21
C LYS H 54 -7.57 -46.30 4.60
N ASN H 55 -8.01 -46.27 5.86
CA ASN H 55 -8.78 -45.19 6.39
C ASN H 55 -8.57 -45.12 7.92
N PRO H 56 -7.73 -44.18 8.42
CA PRO H 56 -7.49 -44.01 9.87
C PRO H 56 -8.73 -43.67 10.72
N GLN H 57 -9.81 -43.20 10.10
CA GLN H 57 -11.01 -42.94 10.82
C GLN H 57 -11.91 -44.20 10.92
N HIS H 58 -11.56 -45.25 10.17
CA HIS H 58 -12.25 -46.58 10.23
C HIS H 58 -13.76 -46.46 10.11
N THR H 59 -14.18 -45.64 9.14
CA THR H 59 -15.53 -45.63 8.71
C THR H 59 -15.64 -46.38 7.37
N VAL H 60 -16.84 -46.91 7.14
CA VAL H 60 -17.32 -47.17 5.78
C VAL H 60 -18.34 -46.13 5.37
N PRO H 61 -18.40 -45.83 4.07
CA PRO H 61 -17.60 -46.33 2.95
C PRO H 61 -16.21 -45.71 2.84
N THR H 62 -15.26 -46.47 2.29
CA THR H 62 -14.01 -45.92 1.78
C THR H 62 -14.00 -46.32 0.31
N LEU H 63 -13.44 -45.45 -0.53
CA LEU H 63 -13.20 -45.79 -1.92
C LEU H 63 -11.66 -45.80 -2.21
N GLU H 64 -11.19 -46.80 -2.94
CA GLU H 64 -9.80 -46.85 -3.39
C GLU H 64 -9.87 -46.63 -4.88
N ASP H 65 -9.23 -45.59 -5.39
CA ASP H 65 -9.15 -45.33 -6.82
C ASP H 65 -7.69 -45.30 -7.23
N ASP H 66 -7.26 -46.39 -7.85
CA ASP H 66 -5.98 -46.43 -8.49
C ASP H 66 -4.89 -45.90 -7.55
N GLY H 67 -4.84 -46.48 -6.36
CA GLY H 67 -3.73 -46.24 -5.44
C GLY H 67 -4.01 -45.18 -4.38
N HIS H 68 -5.20 -44.55 -4.44
CA HIS H 68 -5.62 -43.54 -3.46
C HIS H 68 -6.86 -43.95 -2.65
N TYR H 69 -6.84 -43.78 -1.34
CA TYR H 69 -8.01 -44.05 -0.49
C TYR H 69 -8.79 -42.77 -0.26
N ILE H 70 -10.11 -42.78 -0.51
CA ILE H 70 -10.96 -41.63 -0.24
C ILE H 70 -12.00 -42.14 0.72
N TRP H 71 -12.41 -41.31 1.68
CA TRP H 71 -13.49 -41.69 2.60
C TRP H 71 -14.42 -40.56 2.93
N ASP H 72 -15.46 -40.89 3.67
CA ASP H 72 -16.63 -40.04 3.84
C ASP H 72 -17.46 -40.05 2.57
N SER H 73 -18.69 -40.53 2.66
CA SER H 73 -19.53 -40.72 1.50
C SER H 73 -19.67 -39.46 0.71
N HIS H 74 -19.73 -38.32 1.42
CA HIS H 74 -20.05 -37.03 0.80
C HIS H 74 -18.84 -36.52 -0.01
N ALA H 75 -17.63 -36.72 0.50
CA ALA H 75 -16.43 -36.47 -0.30
C ALA H 75 -16.27 -37.46 -1.48
N ILE H 76 -16.59 -38.74 -1.27
CA ILE H 76 -16.46 -39.74 -2.33
C ILE H 76 -17.37 -39.33 -3.50
N ILE H 77 -18.64 -38.99 -3.24
CA ILE H 77 -19.59 -38.81 -4.33
C ILE H 77 -19.34 -37.48 -5.08
N ALA H 78 -18.89 -36.45 -4.36
CA ALA H 78 -18.43 -35.24 -5.00
C ALA H 78 -17.20 -35.51 -5.87
N TYR H 79 -16.28 -36.36 -5.38
CA TYR H 79 -15.09 -36.80 -6.14
C TYR H 79 -15.46 -37.50 -7.43
N LEU H 80 -16.42 -38.41 -7.33
CA LEU H 80 -16.78 -39.26 -8.45
C LEU H 80 -17.41 -38.42 -9.55
N VAL H 81 -18.32 -37.53 -9.19
CA VAL H 81 -18.94 -36.64 -10.19
C VAL H 81 -17.90 -35.68 -10.82
N SER H 82 -17.05 -35.07 -10.01
CA SER H 82 -16.02 -34.16 -10.56
C SER H 82 -15.05 -34.90 -11.45
N LYS H 83 -14.59 -36.07 -11.04
CA LYS H 83 -13.55 -36.72 -11.80
C LYS H 83 -14.10 -37.45 -13.03
N TYR H 84 -15.27 -38.10 -12.93
CA TYR H 84 -15.73 -39.00 -13.98
C TYR H 84 -16.92 -38.55 -14.80
N ALA H 85 -17.70 -37.59 -14.32
CA ALA H 85 -18.95 -37.27 -15.01
C ALA H 85 -18.73 -36.55 -16.34
N ASP H 86 -19.60 -36.85 -17.31
CA ASP H 86 -19.62 -36.13 -18.59
C ASP H 86 -20.08 -34.71 -18.47
N SER H 87 -20.94 -34.43 -17.52
CA SER H 87 -21.38 -33.07 -17.29
C SER H 87 -21.50 -32.86 -15.77
N ASP H 88 -21.82 -31.63 -15.38
CA ASP H 88 -21.94 -31.29 -13.99
C ASP H 88 -23.37 -31.56 -13.39
N ALA H 89 -24.27 -32.19 -14.15
CA ALA H 89 -25.65 -32.38 -13.73
C ALA H 89 -25.76 -32.86 -12.26
N LEU H 90 -24.98 -33.87 -11.88
CA LEU H 90 -25.15 -34.45 -10.53
C LEU H 90 -24.53 -33.61 -9.42
N TYR H 91 -23.77 -32.61 -9.83
CA TYR H 91 -23.09 -31.71 -8.91
C TYR H 91 -22.73 -30.42 -9.59
N PRO H 92 -23.70 -29.52 -9.76
CA PRO H 92 -23.46 -28.37 -10.63
C PRO H 92 -22.34 -27.48 -10.11
N LYS H 93 -21.59 -26.87 -11.02
CA LYS H 93 -20.40 -26.09 -10.65
C LYS H 93 -20.72 -24.68 -10.34
N ASP H 94 -21.84 -24.20 -10.86
CA ASP H 94 -22.27 -22.85 -10.65
C ASP H 94 -22.28 -22.59 -9.14
N PRO H 95 -21.57 -21.55 -8.67
CA PRO H 95 -21.45 -21.39 -7.22
C PRO H 95 -22.76 -21.45 -6.42
N LEU H 96 -23.82 -20.77 -6.85
CA LEU H 96 -25.08 -20.80 -6.07
C LEU H 96 -25.70 -22.19 -6.06
N LYS H 97 -25.70 -22.85 -7.20
CA LYS H 97 -26.32 -24.17 -7.25
C LYS H 97 -25.50 -25.05 -6.33
N ARG H 98 -24.18 -24.98 -6.46
CA ARG H 98 -23.27 -25.73 -5.62
C ARG H 98 -23.56 -25.46 -4.14
N ALA H 99 -23.77 -24.20 -3.75
CA ALA H 99 -23.96 -23.84 -2.35
C ALA H 99 -25.13 -24.61 -1.71
N VAL H 100 -26.16 -24.90 -2.49
CA VAL H 100 -27.34 -25.62 -1.98
C VAL H 100 -27.04 -27.09 -1.82
N VAL H 101 -26.43 -27.67 -2.85
CA VAL H 101 -25.96 -29.05 -2.75
C VAL H 101 -25.02 -29.23 -1.56
N ASP H 102 -23.98 -28.40 -1.49
CA ASP H 102 -23.05 -28.48 -0.39
C ASP H 102 -23.79 -28.32 0.95
N GLN H 103 -24.73 -27.39 1.04
CA GLN H 103 -25.45 -27.24 2.30
C GLN H 103 -26.21 -28.51 2.64
N ARG H 104 -26.85 -29.12 1.64
CA ARG H 104 -27.66 -30.30 1.88
C ARG H 104 -26.74 -31.43 2.29
N LEU H 105 -25.57 -31.51 1.67
CA LEU H 105 -24.57 -32.54 2.03
C LEU H 105 -24.16 -32.45 3.51
N HIS H 106 -23.66 -31.30 3.91
CA HIS H 106 -23.25 -31.06 5.29
C HIS H 106 -24.37 -31.21 6.31
N PHE H 107 -25.60 -30.86 5.94
CA PHE H 107 -26.80 -31.14 6.72
C PHE H 107 -26.92 -32.64 6.99
N GLU H 108 -26.68 -33.46 5.98
CA GLU H 108 -26.83 -34.87 6.14
C GLU H 108 -25.76 -35.39 7.06
N SER H 109 -24.54 -34.92 6.83
CA SER H 109 -23.40 -35.33 7.64
C SER H 109 -23.65 -35.18 9.15
N GLY H 110 -24.22 -34.07 9.54
CA GLY H 110 -24.34 -33.75 10.96
C GLY H 110 -25.72 -33.94 11.53
N VAL H 111 -26.66 -33.11 11.08
CA VAL H 111 -28.02 -33.20 11.54
C VAL H 111 -28.57 -34.58 11.34
N VAL H 112 -28.33 -35.17 10.18
CA VAL H 112 -29.03 -36.39 9.85
C VAL H 112 -28.29 -37.61 10.34
N PHE H 113 -27.10 -37.85 9.79
CA PHE H 113 -26.39 -39.05 10.12
C PHE H 113 -25.83 -39.02 11.56
N ALA H 114 -24.97 -38.05 11.85
CA ALA H 114 -24.28 -38.03 13.11
C ALA H 114 -25.27 -37.97 14.31
N ASN H 115 -26.25 -37.09 14.24
CA ASN H 115 -27.16 -36.85 15.35
C ASN H 115 -28.37 -37.76 15.37
N GLY H 116 -28.87 -38.11 14.18
CA GLY H 116 -30.07 -38.90 14.02
C GLY H 116 -29.83 -40.40 14.01
N ILE H 117 -28.81 -40.86 13.29
CA ILE H 117 -28.60 -42.31 13.07
C ILE H 117 -27.50 -42.96 13.91
N ARG H 118 -26.31 -42.36 13.95
CA ARG H 118 -25.19 -43.07 14.49
C ARG H 118 -25.34 -43.11 15.99
N SER H 119 -25.99 -42.08 16.51
CA SER H 119 -26.25 -42.00 17.94
C SER H 119 -27.10 -43.21 18.36
N ILE H 120 -28.14 -43.50 17.59
CA ILE H 120 -29.00 -44.65 17.89
C ILE H 120 -28.34 -45.97 17.60
N SER H 121 -27.61 -46.01 16.49
CA SER H 121 -26.99 -47.24 16.02
C SER H 121 -25.95 -47.72 16.97
N LYS H 122 -25.07 -46.84 17.43
CA LYS H 122 -24.14 -47.21 18.48
C LYS H 122 -24.91 -47.68 19.73
N SER H 123 -25.90 -46.92 20.18
CA SER H 123 -26.48 -47.21 21.50
C SER H 123 -27.30 -48.49 21.46
N VAL H 124 -28.06 -48.68 20.40
CA VAL H 124 -28.91 -49.86 20.24
C VAL H 124 -28.16 -51.07 19.66
N LEU H 125 -27.20 -50.87 18.77
CA LEU H 125 -26.52 -52.03 18.16
C LEU H 125 -25.26 -52.46 18.91
N PHE H 126 -24.38 -51.53 19.29
CA PHE H 126 -23.07 -51.90 19.82
C PHE H 126 -22.99 -51.87 21.34
N GLN H 127 -24.05 -51.40 21.98
CA GLN H 127 -24.16 -51.49 23.44
C GLN H 127 -25.51 -52.08 23.87
N GLY H 128 -26.17 -52.81 22.98
CA GLY H 128 -27.45 -53.44 23.31
C GLY H 128 -28.34 -52.75 24.35
N GLN H 129 -28.56 -51.44 24.19
CA GLN H 129 -29.40 -50.67 25.10
C GLN H 129 -30.78 -50.53 24.50
N THR H 130 -31.77 -51.09 25.18
CA THR H 130 -33.09 -51.32 24.58
C THR H 130 -34.11 -50.19 24.70
N LYS H 131 -34.02 -49.35 25.71
CA LYS H 131 -34.95 -48.24 25.82
C LYS H 131 -34.11 -47.03 25.52
N VAL H 132 -34.52 -46.24 24.53
CA VAL H 132 -33.67 -45.18 24.00
C VAL H 132 -34.30 -43.80 24.25
N PRO H 133 -33.53 -42.84 24.80
CA PRO H 133 -34.05 -41.51 25.14
C PRO H 133 -34.99 -40.87 24.13
N LYS H 134 -35.92 -40.11 24.67
CA LYS H 134 -36.99 -39.50 23.93
C LYS H 134 -36.45 -38.43 22.96
N GLU H 135 -35.26 -37.90 23.23
CA GLU H 135 -34.73 -36.88 22.31
C GLU H 135 -34.06 -37.49 21.02
N ARG H 136 -33.59 -38.75 21.09
CA ARG H 136 -33.24 -39.50 19.88
C ARG H 136 -34.47 -39.57 18.96
N TYR H 137 -35.66 -39.80 19.52
CA TYR H 137 -36.90 -39.71 18.75
C TYR H 137 -37.12 -38.29 18.21
N ASP H 138 -37.06 -37.28 19.08
CA ASP H 138 -37.36 -35.92 18.63
C ASP H 138 -36.38 -35.46 17.54
N ALA H 139 -35.12 -35.89 17.65
CA ALA H 139 -34.10 -35.55 16.65
C ALA H 139 -34.61 -35.93 15.28
N ILE H 140 -35.23 -37.11 15.18
CA ILE H 140 -35.68 -37.62 13.89
C ILE H 140 -36.89 -36.87 13.35
N ILE H 141 -37.82 -36.52 14.23
CA ILE H 141 -38.95 -35.69 13.84
C ILE H 141 -38.42 -34.36 13.27
N GLU H 142 -37.43 -33.76 13.92
CA GLU H 142 -36.81 -32.52 13.38
C GLU H 142 -36.21 -32.75 11.99
N ILE H 143 -35.53 -33.88 11.79
CA ILE H 143 -35.02 -34.21 10.46
C ILE H 143 -36.16 -34.22 9.49
N TYR H 144 -37.22 -35.01 9.76
CA TYR H 144 -38.33 -35.08 8.78
C TYR H 144 -38.94 -33.70 8.50
N ASP H 145 -39.07 -32.89 9.57
CA ASP H 145 -39.54 -31.50 9.46
C ASP H 145 -38.67 -30.62 8.55
N PHE H 146 -37.35 -30.67 8.71
CA PHE H 146 -36.47 -29.86 7.85
C PHE H 146 -36.49 -30.30 6.40
N VAL H 147 -36.37 -31.61 6.17
CA VAL H 147 -36.43 -32.18 4.82
C VAL H 147 -37.72 -31.82 4.07
N GLU H 148 -38.88 -32.00 4.71
CA GLU H 148 -40.19 -31.53 4.20
C GLU H 148 -40.17 -30.06 3.78
N THR H 149 -39.59 -29.20 4.60
CA THR H 149 -39.43 -27.77 4.25
C THR H 149 -38.43 -27.56 3.10
N PHE H 150 -37.36 -28.34 3.05
CA PHE H 150 -36.34 -28.22 1.97
C PHE H 150 -36.91 -28.67 0.61
N LEU H 151 -37.87 -29.59 0.66
CA LEU H 151 -38.52 -30.07 -0.57
C LEU H 151 -39.61 -29.13 -1.13
N LYS H 152 -40.02 -28.09 -0.39
CA LYS H 152 -41.08 -27.18 -0.90
C LYS H 152 -40.75 -26.57 -2.26
N GLY H 153 -41.70 -26.67 -3.22
CA GLY H 153 -41.55 -25.98 -4.49
C GLY H 153 -40.72 -26.71 -5.52
N GLN H 154 -40.05 -27.78 -5.14
CA GLN H 154 -39.16 -28.45 -6.07
C GLN H 154 -39.30 -29.94 -5.89
N ASP H 155 -38.88 -30.66 -6.90
CA ASP H 155 -38.95 -32.10 -6.90
C ASP H 155 -37.75 -32.75 -6.22
N TYR H 156 -36.63 -32.03 -6.14
CA TYR H 156 -35.37 -32.61 -5.69
C TYR H 156 -34.96 -31.87 -4.45
N ILE H 157 -33.97 -32.41 -3.74
CA ILE H 157 -33.64 -31.87 -2.43
C ILE H 157 -32.92 -30.53 -2.55
N ALA H 158 -32.19 -30.35 -3.64
CA ALA H 158 -31.24 -29.25 -3.84
C ALA H 158 -31.55 -28.38 -5.06
N GLY H 159 -32.80 -28.30 -5.48
CA GLY H 159 -33.09 -27.55 -6.71
C GLY H 159 -33.99 -28.38 -7.57
N ASN H 160 -33.82 -28.21 -8.88
CA ASN H 160 -34.80 -28.70 -9.85
C ASN H 160 -34.26 -29.86 -10.64
N GLN H 161 -33.24 -30.54 -10.12
CA GLN H 161 -32.49 -31.55 -10.88
C GLN H 161 -31.86 -32.52 -9.92
N LEU H 162 -31.75 -33.78 -10.35
CA LEU H 162 -31.19 -34.86 -9.57
C LEU H 162 -29.75 -34.48 -9.26
N THR H 163 -29.33 -34.58 -7.99
CA THR H 163 -27.94 -34.29 -7.65
C THR H 163 -27.42 -35.30 -6.64
N ILE H 164 -26.11 -35.27 -6.37
CA ILE H 164 -25.59 -36.09 -5.30
C ILE H 164 -26.22 -35.82 -3.93
N ALA H 165 -26.82 -34.64 -3.72
CA ALA H 165 -27.52 -34.38 -2.47
C ALA H 165 -28.75 -35.28 -2.30
N ASP H 166 -29.41 -35.62 -3.40
CA ASP H 166 -30.56 -36.55 -3.34
C ASP H 166 -30.12 -37.92 -2.92
N PHE H 167 -28.98 -38.34 -3.41
CA PHE H 167 -28.48 -39.68 -3.12
C PHE H 167 -28.05 -39.79 -1.65
N SER H 168 -27.35 -38.76 -1.19
CA SER H 168 -26.92 -38.73 0.19
C SER H 168 -28.17 -38.73 1.10
N LEU H 169 -29.15 -37.88 0.82
CA LEU H 169 -30.22 -37.68 1.81
C LEU H 169 -31.24 -38.79 1.74
N VAL H 170 -31.44 -39.35 0.56
CA VAL H 170 -32.42 -40.43 0.44
C VAL H 170 -31.84 -41.66 1.08
N SER H 171 -30.53 -41.86 0.99
CA SER H 171 -29.91 -43.04 1.62
C SER H 171 -30.21 -43.06 3.12
N SER H 172 -30.11 -41.91 3.74
CA SER H 172 -30.31 -41.80 5.18
C SER H 172 -31.79 -41.59 5.56
N VAL H 173 -32.48 -40.67 4.87
CA VAL H 173 -33.86 -40.33 5.20
C VAL H 173 -34.74 -41.55 5.05
N ALA H 174 -34.57 -42.33 3.98
CA ALA H 174 -35.34 -43.55 3.80
C ALA H 174 -35.03 -44.51 4.94
N SER H 175 -33.79 -44.51 5.41
CA SER H 175 -33.38 -45.39 6.51
C SER H 175 -34.06 -45.10 7.83
N LEU H 176 -34.58 -43.86 8.01
CA LEU H 176 -35.08 -43.42 9.32
C LEU H 176 -36.37 -44.16 9.74
N GLU H 177 -37.01 -44.81 8.77
CA GLU H 177 -38.14 -45.69 9.00
C GLU H 177 -37.78 -46.77 10.02
N ALA H 178 -36.52 -47.15 10.01
CA ALA H 178 -35.98 -48.03 11.02
C ALA H 178 -36.39 -47.65 12.42
N PHE H 179 -36.53 -46.35 12.66
CA PHE H 179 -36.74 -45.76 14.00
C PHE H 179 -38.09 -45.09 14.21
N VAL H 180 -38.61 -44.46 13.15
CA VAL H 180 -39.87 -43.74 13.18
C VAL H 180 -40.53 -43.86 11.80
N ALA H 181 -41.63 -44.59 11.73
CA ALA H 181 -42.35 -44.74 10.46
C ALA H 181 -42.70 -43.38 9.86
N LEU H 182 -42.54 -43.25 8.55
CA LEU H 182 -42.86 -42.02 7.86
C LEU H 182 -44.37 -41.82 7.64
N ASP H 183 -44.94 -40.78 8.27
CA ASP H 183 -46.35 -40.41 8.06
C ASP H 183 -46.48 -39.56 6.80
N THR H 184 -47.08 -40.14 5.77
CA THR H 184 -47.11 -39.56 4.43
C THR H 184 -48.16 -38.49 4.24
N THR H 185 -49.02 -38.34 5.25
CA THR H 185 -49.99 -37.24 5.27
C THR H 185 -49.34 -36.01 5.92
N LYS H 186 -48.59 -36.24 7.00
CA LYS H 186 -47.74 -35.20 7.60
C LYS H 186 -46.54 -34.82 6.72
N TYR H 187 -45.96 -35.79 6.00
CA TYR H 187 -44.76 -35.56 5.16
C TYR H 187 -44.96 -36.10 3.74
N PRO H 188 -45.80 -35.42 2.97
CA PRO H 188 -46.11 -35.85 1.63
C PRO H 188 -44.98 -35.53 0.61
N ARG H 189 -44.23 -34.44 0.81
CA ARG H 189 -43.12 -34.14 -0.10
C ARG H 189 -42.03 -35.17 0.05
N ILE H 190 -41.67 -35.48 1.29
CA ILE H 190 -40.72 -36.54 1.54
C ILE H 190 -41.17 -37.81 0.86
N GLY H 191 -42.46 -38.13 0.96
CA GLY H 191 -43.01 -39.35 0.35
C GLY H 191 -42.93 -39.40 -1.17
N ALA H 192 -43.29 -38.31 -1.81
CA ALA H 192 -43.23 -38.21 -3.28
C ALA H 192 -41.80 -38.16 -3.82
N TRP H 193 -40.88 -37.64 -3.02
CA TRP H 193 -39.43 -37.60 -3.32
C TRP H 193 -38.81 -38.99 -3.30
N ILE H 194 -38.96 -39.76 -2.22
CA ILE H 194 -38.53 -41.20 -2.23
C ILE H 194 -39.16 -42.00 -3.38
N LYS H 195 -40.49 -41.85 -3.51
CA LYS H 195 -41.23 -42.44 -4.61
C LYS H 195 -40.59 -42.06 -5.94
N LYS H 196 -40.24 -40.79 -6.11
CA LYS H 196 -39.66 -40.33 -7.39
C LYS H 196 -38.23 -40.87 -7.65
N LEU H 197 -37.46 -41.05 -6.58
CA LEU H 197 -36.10 -41.64 -6.67
C LEU H 197 -36.10 -43.18 -6.88
N GLU H 198 -37.02 -43.87 -6.23
CA GLU H 198 -37.35 -45.25 -6.55
C GLU H 198 -37.60 -45.57 -8.05
N GLN H 199 -37.96 -44.58 -8.86
CA GLN H 199 -38.08 -44.83 -10.32
C GLN H 199 -36.75 -45.00 -11.02
N LEU H 200 -35.68 -44.46 -10.45
CA LEU H 200 -34.38 -44.64 -11.04
C LEU H 200 -34.12 -46.15 -11.14
N PRO H 201 -33.71 -46.61 -12.33
CA PRO H 201 -33.55 -48.05 -12.56
C PRO H 201 -32.53 -48.80 -11.65
N TYR H 202 -31.55 -48.06 -11.11
CA TYR H 202 -30.50 -48.60 -10.23
C TYR H 202 -30.88 -48.50 -8.73
N TYR H 203 -31.98 -47.83 -8.41
CA TYR H 203 -32.28 -47.54 -6.99
C TYR H 203 -32.50 -48.78 -6.11
N GLU H 204 -33.14 -49.81 -6.65
CA GLU H 204 -33.47 -50.99 -5.85
C GLU H 204 -32.22 -51.70 -5.38
N GLU H 205 -31.23 -51.84 -6.25
CA GLU H 205 -29.97 -52.46 -5.89
C GLU H 205 -29.13 -51.57 -4.98
N ALA H 206 -29.07 -50.28 -5.31
CA ALA H 206 -28.18 -49.35 -4.61
C ALA H 206 -28.72 -48.95 -3.24
N ASN H 207 -30.01 -48.61 -3.20
CA ASN H 207 -30.64 -48.09 -1.97
C ASN H 207 -31.80 -48.93 -1.41
N GLY H 208 -32.75 -49.32 -2.27
CA GLY H 208 -33.97 -50.01 -1.85
C GLY H 208 -33.74 -51.16 -0.93
N LYS H 209 -32.88 -52.08 -1.36
CA LYS H 209 -32.67 -53.33 -0.61
C LYS H 209 -32.05 -53.07 0.75
N GLY H 210 -31.10 -52.17 0.78
CA GLY H 210 -30.35 -51.98 2.00
C GLY H 210 -31.17 -51.23 3.04
N VAL H 211 -32.10 -50.39 2.58
CA VAL H 211 -33.00 -49.71 3.51
C VAL H 211 -33.87 -50.75 4.25
N ARG H 212 -34.45 -51.69 3.51
CA ARG H 212 -35.25 -52.78 4.08
C ARG H 212 -34.46 -53.68 4.97
N GLN H 213 -33.25 -54.00 4.55
CA GLN H 213 -32.32 -54.74 5.42
C GLN H 213 -32.08 -54.04 6.76
N LEU H 214 -31.80 -52.72 6.73
CA LEU H 214 -31.53 -51.96 7.96
C LEU H 214 -32.80 -51.84 8.81
N VAL H 215 -33.93 -51.55 8.16
CA VAL H 215 -35.22 -51.57 8.84
C VAL H 215 -35.32 -52.86 9.62
N ALA H 216 -35.05 -53.99 8.96
CA ALA H 216 -35.24 -55.30 9.56
C ALA H 216 -34.29 -55.58 10.71
N ILE H 217 -33.02 -55.19 10.57
CA ILE H 217 -32.05 -55.29 11.69
C ILE H 217 -32.58 -54.65 12.98
N PHE H 218 -33.19 -53.47 12.85
CA PHE H 218 -33.73 -52.72 13.98
C PHE H 218 -35.06 -53.24 14.50
N LYS H 219 -35.97 -53.67 13.63
CA LYS H 219 -37.14 -54.45 14.10
C LYS H 219 -36.64 -55.61 14.98
N LYS H 220 -35.77 -56.44 14.42
CA LYS H 220 -35.15 -57.59 15.12
C LYS H 220 -34.87 -57.34 16.59
N THR H 221 -34.65 -56.07 16.94
CA THR H 221 -34.23 -55.72 18.28
C THR H 221 -35.32 -55.19 19.25
N ASN H 222 -36.53 -54.95 18.77
CA ASN H 222 -37.60 -54.47 19.65
C ASN H 222 -37.20 -53.35 20.59
N PHE H 223 -36.31 -52.47 20.15
CA PHE H 223 -36.02 -51.20 20.83
C PHE H 223 -37.27 -50.29 20.99
N THR H 224 -37.30 -49.46 22.04
CA THR H 224 -38.36 -48.45 22.26
C THR H 224 -37.78 -47.10 22.69
N PHE H 225 -38.61 -46.05 22.57
CA PHE H 225 -38.24 -44.68 22.98
C PHE H 225 -38.66 -44.22 24.39
N GLU H 226 -38.31 -42.99 24.77
CA GLU H 226 -38.45 -42.44 26.12
C GLU H 226 -37.18 -42.66 26.94
N1 GSH I . -4.25 23.44 20.64
CA1 GSH I . -3.47 24.27 19.74
C1 GSH I . -2.13 24.41 20.38
O11 GSH I . -1.17 25.00 19.76
O12 GSH I . -2.04 23.89 21.52
CB1 GSH I . -4.29 25.57 19.54
CG1 GSH I . -3.77 26.67 18.61
CD1 GSH I . -4.78 27.82 18.48
OE1 GSH I . -5.95 27.62 18.16
N2 GSH I . -4.31 29.06 18.66
CA2 GSH I . -5.06 30.27 18.36
C2 GSH I . -4.82 30.77 16.95
O2 GSH I . -3.68 30.79 16.45
CB2 GSH I . -4.75 31.35 19.40
SG2 GSH I . -5.70 31.14 20.93
N3 GSH I . -5.88 31.18 16.26
CA3 GSH I . -5.81 31.76 14.90
C3 GSH I . -6.22 30.76 13.83
O31 GSH I . -6.28 31.11 12.64
O32 GSH I . -6.50 29.58 14.17
N1 GSH J . -10.30 12.54 22.16
CA1 GSH J . -10.68 11.46 23.08
C1 GSH J . -9.87 10.18 22.79
O11 GSH J . -9.93 9.19 23.60
O12 GSH J . -9.10 10.14 21.78
CB1 GSH J . -12.20 11.30 22.90
CG1 GSH J . -12.88 10.49 24.01
CD1 GSH J . -14.40 10.56 23.94
OE1 GSH J . -14.98 11.64 24.04
N2 GSH J . -15.06 9.42 23.74
CA2 GSH J . -16.50 9.34 23.71
C2 GSH J . -17.06 8.98 25.07
O2 GSH J . -16.47 8.18 25.82
CB2 GSH J . -16.91 8.33 22.63
SG2 GSH J . -16.91 9.03 20.97
N3 GSH J . -18.23 9.51 25.42
CA3 GSH J . -18.89 9.13 26.66
C3 GSH J . -18.68 10.19 27.72
O31 GSH J . -19.30 10.13 28.81
O32 GSH J . -17.87 11.12 27.48
N1 GSH K . -14.96 6.20 -32.25
CA1 GSH K . -15.54 7.45 -32.67
C1 GSH K . -14.50 8.47 -33.15
O11 GSH K . -14.85 9.60 -33.61
O12 GSH K . -13.30 8.16 -33.04
CB1 GSH K . -16.33 7.93 -31.47
CG1 GSH K . -17.28 9.11 -31.74
CD1 GSH K . -18.15 9.28 -30.49
OE1 GSH K . -18.88 8.35 -30.15
N2 GSH K . -18.08 10.45 -29.82
CA2 GSH K . -18.95 10.86 -28.72
C2 GSH K . -20.22 11.53 -29.24
O2 GSH K . -20.18 12.22 -30.26
CB2 GSH K . -18.26 11.82 -27.73
SG2 GSH K . -17.01 10.98 -26.66
N3 GSH K . -21.37 11.31 -28.50
CA3 GSH K . -22.66 11.88 -28.82
C3 GSH K . -23.60 11.05 -29.71
O31 GSH K . -24.70 11.54 -30.02
O32 GSH K . -23.23 9.95 -30.17
N1 GSH L . -13.29 -6.17 -34.98
CA1 GSH L . -12.33 -7.25 -34.97
C1 GSH L . -11.88 -7.53 -36.37
O11 GSH L . -10.98 -8.39 -36.56
O12 GSH L . -12.48 -6.92 -37.28
CB1 GSH L . -13.05 -8.46 -34.40
CG1 GSH L . -12.18 -9.62 -33.93
CD1 GSH L . -13.00 -10.48 -32.96
OE1 GSH L . -13.30 -9.98 -31.86
N2 GSH L . -13.26 -11.76 -33.36
CA2 GSH L . -13.88 -12.77 -32.52
C2 GSH L . -12.80 -13.51 -31.75
O2 GSH L . -11.73 -13.84 -32.26
CB2 GSH L . -14.80 -13.72 -33.34
SG2 GSH L . -16.36 -12.97 -34.03
N3 GSH L . -13.07 -13.82 -30.50
CA3 GSH L . -12.23 -14.69 -29.68
C3 GSH L . -11.45 -13.94 -28.61
O31 GSH L . -10.77 -14.61 -27.79
O32 GSH L . -11.55 -12.69 -28.57
N1 GSH M . 44.46 20.28 4.05
CA1 GSH M . 45.60 20.78 3.30
C1 GSH M . 46.87 20.62 4.12
O11 GSH M . 48.02 20.94 3.63
O12 GSH M . 46.68 20.15 5.28
CB1 GSH M . 45.40 22.28 2.97
CG1 GSH M . 46.49 22.85 2.04
CD1 GSH M . 46.01 24.11 1.42
OE1 GSH M . 44.92 24.07 0.88
N2 GSH M . 46.75 25.22 1.57
CA2 GSH M . 46.33 26.55 1.15
C2 GSH M . 47.05 26.88 -0.14
O2 GSH M . 48.23 26.56 -0.38
CB2 GSH M . 46.66 27.63 2.20
SG2 GSH M . 45.69 27.70 3.76
N3 GSH M . 46.35 27.56 -1.02
CA3 GSH M . 46.85 27.94 -2.31
C3 GSH M . 46.44 27.02 -3.42
O31 GSH M . 46.89 27.26 -4.59
O32 GSH M . 45.73 26.03 -3.17
N1 GSH N . 35.42 11.51 4.42
CA1 GSH N . 34.49 10.73 5.22
C1 GSH N . 34.99 9.32 5.27
O11 GSH N . 34.50 8.61 6.16
O12 GSH N . 35.86 8.92 4.41
CB1 GSH N . 33.06 10.75 4.64
CG1 GSH N . 32.00 10.43 5.65
CD1 GSH N . 30.68 10.98 5.21
OE1 GSH N . 30.54 12.22 5.16
N2 GSH N . 29.71 10.07 4.92
CA2 GSH N . 28.36 10.46 4.48
C2 GSH N . 27.48 10.48 5.71
O2 GSH N . 27.68 9.74 6.66
CB2 GSH N . 27.73 9.52 3.43
SG2 GSH N . 28.50 9.65 1.80
N3 GSH N . 26.50 11.35 5.77
CA3 GSH N . 25.60 11.42 6.92
C3 GSH N . 25.94 12.56 7.85
O31 GSH N . 25.17 12.75 8.82
O32 GSH N . 26.96 13.27 7.68
N1 GSH O . -22.46 -27.42 10.97
CA1 GSH O . -23.36 -26.26 10.77
C1 GSH O . -22.63 -25.16 10.06
O11 GSH O . -23.19 -24.11 9.68
O12 GSH O . -21.42 -25.36 9.90
CB1 GSH O . -23.78 -25.75 12.15
CG1 GSH O . -24.92 -24.72 12.24
CD1 GSH O . -25.41 -24.64 13.70
OE1 GSH O . -25.96 -25.58 14.23
N2 GSH O . -25.25 -23.48 14.31
CA2 GSH O . -25.73 -23.20 15.66
C2 GSH O . -27.12 -22.57 15.62
O2 GSH O . -27.41 -21.83 14.69
CB2 GSH O . -24.80 -22.21 16.35
SG2 GSH O . -23.27 -22.81 17.10
N3 GSH O . -27.98 -22.83 16.62
CA3 GSH O . -29.36 -22.33 16.65
C3 GSH O . -30.43 -23.28 16.08
O31 GSH O . -31.61 -22.89 16.17
O32 GSH O . -30.15 -24.40 15.57
N1 GSH P . -20.90 -39.37 7.60
CA1 GSH P . -19.94 -40.44 7.38
C1 GSH P . -19.80 -40.71 5.92
O11 GSH P . -18.92 -41.49 5.51
O12 GSH P . -20.57 -40.13 5.13
CB1 GSH P . -20.42 -41.67 8.17
CG1 GSH P . -19.43 -42.85 8.17
CD1 GSH P . -19.77 -43.74 9.34
OE1 GSH P . -19.74 -43.30 10.48
N2 GSH P . -20.06 -45.01 9.02
CA2 GSH P . -20.34 -46.06 9.98
C2 GSH P . -19.05 -46.77 10.45
O2 GSH P . -18.14 -47.04 9.68
CB2 GSH P . -21.33 -47.05 9.35
SG2 GSH P . -23.03 -46.53 9.20
N3 GSH P . -18.95 -47.11 11.72
CA3 GSH P . -17.90 -47.86 12.30
C3 GSH P . -16.90 -47.01 13.01
O31 GSH P . -15.91 -47.58 13.54
O32 GSH P . -17.10 -45.77 13.04
#